data_5IRZ
#
_entry.id   5IRZ
#
_cell.length_a   1
_cell.length_b   1
_cell.length_c   1
_cell.angle_alpha   90.00
_cell.angle_beta   90.00
_cell.angle_gamma   90.00
#
_symmetry.space_group_name_H-M   'P 1'
#
loop_
_entity.id
_entity.type
_entity.pdbx_description
1 polymer 'Transient receptor potential cation channel subfamily V member 1'
2 non-polymer (4R,7S)-4-hydroxy-N,N,N-trimethyl-4,9-dioxo-7-[(pentanoyloxy)methyl]-3,5,8-trioxa-4lambda~5~-phosphatetradecan-1-aminium
3 non-polymer '(2S)-1-{[(R)-hydroxy{[(1R,2R,3S,4S,5S,6S)-2,3,4,5,6-pentahydroxycyclohexyl]oxy}phosphoryl]oxy}-3-(pentanoyloxy)propan-2-yl decanoate'
4 non-polymer '(2S)-3-{[(S)-(2-aminoethoxy)(hydroxy)phosphoryl]oxy}-2-(hexanoyloxy)propyl hexanoate'
#
_entity_poly.entity_id   1
_entity_poly.type   'polypeptide(L)'
_entity_poly.pdbx_seq_one_letter_code
;AMGSRLYDRRSIFDAVAQSNCQELESLLPFLQRSKKRLTDSEFKDPETGKTCLLKAMLNLHNGQNDTIALLLDVARKTDS
LKQFVNASYTDSYYKGQTALHIAIERRNMTLVTLLVENGADVQAAANGDFFKKTKGRPGFYFGELPLSLAACTNQLAIVK
FLLQNSWQPADISARDSVGNTVLHALVEVADNTVDNTKFVTSMYNEILILGAKLHPTLKLEEITNRKGLTPLALAASSGK
IGVLAYILQREIHEPECRHLSRKFTEWAYGPVHSSLYDLSCIDTCEKNSVLEVIAYSSSETPNRHDMLLVEPLNRLLQDK
WDRFVKRIFYFNFFVYCLYMIIFTAAAYYRPVEGLPPYKLKNTVGDYFRVTGEILSVSGGVYFFFRGIQYFLQRRPSLKS
LFVDSYSEILFFVQSLFMLVSVVLYFSQRKEYVASMVFSLAMGWTNMLYYTRGFQQMGIYAVMIEKMILRDLCRFMFVYL
VFLFGFSTAVVTLIEDGKYNSLYSTCLELFKFTIGMGDLEFTENYDFKAVFIILLLAYVILTYILLLNMLIALMGETVNK
IAQESKNIWKLQRAITILDTEKSFLKCMRKAFRSGKLLQVGFTPDGKDDYRWCFRVDEVNWTTWNTNVGIINEDPG
;
_entity_poly.pdbx_strand_id   D,E,B,C
#
# COMPACT_ATOMS: atom_id res chain seq x y z
N THR A 230 22.59 -24.47 35.81
CA THR A 230 23.46 -23.33 36.08
C THR A 230 22.67 -22.04 36.10
N PRO A 231 23.08 -21.08 36.93
CA PRO A 231 22.38 -19.80 36.96
C PRO A 231 22.54 -18.98 35.70
N LEU A 232 23.57 -19.24 34.89
CA LEU A 232 23.68 -18.55 33.61
C LEU A 232 22.63 -19.04 32.64
N ALA A 233 22.50 -20.37 32.48
CA ALA A 233 21.51 -20.93 31.58
C ALA A 233 20.09 -20.71 32.08
N LEU A 234 19.90 -20.52 33.39
CA LEU A 234 18.59 -20.19 33.91
C LEU A 234 18.17 -18.78 33.47
N ALA A 235 19.14 -17.87 33.30
CA ALA A 235 18.81 -16.58 32.73
C ALA A 235 18.52 -16.69 31.24
N ALA A 236 19.18 -17.62 30.55
CA ALA A 236 18.93 -17.80 29.13
C ALA A 236 17.62 -18.53 28.88
N SER A 237 17.26 -19.47 29.74
CA SER A 237 16.05 -20.26 29.52
C SER A 237 14.80 -19.42 29.75
N SER A 238 14.80 -18.59 30.79
CA SER A 238 13.67 -17.71 31.02
C SER A 238 13.76 -16.44 30.18
N GLY A 239 14.89 -16.17 29.55
CA GLY A 239 14.99 -15.01 28.68
C GLY A 239 15.23 -13.70 29.40
N LYS A 240 15.97 -13.73 30.51
CA LYS A 240 16.32 -12.51 31.21
C LYS A 240 17.46 -11.84 30.45
N ILE A 241 17.10 -10.89 29.59
CA ILE A 241 18.10 -10.29 28.71
C ILE A 241 19.01 -9.33 29.44
N GLY A 242 18.57 -8.77 30.56
CA GLY A 242 19.40 -7.82 31.28
C GLY A 242 20.49 -8.53 32.04
N VAL A 243 20.14 -9.66 32.65
CA VAL A 243 21.11 -10.44 33.40
C VAL A 243 22.09 -11.12 32.45
N LEU A 244 21.60 -11.59 31.31
CA LEU A 244 22.46 -12.26 30.34
C LEU A 244 23.44 -11.30 29.69
N ALA A 245 23.03 -10.03 29.55
CA ALA A 245 23.98 -9.03 29.10
C ALA A 245 25.01 -8.72 30.18
N TYR A 246 24.61 -8.85 31.44
CA TYR A 246 25.51 -8.51 32.54
C TYR A 246 26.57 -9.58 32.75
N ILE A 247 26.21 -10.85 32.61
CA ILE A 247 27.15 -11.92 32.92
C ILE A 247 28.19 -12.06 31.82
N LEU A 248 27.75 -11.94 30.56
CA LEU A 248 28.67 -12.11 29.45
C LEU A 248 29.56 -10.90 29.21
N GLN A 249 29.35 -9.79 29.92
CA GLN A 249 30.08 -8.57 29.64
C GLN A 249 30.65 -7.93 30.90
N ARG A 250 30.93 -8.71 31.94
CA ARG A 250 31.43 -8.13 33.17
C ARG A 250 32.93 -7.91 33.07
N GLU A 251 33.39 -6.82 33.70
CA GLU A 251 34.81 -6.46 33.73
C GLU A 251 35.01 -5.45 34.85
N ILE A 252 36.04 -5.65 35.67
CA ILE A 252 36.36 -4.72 36.75
C ILE A 252 37.85 -4.82 37.05
N HIS A 253 38.43 -3.69 37.45
CA HIS A 253 39.85 -3.60 37.76
C HIS A 253 40.02 -3.76 39.26
N GLU A 254 40.48 -4.94 39.68
CA GLU A 254 40.64 -5.27 41.10
C GLU A 254 41.56 -6.48 41.18
N PRO A 255 42.34 -6.61 42.24
CA PRO A 255 43.03 -7.88 42.49
C PRO A 255 42.02 -8.98 42.83
N GLU A 256 42.32 -10.20 42.38
CA GLU A 256 41.46 -11.38 42.50
C GLU A 256 40.09 -11.15 41.85
N CYS A 257 40.08 -10.39 40.77
CA CYS A 257 38.88 -10.18 39.96
C CYS A 257 38.94 -10.88 38.62
N ARG A 258 40.15 -11.16 38.13
CA ARG A 258 40.30 -11.91 36.89
C ARG A 258 39.82 -13.35 37.00
N HIS A 259 39.74 -13.89 38.23
CA HIS A 259 39.06 -15.15 38.44
C HIS A 259 37.56 -15.05 38.22
N LEU A 260 36.98 -13.85 38.40
CA LEU A 260 35.54 -13.65 38.30
C LEU A 260 35.10 -12.94 37.04
N SER A 261 36.00 -12.23 36.36
CA SER A 261 35.59 -11.40 35.23
C SER A 261 35.41 -12.23 33.97
N ARG A 262 34.57 -11.73 33.07
CA ARG A 262 34.24 -12.39 31.82
C ARG A 262 34.89 -11.69 30.63
N LYS A 263 34.69 -10.38 30.50
CA LYS A 263 35.23 -9.61 29.39
C LYS A 263 36.63 -9.10 29.75
N PHE A 264 37.62 -9.52 28.99
CA PHE A 264 39.00 -9.11 29.22
C PHE A 264 39.43 -8.16 28.11
N THR A 265 40.15 -7.10 28.47
CA THR A 265 40.65 -6.13 27.50
C THR A 265 42.17 -6.26 27.46
N GLU A 266 42.69 -6.99 26.48
CA GLU A 266 44.11 -7.31 26.44
C GLU A 266 44.96 -6.18 25.87
N TRP A 267 44.75 -5.83 24.61
CA TRP A 267 45.61 -4.89 23.90
C TRP A 267 44.97 -3.52 23.90
N ALA A 268 45.59 -2.57 24.61
CA ALA A 268 45.15 -1.18 24.62
C ALA A 268 46.20 -0.37 23.87
N TYR A 269 46.06 -0.35 22.55
CA TYR A 269 46.90 0.45 21.66
C TYR A 269 46.25 1.81 21.48
N GLY A 270 46.65 2.55 20.44
CA GLY A 270 45.90 3.69 19.95
C GLY A 270 44.45 3.32 19.69
N PRO A 271 43.54 4.30 19.78
CA PRO A 271 42.21 4.11 20.41
C PRO A 271 41.38 2.87 20.09
N VAL A 272 41.69 2.13 19.03
CA VAL A 272 41.13 0.79 18.85
C VAL A 272 41.67 -0.12 19.94
N HIS A 273 40.78 -0.65 20.77
CA HIS A 273 41.14 -1.51 21.89
C HIS A 273 40.53 -2.89 21.70
N SER A 274 41.34 -3.92 21.91
CA SER A 274 40.87 -5.29 21.77
C SER A 274 40.00 -5.68 22.96
N SER A 275 39.35 -6.84 22.83
CA SER A 275 38.47 -7.34 23.87
C SER A 275 38.39 -8.86 23.76
N LEU A 276 38.45 -9.53 24.90
CA LEU A 276 38.43 -10.98 24.96
C LEU A 276 37.32 -11.43 25.90
N TYR A 277 36.47 -12.33 25.42
CA TYR A 277 35.33 -12.83 26.18
C TYR A 277 35.62 -14.26 26.63
N ASP A 278 35.39 -14.54 27.91
CA ASP A 278 35.95 -15.74 28.53
C ASP A 278 35.32 -17.03 28.00
N LEU A 279 34.03 -16.99 27.66
CA LEU A 279 33.39 -17.96 26.76
C LEU A 279 33.41 -19.39 27.34
N SER A 280 33.19 -19.50 28.64
CA SER A 280 33.41 -20.78 29.32
C SER A 280 32.28 -21.77 29.02
N CYS A 281 31.06 -21.43 29.41
CA CYS A 281 29.91 -22.30 29.17
C CYS A 281 29.00 -21.75 28.09
N ILE A 282 29.47 -20.80 27.29
CA ILE A 282 28.62 -20.19 26.27
C ILE A 282 28.40 -21.14 25.11
N ASP A 283 29.49 -21.55 24.45
CA ASP A 283 29.41 -22.34 23.23
C ASP A 283 29.58 -23.83 23.44
N THR A 284 30.61 -24.24 24.19
CA THR A 284 30.99 -25.65 24.26
C THR A 284 30.84 -26.22 25.66
N CYS A 285 29.73 -25.95 26.32
CA CYS A 285 29.51 -26.50 27.65
C CYS A 285 29.07 -27.96 27.56
N GLU A 286 28.93 -28.58 28.72
CA GLU A 286 28.51 -29.97 28.82
C GLU A 286 27.00 -30.01 29.09
N LYS A 287 26.24 -30.40 28.06
CA LYS A 287 24.82 -30.74 28.10
C LYS A 287 23.88 -29.56 28.40
N ASN A 288 24.43 -28.38 28.67
CA ASN A 288 23.63 -27.17 28.81
C ASN A 288 24.52 -26.00 28.40
N SER A 289 24.44 -25.61 27.13
CA SER A 289 25.22 -24.51 26.60
C SER A 289 24.30 -23.36 26.25
N VAL A 290 24.83 -22.14 26.35
CA VAL A 290 24.00 -20.95 26.27
C VAL A 290 23.45 -20.76 24.86
N LEU A 291 24.22 -21.16 23.85
CA LEU A 291 23.69 -21.16 22.49
C LEU A 291 22.61 -22.21 22.33
N GLU A 292 22.80 -23.38 22.93
CA GLU A 292 21.81 -24.46 22.80
C GLU A 292 20.56 -24.16 23.61
N VAL A 293 20.68 -23.40 24.70
CA VAL A 293 19.51 -23.08 25.51
C VAL A 293 18.65 -22.03 24.82
N ILE A 294 19.28 -21.02 24.21
CA ILE A 294 18.53 -19.97 23.52
C ILE A 294 17.86 -20.51 22.28
N ALA A 295 18.63 -21.19 21.43
CA ALA A 295 18.11 -21.60 20.12
C ALA A 295 17.11 -22.74 20.20
N TYR A 296 16.99 -23.42 21.33
CA TYR A 296 16.02 -24.49 21.48
C TYR A 296 14.89 -24.09 22.42
N SER A 297 14.55 -22.80 22.43
CA SER A 297 13.55 -22.30 23.36
C SER A 297 12.16 -22.75 22.92
N SER A 298 11.23 -22.69 23.88
CA SER A 298 9.87 -23.15 23.67
C SER A 298 8.95 -22.05 23.14
N SER A 299 9.51 -20.94 22.69
CA SER A 299 8.81 -19.77 22.13
C SER A 299 7.84 -19.10 23.10
N GLU A 300 7.90 -19.44 24.38
CA GLU A 300 7.09 -18.81 25.40
C GLU A 300 7.92 -17.96 26.34
N THR A 301 9.17 -17.71 25.99
CA THR A 301 10.10 -16.99 26.85
C THR A 301 9.85 -15.50 26.73
N PRO A 302 10.60 -14.68 27.48
CA PRO A 302 10.42 -13.22 27.40
C PRO A 302 10.84 -12.65 26.06
N ASN A 303 12.08 -12.89 25.66
CA ASN A 303 12.53 -12.47 24.33
C ASN A 303 13.58 -13.46 23.87
N ARG A 304 13.14 -14.50 23.15
CA ARG A 304 14.09 -15.46 22.63
C ARG A 304 14.82 -14.95 21.40
N HIS A 305 14.27 -13.94 20.75
CA HIS A 305 14.84 -13.45 19.50
C HIS A 305 15.86 -12.35 19.72
N ASP A 306 15.88 -11.75 20.90
CA ASP A 306 16.74 -10.62 21.16
C ASP A 306 18.01 -10.98 21.92
N MET A 307 18.07 -12.19 22.50
CA MET A 307 19.24 -12.58 23.27
C MET A 307 20.47 -12.81 22.41
N LEU A 308 20.30 -13.08 21.13
CA LEU A 308 21.43 -13.30 20.25
C LEU A 308 22.05 -12.01 19.75
N LEU A 309 21.59 -10.86 20.24
CA LEU A 309 22.19 -9.57 19.92
C LEU A 309 23.18 -9.10 20.96
N VAL A 310 23.40 -9.89 22.00
CA VAL A 310 24.40 -9.55 23.00
C VAL A 310 25.77 -9.82 22.42
N GLU A 311 26.68 -8.86 22.58
CA GLU A 311 27.97 -8.73 21.91
C GLU A 311 28.87 -9.97 21.80
N PRO A 312 28.92 -10.91 22.77
CA PRO A 312 29.66 -12.14 22.47
C PRO A 312 28.93 -13.06 21.52
N LEU A 313 27.60 -13.13 21.63
CA LEU A 313 26.86 -14.15 20.90
C LEU A 313 26.71 -13.80 19.43
N ASN A 314 26.61 -12.51 19.11
CA ASN A 314 26.29 -12.15 17.74
C ASN A 314 27.50 -12.30 16.84
N ARG A 315 28.68 -11.89 17.29
CA ARG A 315 29.87 -12.04 16.47
C ARG A 315 30.39 -13.47 16.43
N LEU A 316 30.05 -14.28 17.43
CA LEU A 316 30.48 -15.68 17.40
C LEU A 316 29.71 -16.47 16.36
N LEU A 317 28.39 -16.26 16.29
CA LEU A 317 27.60 -16.91 15.25
C LEU A 317 27.97 -16.40 13.88
N GLN A 318 28.39 -15.16 13.77
CA GLN A 318 28.97 -14.69 12.52
C GLN A 318 30.31 -15.35 12.26
N ASP A 319 31.07 -15.63 13.33
CA ASP A 319 32.36 -16.29 13.14
C ASP A 319 32.22 -17.75 12.79
N LYS A 320 31.27 -18.45 13.43
CA LYS A 320 31.04 -19.83 13.05
C LYS A 320 30.37 -19.96 11.70
N TRP A 321 29.76 -18.89 11.20
CA TRP A 321 29.17 -18.98 9.87
C TRP A 321 30.24 -18.88 8.79
N ASP A 322 30.95 -17.76 8.75
CA ASP A 322 31.85 -17.48 7.62
C ASP A 322 33.06 -18.39 7.61
N ARG A 323 33.40 -19.00 8.73
CA ARG A 323 34.58 -19.85 8.79
C ARG A 323 34.26 -21.32 8.58
N PHE A 324 33.16 -21.80 9.14
CA PHE A 324 32.93 -23.23 9.24
C PHE A 324 31.69 -23.71 8.51
N VAL A 325 30.53 -23.09 8.75
CA VAL A 325 29.26 -23.71 8.34
C VAL A 325 28.75 -23.19 7.00
N LYS A 326 29.32 -22.09 6.48
CA LYS A 326 28.86 -21.52 5.22
C LYS A 326 29.14 -22.47 4.06
N ARG A 327 30.26 -23.17 4.11
CA ARG A 327 30.57 -24.13 3.05
C ARG A 327 29.70 -25.37 3.15
N ILE A 328 29.44 -25.84 4.37
CA ILE A 328 28.69 -27.07 4.52
C ILE A 328 27.19 -26.82 4.42
N PHE A 329 26.75 -25.56 4.54
CA PHE A 329 25.35 -25.28 4.28
C PHE A 329 25.06 -25.24 2.80
N TYR A 330 25.93 -24.61 2.01
CA TYR A 330 25.73 -24.50 0.58
C TYR A 330 25.82 -25.85 -0.11
N PHE A 331 26.59 -26.78 0.45
CA PHE A 331 26.59 -28.12 -0.10
C PHE A 331 25.28 -28.84 0.19
N ASN A 332 24.66 -28.57 1.34
CA ASN A 332 23.37 -29.19 1.61
C ASN A 332 22.28 -28.61 0.72
N PHE A 333 22.38 -27.34 0.38
CA PHE A 333 21.45 -26.77 -0.59
C PHE A 333 21.76 -27.25 -2.00
N PHE A 334 23.02 -27.57 -2.29
CA PHE A 334 23.34 -28.11 -3.61
C PHE A 334 22.89 -29.54 -3.76
N VAL A 335 22.89 -30.32 -2.68
CA VAL A 335 22.35 -31.68 -2.76
C VAL A 335 20.84 -31.64 -2.93
N TYR A 336 20.16 -30.81 -2.14
CA TYR A 336 18.70 -30.77 -2.18
C TYR A 336 18.20 -30.16 -3.47
N CYS A 337 18.95 -29.24 -4.06
CA CYS A 337 18.58 -28.75 -5.38
C CYS A 337 18.81 -29.82 -6.44
N LEU A 338 19.86 -30.62 -6.29
CA LEU A 338 20.00 -31.79 -7.15
C LEU A 338 19.16 -32.96 -6.71
N TYR A 339 18.47 -32.85 -5.59
CA TYR A 339 17.50 -33.89 -5.26
C TYR A 339 16.18 -33.66 -5.98
N MET A 340 15.72 -32.41 -5.99
CA MET A 340 14.43 -32.14 -6.60
C MET A 340 14.49 -32.13 -8.12
N ILE A 341 15.67 -31.96 -8.71
CA ILE A 341 15.77 -32.11 -10.15
C ILE A 341 15.64 -33.57 -10.54
N ILE A 342 16.26 -34.47 -9.78
CA ILE A 342 16.14 -35.90 -10.04
C ILE A 342 14.72 -36.36 -9.78
N PHE A 343 14.11 -35.88 -8.71
CA PHE A 343 12.76 -36.32 -8.38
C PHE A 343 11.71 -35.72 -9.30
N THR A 344 11.97 -34.55 -9.88
CA THR A 344 11.07 -34.04 -10.90
C THR A 344 11.15 -34.85 -12.17
N ALA A 345 12.36 -35.04 -12.69
CA ALA A 345 12.55 -35.75 -13.94
C ALA A 345 12.23 -37.24 -13.84
N ALA A 346 12.24 -37.80 -12.64
CA ALA A 346 11.76 -39.17 -12.48
C ALA A 346 10.25 -39.24 -12.44
N ALA A 347 9.59 -38.12 -12.14
CA ALA A 347 8.13 -38.07 -12.14
C ALA A 347 7.56 -37.52 -13.43
N TYR A 348 8.30 -36.62 -14.09
CA TYR A 348 7.86 -36.07 -15.37
C TYR A 348 7.76 -37.14 -16.43
N TYR A 349 8.69 -38.10 -16.42
CA TYR A 349 8.69 -39.19 -17.39
C TYR A 349 8.15 -40.47 -16.79
N ARG A 350 7.11 -40.37 -15.96
CA ARG A 350 6.50 -41.55 -15.40
C ARG A 350 5.79 -42.33 -16.50
N PRO A 351 5.73 -43.66 -16.40
CA PRO A 351 5.02 -44.44 -17.41
C PRO A 351 3.52 -44.19 -17.34
N VAL A 352 2.88 -44.20 -18.50
CA VAL A 352 1.52 -43.72 -18.63
C VAL A 352 0.50 -44.86 -18.66
N GLU A 353 0.91 -46.08 -18.99
CA GLU A 353 -0.01 -47.20 -19.05
C GLU A 353 -0.47 -47.59 -17.65
N GLY A 354 -1.56 -48.37 -17.60
CA GLY A 354 -2.18 -48.71 -16.34
C GLY A 354 -1.42 -49.79 -15.58
N LEU A 355 -2.02 -50.18 -14.44
CA LEU A 355 -1.58 -51.25 -13.55
C LEU A 355 -0.13 -51.12 -13.08
N PRO A 356 0.16 -50.25 -12.11
CA PRO A 356 1.48 -50.26 -11.51
C PRO A 356 1.70 -51.54 -10.74
N PRO A 357 2.96 -51.96 -10.56
CA PRO A 357 4.24 -51.42 -11.05
C PRO A 357 4.51 -51.78 -12.51
N TYR A 358 5.73 -51.53 -12.97
CA TYR A 358 6.01 -51.55 -14.39
C TYR A 358 7.32 -52.26 -14.67
N LYS A 359 7.27 -53.26 -15.55
CA LYS A 359 8.48 -53.98 -15.92
C LYS A 359 9.35 -53.09 -16.80
N LEU A 360 10.51 -52.71 -16.27
CA LEU A 360 11.40 -51.81 -17.00
C LEU A 360 12.03 -52.52 -18.19
N LYS A 361 11.97 -51.89 -19.35
CA LYS A 361 12.54 -52.46 -20.55
C LYS A 361 14.06 -52.32 -20.54
N ASN A 362 14.70 -52.88 -21.57
CA ASN A 362 16.14 -52.80 -21.71
C ASN A 362 16.61 -51.55 -22.43
N THR A 363 15.74 -50.56 -22.59
CA THR A 363 16.07 -49.36 -23.34
C THR A 363 17.01 -48.46 -22.54
N VAL A 364 17.51 -47.42 -23.19
CA VAL A 364 18.39 -46.48 -22.52
C VAL A 364 17.61 -45.52 -21.63
N GLY A 365 16.34 -45.27 -21.94
CA GLY A 365 15.52 -44.45 -21.07
C GLY A 365 15.20 -45.16 -19.77
N ASP A 366 14.89 -46.44 -19.84
CA ASP A 366 14.90 -47.25 -18.64
C ASP A 366 16.34 -47.50 -18.21
N TYR A 367 16.49 -48.02 -16.97
CA TYR A 367 17.72 -48.10 -16.21
C TYR A 367 18.38 -46.74 -15.99
N PHE A 368 17.66 -45.66 -16.23
CA PHE A 368 18.15 -44.29 -16.12
C PHE A 368 17.16 -43.37 -15.44
N ARG A 369 15.86 -43.68 -15.45
CA ARG A 369 14.92 -43.03 -14.57
C ARG A 369 14.49 -43.94 -13.42
N VAL A 370 14.67 -45.25 -13.55
CA VAL A 370 14.43 -46.12 -12.41
C VAL A 370 15.51 -45.91 -11.37
N THR A 371 16.73 -45.62 -11.82
CA THR A 371 17.75 -45.11 -10.91
C THR A 371 17.38 -43.73 -10.41
N GLY A 372 16.66 -42.96 -11.20
CA GLY A 372 16.15 -41.69 -10.72
C GLY A 372 15.06 -41.84 -9.68
N GLU A 373 14.27 -42.91 -9.78
CA GLU A 373 13.22 -43.14 -8.79
C GLU A 373 13.81 -43.59 -7.47
N ILE A 374 14.73 -44.56 -7.50
CA ILE A 374 15.24 -45.16 -6.29
C ILE A 374 16.13 -44.19 -5.52
N LEU A 375 16.69 -43.18 -6.19
CA LEU A 375 17.31 -42.10 -5.45
C LEU A 375 16.25 -41.19 -4.83
N SER A 376 15.15 -40.97 -5.54
CA SER A 376 14.13 -40.07 -5.03
C SER A 376 13.33 -40.69 -3.90
N VAL A 377 13.17 -42.02 -3.92
CA VAL A 377 12.54 -42.69 -2.78
C VAL A 377 13.47 -42.64 -1.58
N SER A 378 14.78 -42.82 -1.81
CA SER A 378 15.76 -42.80 -0.74
C SER A 378 15.86 -41.43 -0.09
N GLY A 379 15.59 -40.37 -0.83
CA GLY A 379 15.51 -39.05 -0.23
C GLY A 379 14.30 -38.92 0.68
N GLY A 380 13.19 -39.54 0.31
CA GLY A 380 12.04 -39.55 1.20
C GLY A 380 12.27 -40.41 2.42
N VAL A 381 13.09 -41.45 2.30
CA VAL A 381 13.46 -42.24 3.46
C VAL A 381 14.40 -41.42 4.35
N TYR A 382 15.29 -40.64 3.75
CA TYR A 382 16.27 -39.88 4.52
C TYR A 382 15.61 -38.79 5.34
N PHE A 383 14.70 -38.03 4.72
CA PHE A 383 13.99 -36.99 5.47
C PHE A 383 13.00 -37.57 6.46
N PHE A 384 12.63 -38.83 6.30
CA PHE A 384 11.77 -39.47 7.29
C PHE A 384 12.55 -39.79 8.56
N PHE A 385 13.69 -40.45 8.43
CA PHE A 385 14.49 -40.78 9.61
C PHE A 385 15.15 -39.56 10.20
N ARG A 386 15.46 -38.55 9.39
CA ARG A 386 15.98 -37.31 9.95
C ARG A 386 14.86 -36.52 10.62
N GLY A 387 13.62 -36.73 10.20
CA GLY A 387 12.49 -36.08 10.85
C GLY A 387 12.11 -36.74 12.16
N ILE A 388 12.35 -38.04 12.30
CA ILE A 388 12.07 -38.72 13.55
C ILE A 388 13.09 -38.29 14.61
N GLN A 389 14.38 -38.30 14.26
CA GLN A 389 15.41 -37.98 15.24
C GLN A 389 15.42 -36.51 15.61
N TYR A 390 14.71 -35.65 14.88
CA TYR A 390 14.38 -34.34 15.42
C TYR A 390 13.48 -34.49 16.64
N PHE A 391 12.38 -35.22 16.49
CA PHE A 391 11.42 -35.36 17.56
C PHE A 391 11.96 -36.20 18.71
N LEU A 392 12.84 -37.14 18.41
CA LEU A 392 13.43 -37.97 19.47
C LEU A 392 14.42 -37.20 20.33
N GLN A 393 14.90 -36.04 19.89
CA GLN A 393 15.85 -35.25 20.66
C GLN A 393 15.20 -34.07 21.38
N ARG A 394 14.56 -33.18 20.63
CA ARG A 394 14.09 -31.94 21.26
C ARG A 394 12.77 -32.13 21.99
N ARG A 395 11.88 -32.97 21.44
CA ARG A 395 10.54 -33.27 21.95
C ARG A 395 9.73 -32.00 22.18
N PRO A 396 9.22 -31.37 21.12
CA PRO A 396 8.48 -30.10 21.31
C PRO A 396 7.17 -30.24 22.07
N SER A 397 6.60 -31.45 22.13
CA SER A 397 5.47 -31.81 23.00
C SER A 397 4.21 -31.00 22.70
N LEU A 398 3.78 -31.08 21.45
CA LEU A 398 2.45 -30.74 20.94
C LEU A 398 2.07 -29.27 21.05
N LYS A 399 2.92 -28.40 21.59
CA LYS A 399 2.67 -26.96 21.53
C LYS A 399 3.78 -26.22 20.79
N SER A 400 5.04 -26.50 21.13
CA SER A 400 6.15 -26.00 20.34
C SER A 400 6.26 -26.69 18.99
N LEU A 401 5.54 -27.79 18.80
CA LEU A 401 5.47 -28.45 17.50
C LEU A 401 4.83 -27.54 16.45
N PHE A 402 3.60 -27.10 16.70
CA PHE A 402 2.85 -26.33 15.72
C PHE A 402 3.11 -24.84 15.79
N VAL A 403 4.06 -24.39 16.62
CA VAL A 403 4.32 -22.96 16.81
C VAL A 403 5.76 -22.60 16.48
N ASP A 404 6.72 -23.39 16.93
CA ASP A 404 8.12 -23.01 16.79
C ASP A 404 8.90 -23.92 15.85
N SER A 405 8.26 -24.88 15.20
CA SER A 405 8.98 -25.84 14.38
C SER A 405 8.26 -26.08 13.06
N TYR A 406 7.90 -24.98 12.36
CA TYR A 406 7.21 -25.12 11.09
C TYR A 406 8.06 -25.76 10.02
N SER A 407 9.38 -25.54 10.06
CA SER A 407 10.24 -26.02 8.99
C SER A 407 10.42 -27.52 9.01
N GLU A 408 10.58 -28.12 10.19
CA GLU A 408 10.88 -29.54 10.27
C GLU A 408 9.65 -30.39 10.03
N ILE A 409 8.46 -29.84 10.27
CA ILE A 409 7.23 -30.55 9.90
C ILE A 409 7.11 -30.65 8.39
N LEU A 410 7.42 -29.55 7.68
CA LEU A 410 7.23 -29.54 6.24
C LEU A 410 8.24 -30.40 5.51
N PHE A 411 9.44 -30.58 6.05
CA PHE A 411 10.31 -31.64 5.53
C PHE A 411 9.76 -33.02 5.85
N PHE A 412 9.05 -33.16 6.97
CA PHE A 412 8.57 -34.47 7.36
C PHE A 412 7.33 -34.86 6.56
N VAL A 413 6.41 -33.92 6.37
CA VAL A 413 5.18 -34.20 5.63
C VAL A 413 5.49 -34.43 4.16
N GLN A 414 6.51 -33.76 3.62
CA GLN A 414 7.01 -34.08 2.29
C GLN A 414 7.48 -35.52 2.18
N SER A 415 8.29 -35.95 3.14
CA SER A 415 8.72 -37.34 3.15
C SER A 415 7.59 -38.29 3.47
N LEU A 416 6.55 -37.82 4.15
CA LEU A 416 5.42 -38.68 4.46
C LEU A 416 4.59 -38.98 3.22
N PHE A 417 4.39 -37.98 2.35
CA PHE A 417 3.71 -38.25 1.08
C PHE A 417 4.52 -39.15 0.17
N MET A 418 5.85 -39.03 0.22
CA MET A 418 6.69 -39.84 -0.66
C MET A 418 6.63 -41.31 -0.29
N LEU A 419 6.56 -41.60 1.01
CA LEU A 419 6.49 -42.99 1.45
C LEU A 419 5.11 -43.60 1.24
N VAL A 420 4.05 -42.79 1.40
CA VAL A 420 2.70 -43.25 1.05
C VAL A 420 2.61 -43.52 -0.44
N SER A 421 3.28 -42.72 -1.25
CA SER A 421 3.29 -42.94 -2.69
C SER A 421 4.09 -44.17 -3.10
N VAL A 422 4.91 -44.73 -2.21
CA VAL A 422 5.56 -46.01 -2.49
C VAL A 422 4.64 -47.16 -2.12
N VAL A 423 3.94 -47.03 -0.99
CA VAL A 423 3.01 -48.07 -0.54
C VAL A 423 1.86 -48.23 -1.52
N LEU A 424 1.33 -47.12 -2.04
CA LEU A 424 0.30 -47.20 -3.06
C LEU A 424 0.86 -47.66 -4.41
N TYR A 425 2.16 -47.55 -4.62
CA TYR A 425 2.72 -47.96 -5.90
C TYR A 425 2.79 -49.48 -6.02
N PHE A 426 3.28 -50.14 -4.98
CA PHE A 426 3.38 -51.59 -5.03
C PHE A 426 2.10 -52.30 -4.63
N SER A 427 1.09 -51.57 -4.16
CA SER A 427 -0.22 -52.17 -3.93
C SER A 427 -1.11 -52.05 -5.16
N GLN A 428 -0.53 -51.78 -6.33
CA GLN A 428 -1.18 -51.87 -7.63
C GLN A 428 -2.36 -50.91 -7.77
N ARG A 429 -2.23 -49.71 -7.22
CA ARG A 429 -3.27 -48.70 -7.32
C ARG A 429 -2.71 -47.46 -8.00
N LYS A 430 -3.51 -46.87 -8.89
CA LYS A 430 -3.05 -45.72 -9.65
C LYS A 430 -3.02 -44.45 -8.80
N GLU A 431 -3.62 -44.46 -7.63
CA GLU A 431 -3.64 -43.28 -6.78
C GLU A 431 -2.30 -42.97 -6.14
N TYR A 432 -1.19 -43.62 -6.48
CA TYR A 432 0.11 -43.21 -5.96
C TYR A 432 0.52 -41.87 -6.53
N VAL A 433 0.04 -41.54 -7.73
CA VAL A 433 0.42 -40.30 -8.39
C VAL A 433 -0.24 -39.10 -7.72
N ALA A 434 -1.27 -39.32 -6.91
CA ALA A 434 -1.78 -38.25 -6.07
C ALA A 434 -0.74 -37.87 -5.01
N SER A 435 -0.26 -38.86 -4.26
CA SER A 435 0.65 -38.58 -3.16
C SER A 435 2.05 -38.24 -3.66
N MET A 436 2.40 -38.66 -4.87
CA MET A 436 3.67 -38.24 -5.45
C MET A 436 3.65 -36.75 -5.76
N VAL A 437 2.53 -36.25 -6.28
CA VAL A 437 2.42 -34.84 -6.64
C VAL A 437 2.46 -33.95 -5.41
N PHE A 438 1.73 -34.32 -4.36
CA PHE A 438 1.84 -33.57 -3.12
C PHE A 438 3.20 -33.73 -2.46
N SER A 439 3.94 -34.78 -2.78
CA SER A 439 5.32 -34.85 -2.35
C SER A 439 6.25 -34.02 -3.23
N LEU A 440 5.80 -33.65 -4.42
CA LEU A 440 6.59 -32.85 -5.34
C LEU A 440 6.23 -31.38 -5.28
N ALA A 441 4.96 -31.06 -5.07
CA ALA A 441 4.56 -29.69 -4.86
C ALA A 441 5.09 -29.17 -3.53
N MET A 442 5.12 -30.02 -2.51
CA MET A 442 5.67 -29.61 -1.22
C MET A 442 7.16 -29.43 -1.30
N GLY A 443 7.84 -30.26 -2.09
CA GLY A 443 9.28 -30.28 -2.08
C GLY A 443 9.92 -29.05 -2.68
N TRP A 444 9.27 -28.44 -3.66
CA TRP A 444 9.80 -27.19 -4.18
C TRP A 444 9.48 -26.01 -3.29
N THR A 445 8.33 -26.02 -2.62
CA THR A 445 8.05 -24.98 -1.65
C THR A 445 8.94 -25.09 -0.42
N ASN A 446 9.47 -26.27 -0.14
CA ASN A 446 10.45 -26.44 0.92
C ASN A 446 11.82 -25.93 0.57
N MET A 447 12.04 -25.53 -0.68
CA MET A 447 13.33 -24.97 -1.07
C MET A 447 13.48 -23.54 -0.56
N LEU A 448 12.41 -22.94 -0.04
CA LEU A 448 12.52 -21.66 0.66
C LEU A 448 13.17 -21.80 2.03
N TYR A 449 13.34 -23.04 2.52
CA TYR A 449 14.11 -23.23 3.75
C TYR A 449 15.54 -22.75 3.60
N TYR A 450 16.12 -22.94 2.43
CA TYR A 450 17.51 -22.59 2.24
C TYR A 450 17.72 -21.13 1.91
N THR A 451 16.68 -20.31 1.95
CA THR A 451 16.86 -18.87 1.80
C THR A 451 17.55 -18.26 3.00
N ARG A 452 17.49 -18.89 4.16
CA ARG A 452 18.36 -18.51 5.25
C ARG A 452 19.80 -18.83 4.86
N GLY A 453 20.73 -18.07 5.42
CA GLY A 453 22.06 -18.07 4.88
C GLY A 453 22.23 -17.12 3.71
N PHE A 454 21.18 -16.43 3.33
CA PHE A 454 21.24 -15.31 2.41
C PHE A 454 20.41 -14.21 3.04
N GLN A 455 21.08 -13.11 3.42
CA GLN A 455 20.51 -12.18 4.38
C GLN A 455 19.30 -11.44 3.82
N GLN A 456 19.40 -10.96 2.58
CA GLN A 456 18.26 -10.28 1.99
C GLN A 456 17.15 -11.24 1.63
N MET A 457 17.48 -12.49 1.32
CA MET A 457 16.46 -13.46 1.02
C MET A 457 15.88 -14.09 2.29
N GLY A 458 16.72 -14.27 3.30
CA GLY A 458 16.25 -14.94 4.51
C GLY A 458 15.29 -14.09 5.32
N ILE A 459 15.51 -12.78 5.37
CA ILE A 459 14.56 -11.90 6.03
C ILE A 459 13.29 -11.81 5.22
N TYR A 460 13.39 -11.96 3.90
CA TYR A 460 12.21 -11.99 3.06
C TYR A 460 11.35 -13.22 3.31
N ALA A 461 11.97 -14.38 3.49
CA ALA A 461 11.18 -15.58 3.73
C ALA A 461 10.63 -15.66 5.15
N VAL A 462 11.20 -14.89 6.09
CA VAL A 462 10.57 -14.77 7.39
C VAL A 462 9.29 -13.97 7.28
N MET A 463 9.30 -12.94 6.42
CA MET A 463 8.10 -12.14 6.25
C MET A 463 6.98 -12.91 5.56
N ILE A 464 7.32 -13.90 4.73
CA ILE A 464 6.29 -14.74 4.13
C ILE A 464 5.62 -15.59 5.20
N GLU A 465 6.39 -16.04 6.19
CA GLU A 465 5.82 -16.73 7.34
C GLU A 465 4.89 -15.83 8.14
N LYS A 466 5.21 -14.55 8.25
CA LYS A 466 4.36 -13.67 9.03
C LYS A 466 3.07 -13.32 8.29
N MET A 467 3.10 -13.30 6.97
CA MET A 467 1.88 -12.98 6.24
C MET A 467 0.91 -14.15 6.25
N ILE A 468 1.42 -15.37 6.32
CA ILE A 468 0.54 -16.52 6.42
C ILE A 468 -0.11 -16.56 7.79
N LEU A 469 0.68 -16.38 8.84
CA LEU A 469 0.19 -16.61 10.19
C LEU A 469 -0.58 -15.43 10.75
N ARG A 470 -0.44 -14.24 10.17
CA ARG A 470 -1.13 -13.08 10.70
C ARG A 470 -2.09 -12.41 9.72
N ASP A 471 -2.00 -12.71 8.43
CA ASP A 471 -2.96 -12.14 7.49
C ASP A 471 -3.84 -13.18 6.84
N LEU A 472 -3.27 -14.27 6.30
CA LEU A 472 -4.14 -15.31 5.78
C LEU A 472 -4.78 -16.13 6.89
N CYS A 473 -4.29 -16.02 8.13
CA CYS A 473 -5.08 -16.52 9.24
C CYS A 473 -6.32 -15.68 9.44
N ARG A 474 -6.24 -14.39 9.12
CA ARG A 474 -7.35 -13.48 9.35
C ARG A 474 -8.12 -13.15 8.08
N PHE A 475 -7.50 -13.29 6.91
CA PHE A 475 -8.23 -13.07 5.66
C PHE A 475 -9.04 -14.31 5.28
N MET A 476 -8.41 -15.48 5.28
CA MET A 476 -9.07 -16.67 4.76
C MET A 476 -10.15 -17.18 5.68
N PHE A 477 -10.23 -16.70 6.92
CA PHE A 477 -11.44 -16.98 7.68
C PHE A 477 -12.59 -16.15 7.16
N VAL A 478 -12.39 -14.84 7.04
CA VAL A 478 -13.47 -13.94 6.67
C VAL A 478 -13.84 -14.12 5.21
N TYR A 479 -12.85 -14.39 4.36
CA TYR A 479 -13.11 -14.59 2.93
C TYR A 479 -13.95 -15.83 2.68
N LEU A 480 -13.65 -16.93 3.36
CA LEU A 480 -14.43 -18.13 3.16
C LEU A 480 -15.82 -18.04 3.79
N VAL A 481 -16.04 -17.11 4.71
CA VAL A 481 -17.40 -16.87 5.19
C VAL A 481 -18.23 -16.20 4.11
N PHE A 482 -17.69 -15.15 3.49
CA PHE A 482 -18.39 -14.51 2.39
C PHE A 482 -18.50 -15.42 1.17
N LEU A 483 -17.48 -16.25 0.93
CA LEU A 483 -17.50 -17.14 -0.22
C LEU A 483 -18.55 -18.22 -0.06
N PHE A 484 -18.45 -18.99 1.02
CA PHE A 484 -19.44 -20.02 1.28
C PHE A 484 -20.79 -19.43 1.63
N GLY A 485 -20.83 -18.20 2.10
CA GLY A 485 -22.11 -17.56 2.37
C GLY A 485 -22.89 -17.26 1.12
N PHE A 486 -22.29 -16.53 0.19
CA PHE A 486 -23.03 -16.15 -1.00
C PHE A 486 -23.17 -17.29 -2.00
N SER A 487 -22.25 -18.26 -2.00
CA SER A 487 -22.40 -19.39 -2.90
C SER A 487 -23.57 -20.27 -2.51
N THR A 488 -23.84 -20.41 -1.22
CA THR A 488 -25.07 -21.05 -0.80
C THR A 488 -26.28 -20.18 -1.07
N ALA A 489 -26.09 -18.88 -1.25
CA ALA A 489 -27.21 -18.03 -1.63
C ALA A 489 -27.44 -18.05 -3.14
N VAL A 490 -26.42 -18.40 -3.92
CA VAL A 490 -26.60 -18.45 -5.37
C VAL A 490 -27.19 -19.79 -5.80
N VAL A 491 -26.87 -20.88 -5.11
CA VAL A 491 -27.40 -22.20 -5.46
C VAL A 491 -28.92 -22.23 -5.30
N THR A 492 -29.41 -21.78 -4.14
CA THR A 492 -30.82 -21.88 -3.83
C THR A 492 -31.67 -20.99 -4.71
N LEU A 493 -31.07 -19.99 -5.36
CA LEU A 493 -31.76 -19.25 -6.40
C LEU A 493 -31.72 -19.96 -7.74
N ILE A 494 -30.62 -20.63 -8.07
CA ILE A 494 -30.51 -21.36 -9.33
C ILE A 494 -31.43 -22.57 -9.30
N GLU A 495 -32.31 -22.65 -10.29
CA GLU A 495 -33.32 -23.70 -10.30
C GLU A 495 -32.69 -25.05 -10.65
N ASP A 496 -32.15 -25.17 -11.87
CA ASP A 496 -31.52 -26.41 -12.30
C ASP A 496 -30.52 -26.07 -13.39
N GLY A 497 -29.64 -27.02 -13.70
CA GLY A 497 -28.66 -26.85 -14.74
C GLY A 497 -27.29 -27.34 -14.32
N LYS A 498 -26.26 -26.81 -14.98
CA LYS A 498 -24.90 -27.25 -14.74
C LYS A 498 -24.39 -26.75 -13.40
N TYR A 499 -24.70 -25.51 -13.05
CA TYR A 499 -24.20 -24.89 -11.82
C TYR A 499 -25.16 -25.09 -10.66
N ASN A 500 -25.96 -26.16 -10.67
CA ASN A 500 -26.92 -26.36 -9.60
C ASN A 500 -26.24 -26.88 -8.33
N SER A 501 -25.07 -27.48 -8.46
CA SER A 501 -24.42 -28.00 -7.27
C SER A 501 -23.73 -26.87 -6.51
N LEU A 502 -23.36 -27.17 -5.27
CA LEU A 502 -22.64 -26.18 -4.46
C LEU A 502 -21.21 -26.04 -4.93
N TYR A 503 -20.62 -27.12 -5.43
CA TYR A 503 -19.23 -27.07 -5.85
C TYR A 503 -19.05 -26.31 -7.15
N SER A 504 -19.99 -26.44 -8.08
CA SER A 504 -19.78 -25.86 -9.40
C SER A 504 -19.92 -24.35 -9.39
N THR A 505 -20.62 -23.79 -8.40
CA THR A 505 -20.72 -22.35 -8.32
C THR A 505 -19.81 -21.76 -7.25
N CYS A 506 -19.23 -22.57 -6.38
CA CYS A 506 -18.23 -22.05 -5.47
C CYS A 506 -16.93 -21.75 -6.20
N LEU A 507 -16.68 -22.45 -7.30
CA LEU A 507 -15.62 -22.03 -8.20
C LEU A 507 -15.97 -20.73 -8.89
N GLU A 508 -17.22 -20.59 -9.33
CA GLU A 508 -17.59 -19.42 -10.12
C GLU A 508 -17.61 -18.15 -9.31
N LEU A 509 -17.79 -18.25 -8.00
CA LEU A 509 -17.54 -17.10 -7.15
C LEU A 509 -16.09 -17.00 -6.72
N PHE A 510 -15.32 -18.06 -6.83
CA PHE A 510 -13.90 -17.91 -6.57
C PHE A 510 -13.19 -17.24 -7.73
N LYS A 511 -13.73 -17.35 -8.93
CA LYS A 511 -13.11 -16.74 -10.10
C LYS A 511 -13.17 -15.21 -10.09
N PHE A 512 -14.03 -14.62 -9.27
CA PHE A 512 -14.00 -13.16 -9.12
C PHE A 512 -12.77 -12.72 -8.38
N THR A 513 -12.27 -13.54 -7.46
CA THR A 513 -11.06 -13.19 -6.72
C THR A 513 -9.84 -13.25 -7.63
N ILE A 514 -9.81 -14.22 -8.55
CA ILE A 514 -8.70 -14.35 -9.48
C ILE A 514 -8.68 -13.18 -10.45
N GLY A 515 -9.82 -12.88 -11.05
CA GLY A 515 -9.88 -11.87 -12.08
C GLY A 515 -10.50 -12.45 -13.32
N MET A 516 -11.22 -13.55 -13.16
CA MET A 516 -11.92 -14.23 -14.22
C MET A 516 -13.39 -14.43 -13.87
N GLY A 517 -13.93 -13.51 -13.10
CA GLY A 517 -15.30 -13.64 -12.68
C GLY A 517 -16.28 -13.30 -13.78
N ASP A 518 -17.25 -14.18 -13.97
CA ASP A 518 -18.25 -14.04 -15.03
C ASP A 518 -19.55 -13.64 -14.36
N LEU A 519 -20.07 -12.46 -14.71
CA LEU A 519 -21.32 -12.02 -14.11
C LEU A 519 -22.51 -12.80 -14.65
N GLU A 520 -22.55 -13.03 -15.95
CA GLU A 520 -23.64 -13.81 -16.54
C GLU A 520 -23.19 -15.24 -16.79
N PHE A 521 -22.87 -15.95 -15.70
CA PHE A 521 -22.37 -17.30 -15.89
C PHE A 521 -23.49 -18.34 -15.99
N THR A 522 -24.73 -17.94 -15.74
CA THR A 522 -25.86 -18.84 -15.93
C THR A 522 -27.09 -18.00 -16.24
N GLU A 523 -28.05 -18.65 -16.88
CA GLU A 523 -29.31 -18.00 -17.23
C GLU A 523 -30.53 -18.77 -16.73
N ASN A 524 -30.38 -20.03 -16.35
CA ASN A 524 -31.51 -20.88 -15.99
C ASN A 524 -31.82 -20.73 -14.50
N TYR A 525 -32.61 -19.71 -14.22
CA TYR A 525 -33.13 -19.41 -12.89
C TYR A 525 -34.37 -18.55 -13.04
N ASP A 526 -34.79 -17.93 -11.95
CA ASP A 526 -35.77 -16.87 -11.98
C ASP A 526 -35.22 -15.69 -11.19
N PHE A 527 -35.83 -14.52 -11.39
CA PHE A 527 -35.54 -13.28 -10.68
C PHE A 527 -34.08 -12.84 -10.90
N LYS A 528 -33.82 -12.42 -12.14
CA LYS A 528 -32.51 -11.90 -12.53
C LYS A 528 -32.07 -10.71 -11.68
N ALA A 529 -33.01 -9.91 -11.21
CA ALA A 529 -32.66 -8.80 -10.32
C ALA A 529 -32.09 -9.29 -9.00
N VAL A 530 -32.56 -10.44 -8.52
CA VAL A 530 -31.99 -10.99 -7.30
C VAL A 530 -30.61 -11.57 -7.57
N PHE A 531 -30.43 -12.19 -8.73
CA PHE A 531 -29.20 -12.90 -9.01
C PHE A 531 -28.01 -11.97 -9.19
N ILE A 532 -28.25 -10.74 -9.62
CA ILE A 532 -27.12 -9.87 -9.87
C ILE A 532 -26.93 -8.85 -8.75
N ILE A 533 -27.92 -8.70 -7.85
CA ILE A 533 -27.64 -8.01 -6.59
C ILE A 533 -26.69 -8.84 -5.74
N LEU A 534 -26.87 -10.16 -5.74
CA LEU A 534 -25.97 -11.05 -4.99
C LEU A 534 -24.56 -11.02 -5.51
N LEU A 535 -24.36 -11.00 -6.82
CA LEU A 535 -23.03 -10.96 -7.36
C LEU A 535 -22.38 -9.61 -7.13
N LEU A 536 -23.14 -8.53 -7.30
CA LEU A 536 -22.62 -7.21 -6.99
C LEU A 536 -22.37 -7.06 -5.50
N ALA A 537 -23.22 -7.61 -4.64
CA ALA A 537 -22.91 -7.59 -3.22
C ALA A 537 -21.75 -8.52 -2.88
N TYR A 538 -21.43 -9.48 -3.74
CA TYR A 538 -20.21 -10.25 -3.55
C TYR A 538 -18.99 -9.44 -3.95
N VAL A 539 -19.02 -8.88 -5.16
CA VAL A 539 -17.86 -8.19 -5.73
C VAL A 539 -17.52 -6.94 -4.92
N ILE A 540 -18.53 -6.20 -4.46
CA ILE A 540 -18.27 -5.02 -3.64
C ILE A 540 -17.69 -5.43 -2.29
N LEU A 541 -18.20 -6.50 -1.70
CA LEU A 541 -17.75 -6.88 -0.37
C LEU A 541 -16.40 -7.58 -0.39
N THR A 542 -16.15 -8.45 -1.37
CA THR A 542 -14.98 -9.28 -1.22
C THR A 542 -13.90 -9.00 -2.25
N TYR A 543 -14.21 -8.23 -3.29
CA TYR A 543 -13.18 -7.97 -4.28
C TYR A 543 -12.64 -6.57 -4.19
N ILE A 544 -13.50 -5.56 -4.13
CA ILE A 544 -12.97 -4.20 -4.07
C ILE A 544 -12.92 -3.74 -2.61
N LEU A 545 -13.20 -4.65 -1.67
CA LEU A 545 -12.90 -4.36 -0.29
C LEU A 545 -11.85 -5.30 0.29
N LEU A 546 -12.09 -6.61 0.32
CA LEU A 546 -11.23 -7.47 1.12
C LEU A 546 -9.87 -7.71 0.49
N LEU A 547 -9.80 -7.81 -0.83
CA LEU A 547 -8.47 -7.90 -1.44
C LEU A 547 -7.75 -6.57 -1.37
N ASN A 548 -8.46 -5.46 -1.44
CA ASN A 548 -7.81 -4.18 -1.31
C ASN A 548 -7.58 -3.80 0.14
N MET A 549 -8.17 -4.52 1.08
CA MET A 549 -7.86 -4.35 2.50
C MET A 549 -6.70 -5.22 2.93
N LEU A 550 -6.54 -6.39 2.31
CA LEU A 550 -5.42 -7.25 2.59
C LEU A 550 -4.10 -6.61 2.21
N ILE A 551 -4.10 -5.84 1.12
CA ILE A 551 -2.88 -5.15 0.70
C ILE A 551 -2.53 -4.05 1.71
N ALA A 552 -3.55 -3.40 2.27
CA ALA A 552 -3.29 -2.37 3.26
C ALA A 552 -2.84 -2.97 4.58
N LEU A 553 -3.36 -4.12 4.96
CA LEU A 553 -2.94 -4.73 6.21
C LEU A 553 -1.57 -5.38 6.09
N MET A 554 -1.22 -5.89 4.91
CA MET A 554 0.16 -6.28 4.69
C MET A 554 1.07 -5.08 4.70
N GLY A 555 0.58 -3.92 4.26
CA GLY A 555 1.38 -2.71 4.30
C GLY A 555 1.66 -2.20 5.69
N GLU A 556 0.85 -2.58 6.67
CA GLU A 556 1.12 -2.19 8.04
C GLU A 556 1.99 -3.19 8.78
N THR A 557 1.88 -4.48 8.47
CA THR A 557 2.70 -5.48 9.13
C THR A 557 4.10 -5.57 8.53
N VAL A 558 4.37 -4.87 7.44
CA VAL A 558 5.75 -4.75 7.01
C VAL A 558 6.49 -3.73 7.86
N ASN A 559 5.88 -2.56 8.07
CA ASN A 559 6.49 -1.53 8.90
C ASN A 559 6.54 -1.94 10.36
N LYS A 560 5.68 -2.85 10.79
CA LYS A 560 5.70 -3.32 12.17
C LYS A 560 6.74 -4.41 12.38
N ILE A 561 7.02 -5.22 11.36
CA ILE A 561 7.89 -6.37 11.52
C ILE A 561 9.14 -6.12 10.68
N ALA A 562 9.53 -4.84 10.57
CA ALA A 562 10.77 -4.54 9.86
C ALA A 562 11.99 -4.93 10.67
N GLN A 563 11.87 -4.95 12.00
CA GLN A 563 12.98 -5.27 12.88
C GLN A 563 12.87 -6.67 13.47
N GLU A 564 11.65 -7.08 13.84
CA GLU A 564 11.44 -8.38 14.46
C GLU A 564 11.73 -9.52 13.48
N SER A 565 11.43 -9.33 12.20
CA SER A 565 11.68 -10.37 11.22
C SER A 565 13.16 -10.52 10.92
N LYS A 566 13.96 -9.49 11.16
CA LYS A 566 15.40 -9.65 11.03
C LYS A 566 15.96 -10.49 12.16
N ASN A 567 15.49 -10.25 13.38
CA ASN A 567 15.99 -10.99 14.53
C ASN A 567 15.54 -12.43 14.50
N ILE A 568 14.37 -12.71 13.91
CA ILE A 568 13.96 -14.09 13.75
C ILE A 568 14.81 -14.80 12.71
N TRP A 569 15.33 -14.05 11.73
CA TRP A 569 16.27 -14.65 10.79
C TRP A 569 17.59 -15.00 11.45
N LYS A 570 18.05 -14.16 12.40
CA LYS A 570 19.28 -14.48 13.12
C LYS A 570 19.13 -15.74 13.94
N LEU A 571 17.93 -16.01 14.44
CA LEU A 571 17.73 -17.24 15.19
C LEU A 571 17.59 -18.44 14.26
N GLN A 572 17.12 -18.23 13.03
CA GLN A 572 17.02 -19.34 12.10
C GLN A 572 18.40 -19.75 11.60
N ARG A 573 19.30 -18.79 11.43
CA ARG A 573 20.70 -19.14 11.13
C ARG A 573 21.33 -19.84 12.32
N ALA A 574 21.05 -19.37 13.53
CA ALA A 574 21.65 -19.92 14.74
C ALA A 574 21.27 -21.37 14.98
N ILE A 575 20.09 -21.80 14.54
CA ILE A 575 19.75 -23.20 14.66
C ILE A 575 20.52 -24.03 13.66
N THR A 576 20.69 -23.51 12.43
CA THR A 576 21.43 -24.25 11.42
C THR A 576 22.90 -24.35 11.73
N ILE A 577 23.45 -23.40 12.47
CA ILE A 577 24.84 -23.50 12.90
C ILE A 577 24.98 -24.58 13.94
N LEU A 578 24.08 -24.61 14.92
CA LEU A 578 24.15 -25.61 15.97
C LEU A 578 23.75 -27.00 15.49
N ASP A 579 22.99 -27.09 14.40
CA ASP A 579 22.58 -28.39 13.91
C ASP A 579 23.74 -29.15 13.26
N THR A 580 24.69 -28.43 12.69
CA THR A 580 25.79 -29.10 12.02
C THR A 580 26.87 -29.55 12.98
N GLU A 581 26.99 -28.89 14.14
CA GLU A 581 27.92 -29.35 15.15
C GLU A 581 27.48 -30.66 15.76
N LYS A 582 26.18 -30.96 15.77
CA LYS A 582 25.72 -32.29 16.08
C LYS A 582 25.77 -33.22 14.87
N SER A 583 26.08 -32.70 13.69
CA SER A 583 26.20 -33.51 12.47
C SER A 583 27.66 -33.80 12.14
N PHE A 584 28.48 -32.76 12.03
CA PHE A 584 29.91 -32.93 11.80
C PHE A 584 30.66 -32.94 13.13
N LEU A 585 30.27 -33.89 13.98
CA LEU A 585 30.77 -33.95 15.34
C LEU A 585 32.07 -34.73 15.46
N LYS A 586 32.38 -35.59 14.48
CA LYS A 586 33.60 -36.40 14.53
C LYS A 586 34.86 -35.54 14.46
N CYS A 587 34.83 -34.46 13.69
CA CYS A 587 35.90 -33.47 13.70
C CYS A 587 35.45 -32.31 14.59
N MET A 588 35.49 -32.56 15.90
CA MET A 588 35.00 -31.60 16.88
C MET A 588 36.01 -30.50 17.20
N ARG A 589 37.24 -30.61 16.71
CA ARG A 589 38.24 -29.58 16.99
C ARG A 589 37.95 -28.31 16.22
N LYS A 590 37.47 -28.42 14.98
CA LYS A 590 37.18 -27.26 14.16
C LYS A 590 35.95 -26.50 14.64
N ALA A 591 35.11 -27.11 15.48
CA ALA A 591 33.95 -26.41 16.01
C ALA A 591 34.34 -25.39 17.08
N PHE A 592 35.49 -25.56 17.72
CA PHE A 592 35.95 -24.61 18.72
C PHE A 592 36.37 -23.31 18.04
N ARG A 593 36.11 -22.19 18.72
CA ARG A 593 36.29 -20.88 18.13
C ARG A 593 37.34 -20.08 18.87
N SER A 594 38.23 -19.45 18.09
CA SER A 594 39.12 -18.36 18.53
C SER A 594 40.15 -18.79 19.56
N GLY A 595 40.56 -20.06 19.55
CA GLY A 595 41.68 -20.49 20.35
C GLY A 595 41.41 -20.60 21.84
N LYS A 596 42.29 -21.31 22.55
CA LYS A 596 42.19 -21.50 24.00
C LYS A 596 43.54 -21.12 24.60
N LEU A 597 43.73 -19.83 24.84
CA LEU A 597 45.04 -19.34 25.24
C LEU A 597 44.90 -18.02 25.98
N LEU A 598 45.98 -17.66 26.70
CA LEU A 598 46.09 -16.45 27.52
C LEU A 598 44.96 -16.35 28.53
N GLN A 599 44.78 -17.42 29.30
CA GLN A 599 43.54 -17.58 30.06
C GLN A 599 43.58 -16.79 31.36
N VAL A 600 44.45 -17.18 32.28
CA VAL A 600 44.39 -16.73 33.66
C VAL A 600 45.63 -15.90 33.94
N GLY A 601 45.48 -14.58 33.84
CA GLY A 601 46.55 -13.69 34.28
C GLY A 601 46.46 -13.50 35.77
N PHE A 602 47.37 -14.19 36.49
CA PHE A 602 47.46 -14.18 37.96
C PHE A 602 46.16 -14.64 38.61
N THR A 603 45.84 -15.91 38.35
CA THR A 603 44.71 -16.54 39.03
C THR A 603 45.04 -16.74 40.51
N PRO A 604 44.09 -16.48 41.41
CA PRO A 604 44.39 -16.63 42.85
C PRO A 604 44.53 -18.06 43.30
N ASP A 605 43.95 -19.03 42.58
CA ASP A 605 44.09 -20.42 42.96
C ASP A 605 45.44 -21.01 42.57
N GLY A 606 46.18 -20.35 41.71
CA GLY A 606 47.48 -20.83 41.27
C GLY A 606 47.76 -20.38 39.85
N LYS A 607 48.71 -21.06 39.21
CA LYS A 607 49.10 -20.76 37.83
C LYS A 607 48.32 -21.70 36.92
N ASP A 608 47.24 -21.18 36.33
CA ASP A 608 46.37 -21.93 35.44
C ASP A 608 46.06 -21.12 34.18
N ASP A 609 47.11 -20.55 33.57
CA ASP A 609 46.96 -19.57 32.50
C ASP A 609 46.60 -20.18 31.14
N TYR A 610 46.25 -21.47 31.09
CA TYR A 610 45.77 -22.11 29.87
C TYR A 610 44.44 -22.81 30.14
N ARG A 611 43.66 -22.25 31.07
CA ARG A 611 42.42 -22.89 31.51
C ARG A 611 41.29 -22.66 30.52
N TRP A 612 40.90 -21.41 30.29
CA TRP A 612 39.69 -21.12 29.53
C TRP A 612 40.02 -20.37 28.25
N CYS A 613 39.10 -20.48 27.28
CA CYS A 613 39.29 -19.90 25.97
C CYS A 613 38.99 -18.40 25.98
N PHE A 614 38.98 -17.82 24.78
CA PHE A 614 38.72 -16.40 24.63
C PHE A 614 38.25 -16.16 23.20
N ARG A 615 37.93 -14.90 22.89
CA ARG A 615 37.56 -14.52 21.54
C ARG A 615 37.87 -13.05 21.34
N VAL A 616 38.66 -12.74 20.33
CA VAL A 616 39.17 -11.39 20.13
C VAL A 616 38.14 -10.58 19.35
N ASP A 617 37.89 -9.36 19.80
CA ASP A 617 37.10 -8.37 19.07
C ASP A 617 37.93 -7.09 18.93
N GLU A 618 37.27 -6.03 18.46
CA GLU A 618 37.94 -4.73 18.32
C GLU A 618 36.94 -3.62 18.61
N VAL A 619 37.47 -2.43 18.91
CA VAL A 619 36.67 -1.30 19.32
C VAL A 619 37.02 -0.09 18.45
N ASN A 620 36.40 1.04 18.78
CA ASN A 620 36.45 2.24 17.96
C ASN A 620 37.25 3.34 18.67
N TRP A 621 37.27 4.51 18.03
CA TRP A 621 38.08 5.65 18.47
C TRP A 621 37.43 6.44 19.60
N THR A 622 37.93 7.65 19.83
CA THR A 622 37.43 8.62 20.81
C THR A 622 37.49 8.06 22.23
N THR A 623 38.72 7.78 22.67
CA THR A 623 39.08 7.34 24.03
C THR A 623 38.34 6.08 24.48
N THR B 230 46.70 13.87 -4.31
CA THR B 230 46.49 15.01 -3.42
C THR B 230 45.67 14.58 -2.22
N PRO B 231 45.93 15.20 -1.05
CA PRO B 231 45.15 14.86 0.14
C PRO B 231 43.71 15.29 0.07
N LEU B 232 43.35 16.24 -0.79
CA LEU B 232 41.95 16.58 -0.98
C LEU B 232 41.21 15.47 -1.71
N ALA B 233 41.76 15.01 -2.83
CA ALA B 233 41.13 13.93 -3.59
C ALA B 233 41.17 12.61 -2.85
N LEU B 234 42.13 12.43 -1.93
CA LEU B 234 42.14 11.23 -1.11
C LEU B 234 40.97 11.21 -0.14
N ALA B 235 40.52 12.39 0.30
CA ALA B 235 39.30 12.44 1.09
C ALA B 235 38.07 12.18 0.23
N ALA B 236 38.11 12.61 -1.02
CA ALA B 236 36.98 12.37 -1.91
C ALA B 236 36.91 10.94 -2.38
N SER B 237 38.07 10.30 -2.58
CA SER B 237 38.09 8.93 -3.10
C SER B 237 37.60 7.95 -2.05
N SER B 238 38.04 8.12 -0.81
CA SER B 238 37.56 7.26 0.25
C SER B 238 36.20 7.71 0.80
N GLY B 239 35.75 8.90 0.44
CA GLY B 239 34.44 9.34 0.87
C GLY B 239 34.38 9.88 2.29
N LYS B 240 35.44 10.55 2.73
CA LYS B 240 35.45 11.18 4.04
C LYS B 240 34.67 12.49 3.93
N ILE B 241 33.38 12.43 4.29
CA ILE B 241 32.52 13.58 4.08
C ILE B 241 32.78 14.69 5.08
N GLY B 242 33.34 14.38 6.24
CA GLY B 242 33.58 15.39 7.24
C GLY B 242 34.78 16.23 6.88
N VAL B 243 35.83 15.56 6.37
CA VAL B 243 37.03 16.26 5.96
C VAL B 243 36.78 17.06 4.69
N LEU B 244 35.99 16.51 3.77
CA LEU B 244 35.70 17.20 2.52
C LEU B 244 34.82 18.42 2.75
N ALA B 245 33.96 18.38 3.76
CA ALA B 245 33.23 19.57 4.14
C ALA B 245 34.15 20.60 4.77
N TYR B 246 35.19 20.14 5.47
CA TYR B 246 36.09 21.05 6.17
C TYR B 246 37.02 21.78 5.21
N ILE B 247 37.51 21.10 4.17
CA ILE B 247 38.50 21.71 3.30
C ILE B 247 37.84 22.71 2.37
N LEU B 248 36.67 22.38 1.84
CA LEU B 248 35.99 23.26 0.91
C LEU B 248 35.31 24.45 1.57
N GLN B 249 35.28 24.51 2.90
CA GLN B 249 34.54 25.55 3.58
C GLN B 249 35.35 26.22 4.69
N ARG B 250 36.67 26.23 4.58
CA ARG B 250 37.47 26.83 5.64
C ARG B 250 37.54 28.34 5.47
N GLU B 251 37.58 29.05 6.59
CA GLU B 251 37.67 30.50 6.62
C GLU B 251 38.09 30.92 8.02
N ILE B 252 39.07 31.83 8.11
CA ILE B 252 39.54 32.34 9.40
C ILE B 252 40.09 33.74 9.18
N HIS B 253 39.93 34.58 10.20
CA HIS B 253 40.40 35.96 10.17
C HIS B 253 41.77 36.02 10.85
N GLU B 254 42.83 36.13 10.03
CA GLU B 254 44.20 36.14 10.51
C GLU B 254 45.07 36.71 9.40
N PRO B 255 46.17 37.38 9.73
CA PRO B 255 47.17 37.70 8.71
C PRO B 255 47.84 36.42 8.22
N GLU B 256 48.16 36.41 6.92
CA GLU B 256 48.73 35.25 6.21
C GLU B 256 47.83 34.03 6.30
N CYS B 257 46.52 34.26 6.31
CA CYS B 257 45.53 33.19 6.28
C CYS B 257 44.80 33.12 4.95
N ARG B 258 44.76 34.22 4.21
CA ARG B 258 44.15 34.23 2.89
C ARG B 258 44.92 33.38 1.89
N HIS B 259 46.20 33.10 2.16
CA HIS B 259 46.93 32.10 1.37
C HIS B 259 46.42 30.69 1.65
N LEU B 260 45.83 30.45 2.83
CA LEU B 260 45.39 29.13 3.21
C LEU B 260 43.88 28.94 3.18
N SER B 261 43.10 30.01 3.20
CA SER B 261 41.66 29.89 3.31
C SER B 261 41.01 29.54 1.98
N ARG B 262 39.86 28.89 2.06
CA ARG B 262 39.10 28.45 0.89
C ARG B 262 37.86 29.32 0.67
N LYS B 263 37.02 29.47 1.69
CA LYS B 263 35.80 30.25 1.59
C LYS B 263 36.08 31.71 1.92
N PHE B 264 35.85 32.59 0.95
CA PHE B 264 36.07 34.02 1.14
C PHE B 264 34.72 34.72 1.21
N THR B 265 34.59 35.69 2.11
CA THR B 265 33.36 36.47 2.25
C THR B 265 33.67 37.90 1.83
N GLU B 266 33.33 38.24 0.59
CA GLU B 266 33.73 39.53 0.02
C GLU B 266 32.81 40.67 0.45
N TRP B 267 31.55 40.61 0.08
CA TRP B 267 30.62 41.71 0.27
C TRP B 267 29.77 41.45 1.50
N ALA B 268 29.97 42.28 2.54
CA ALA B 268 29.17 42.22 3.76
C ALA B 268 28.31 43.48 3.78
N TYR B 269 27.17 43.40 3.10
CA TYR B 269 26.16 44.46 3.07
C TYR B 269 25.18 44.20 4.21
N GLY B 270 24.00 44.83 4.14
CA GLY B 270 22.85 44.42 4.94
C GLY B 270 22.58 42.94 4.79
N PRO B 271 21.97 42.32 5.82
CA PRO B 271 22.36 40.96 6.27
C PRO B 271 22.60 39.85 5.26
N VAL B 272 22.17 39.99 4.01
CA VAL B 272 22.62 39.11 2.94
C VAL B 272 24.10 39.34 2.71
N HIS B 273 24.90 38.30 2.91
CA HIS B 273 26.36 38.38 2.77
C HIS B 273 26.82 37.44 1.67
N SER B 274 27.69 37.94 0.81
CA SER B 274 28.21 37.13 -0.29
C SER B 274 29.23 36.13 0.23
N SER B 275 29.63 35.20 -0.64
CA SER B 275 30.60 34.18 -0.29
C SER B 275 31.29 33.71 -1.57
N LEU B 276 32.61 33.54 -1.49
CA LEU B 276 33.42 33.14 -2.62
C LEU B 276 34.24 31.91 -2.24
N TYR B 277 34.15 30.87 -3.07
CA TYR B 277 34.86 29.61 -2.81
C TYR B 277 36.02 29.49 -3.78
N ASP B 278 37.20 29.15 -3.24
CA ASP B 278 38.45 29.34 -3.98
C ASP B 278 38.57 28.42 -5.19
N LEU B 279 38.03 27.19 -5.09
CA LEU B 279 37.69 26.37 -6.25
C LEU B 279 38.92 25.98 -7.07
N SER B 280 40.03 25.69 -6.41
CA SER B 280 41.31 25.52 -7.11
C SER B 280 41.38 24.19 -7.84
N CYS B 281 41.30 23.08 -7.12
CA CYS B 281 41.36 21.77 -7.72
C CYS B 281 40.01 21.05 -7.69
N ILE B 282 38.93 21.80 -7.46
CA ILE B 282 37.60 21.19 -7.36
C ILE B 282 37.11 20.78 -8.74
N ASP B 283 36.97 21.74 -9.65
CA ASP B 283 36.36 21.50 -10.94
C ASP B 283 37.35 21.26 -12.07
N THR B 284 38.38 22.11 -12.20
CA THR B 284 39.24 22.10 -13.37
C THR B 284 40.68 21.75 -13.02
N CYS B 285 40.89 20.73 -12.20
CA CYS B 285 42.24 20.32 -11.87
C CYS B 285 42.86 19.50 -13.01
N GLU B 286 44.12 19.15 -12.83
CA GLU B 286 44.87 18.38 -13.81
C GLU B 286 44.84 16.91 -13.41
N LYS B 287 44.05 16.12 -14.13
CA LYS B 287 44.00 14.66 -14.10
C LYS B 287 43.48 14.06 -12.80
N ASN B 288 43.17 14.89 -11.80
CA ASN B 288 42.50 14.43 -10.60
C ASN B 288 41.70 15.62 -10.05
N SER B 289 40.43 15.69 -10.43
CA SER B 289 39.55 16.76 -9.99
C SER B 289 38.49 16.18 -9.07
N VAL B 290 38.02 17.02 -8.14
CA VAL B 290 37.17 16.53 -7.06
C VAL B 290 35.80 16.13 -7.58
N LEU B 291 35.32 16.80 -8.62
CA LEU B 291 34.10 16.33 -9.27
C LEU B 291 34.32 15.02 -10.00
N GLU B 292 35.48 14.87 -10.64
CA GLU B 292 35.75 13.64 -11.37
C GLU B 292 36.05 12.47 -10.44
N VAL B 293 36.57 12.75 -9.24
CA VAL B 293 36.87 11.68 -8.29
C VAL B 293 35.58 11.15 -7.67
N ILE B 294 34.66 12.05 -7.31
CA ILE B 294 33.40 11.64 -6.70
C ILE B 294 32.53 10.90 -7.70
N ALA B 295 32.32 11.48 -8.88
CA ALA B 295 31.36 10.93 -9.82
C ALA B 295 31.84 9.67 -10.49
N TYR B 296 33.12 9.33 -10.40
CA TYR B 296 33.64 8.10 -10.99
C TYR B 296 33.99 7.07 -9.91
N SER B 297 33.27 7.10 -8.80
CA SER B 297 33.60 6.23 -7.69
C SER B 297 33.22 4.78 -8.00
N SER B 298 33.82 3.87 -7.24
CA SER B 298 33.64 2.44 -7.46
C SER B 298 32.47 1.86 -6.69
N SER B 299 31.59 2.72 -6.14
CA SER B 299 30.39 2.38 -5.38
C SER B 299 30.68 1.58 -4.11
N GLU B 300 31.93 1.51 -3.68
CA GLU B 300 32.29 0.85 -2.43
C GLU B 300 32.77 1.85 -1.39
N THR B 301 32.58 3.14 -1.64
CA THR B 301 33.09 4.18 -0.77
C THR B 301 32.15 4.34 0.41
N PRO B 302 32.46 5.25 1.34
CA PRO B 302 31.60 5.46 2.51
C PRO B 302 30.26 6.06 2.15
N ASN B 303 30.27 7.22 1.48
CA ASN B 303 29.03 7.81 1.00
C ASN B 303 29.37 8.58 -0.28
N ARG B 304 29.24 7.91 -1.41
CA ARG B 304 29.48 8.58 -2.68
C ARG B 304 28.32 9.47 -3.08
N HIS B 305 27.14 9.25 -2.53
CA HIS B 305 25.96 9.97 -2.95
C HIS B 305 25.73 11.24 -2.13
N ASP B 306 26.41 11.37 -1.00
CA ASP B 306 26.18 12.49 -0.12
C ASP B 306 27.23 13.58 -0.24
N MET B 307 28.35 13.30 -0.91
CA MET B 307 29.42 14.29 -1.02
C MET B 307 29.05 15.45 -1.93
N LEU B 308 28.09 15.25 -2.84
CA LEU B 308 27.68 16.32 -3.73
C LEU B 308 26.70 17.29 -3.08
N LEU B 309 26.42 17.13 -1.79
CA LEU B 309 25.57 18.06 -1.05
C LEU B 309 26.37 19.10 -0.29
N VAL B 310 27.70 19.06 -0.38
CA VAL B 310 28.53 20.07 0.24
C VAL B 310 28.43 21.35 -0.58
N GLU B 311 28.22 22.47 0.11
CA GLU B 311 27.83 23.78 -0.41
C GLU B 311 28.55 24.32 -1.65
N PRO B 312 29.85 24.08 -1.89
CA PRO B 312 30.39 24.48 -3.19
C PRO B 312 29.96 23.57 -4.31
N LEU B 313 29.84 22.27 -4.05
CA LEU B 313 29.65 21.31 -5.13
C LEU B 313 28.21 21.31 -5.63
N ASN B 314 27.25 21.57 -4.75
CA ASN B 314 25.86 21.43 -5.15
C ASN B 314 25.41 22.59 -6.03
N ARG B 315 25.78 23.81 -5.66
CA ARG B 315 25.39 24.95 -6.49
C ARG B 315 26.21 25.07 -7.76
N LEU B 316 27.41 24.48 -7.80
CA LEU B 316 28.19 24.53 -9.03
C LEU B 316 27.61 23.62 -10.09
N LEU B 317 27.20 22.41 -9.70
CA LEU B 317 26.55 21.51 -10.65
C LEU B 317 25.20 22.05 -11.08
N GLN B 318 24.53 22.80 -10.21
CA GLN B 318 23.35 23.53 -10.65
C GLN B 318 23.73 24.66 -11.58
N ASP B 319 24.89 25.27 -11.38
CA ASP B 319 25.32 26.35 -12.26
C ASP B 319 25.76 25.83 -13.61
N LYS B 320 26.50 24.71 -13.63
CA LYS B 320 26.88 24.14 -14.92
C LYS B 320 25.70 23.52 -15.63
N TRP B 321 24.61 23.23 -14.92
CA TRP B 321 23.45 22.68 -15.61
C TRP B 321 22.70 23.78 -16.35
N ASP B 322 22.19 24.76 -15.61
CA ASP B 322 21.27 25.75 -16.19
C ASP B 322 21.96 26.68 -17.18
N ARG B 323 23.27 26.80 -17.11
CA ARG B 323 23.99 27.71 -17.99
C ARG B 323 24.53 27.02 -19.23
N PHE B 324 25.05 25.81 -19.08
CA PHE B 324 25.84 25.21 -20.15
C PHE B 324 25.27 23.91 -20.69
N VAL B 325 24.93 22.94 -19.83
CA VAL B 325 24.70 21.58 -20.30
C VAL B 325 23.21 21.29 -20.53
N LYS B 326 22.30 22.13 -20.03
CA LYS B 326 20.87 21.90 -20.20
C LYS B 326 20.46 21.96 -21.66
N ARG B 327 21.07 22.85 -22.43
CA ARG B 327 20.75 22.93 -23.84
C ARG B 327 21.34 21.76 -24.62
N ILE B 328 22.55 21.34 -24.26
CA ILE B 328 23.19 20.28 -25.02
C ILE B 328 22.71 18.92 -24.57
N PHE B 329 22.06 18.82 -23.41
CA PHE B 329 21.44 17.56 -23.04
C PHE B 329 20.14 17.34 -23.78
N TYR B 330 19.32 18.38 -23.88
CA TYR B 330 18.03 18.28 -24.55
C TYR B 330 18.19 18.04 -26.04
N PHE B 331 19.29 18.50 -26.63
CA PHE B 331 19.54 18.17 -28.02
C PHE B 331 19.91 16.71 -28.18
N ASN B 332 20.62 16.13 -27.20
CA ASN B 332 20.94 14.71 -27.28
C ASN B 332 19.70 13.86 -27.11
N PHE B 333 18.76 14.30 -26.28
CA PHE B 333 17.49 13.60 -26.18
C PHE B 333 16.64 13.82 -27.41
N PHE B 334 16.79 14.96 -28.08
CA PHE B 334 16.03 15.18 -29.31
C PHE B 334 16.58 14.37 -30.47
N VAL B 335 17.89 14.11 -30.49
CA VAL B 335 18.45 13.24 -31.52
C VAL B 335 18.02 11.80 -31.28
N TYR B 336 18.11 11.34 -30.04
CA TYR B 336 17.79 9.96 -29.75
C TYR B 336 16.31 9.68 -29.87
N CYS B 337 15.46 10.67 -29.60
CA CYS B 337 14.04 10.49 -29.86
C CYS B 337 13.78 10.47 -31.36
N LEU B 338 14.50 11.26 -32.15
CA LEU B 338 14.44 11.13 -33.59
C LEU B 338 15.26 9.98 -34.12
N TYR B 339 16.03 9.30 -33.28
CA TYR B 339 16.66 8.09 -33.74
C TYR B 339 15.71 6.91 -33.68
N MET B 340 14.96 6.79 -32.59
CA MET B 340 14.07 5.64 -32.45
C MET B 340 12.83 5.76 -33.30
N ILE B 341 12.45 6.97 -33.72
CA ILE B 341 11.36 7.09 -34.67
C ILE B 341 11.78 6.59 -36.04
N ILE B 342 13.00 6.92 -36.46
CA ILE B 342 13.51 6.43 -37.73
C ILE B 342 13.72 4.93 -37.69
N PHE B 343 14.24 4.42 -36.57
CA PHE B 343 14.51 2.99 -36.48
C PHE B 343 13.24 2.18 -36.29
N THR B 344 12.18 2.77 -35.73
CA THR B 344 10.91 2.07 -35.70
C THR B 344 10.29 1.98 -37.09
N ALA B 345 10.18 3.12 -37.77
CA ALA B 345 9.55 3.17 -39.08
C ALA B 345 10.36 2.46 -40.15
N ALA B 346 11.66 2.27 -39.95
CA ALA B 346 12.42 1.44 -40.87
C ALA B 346 12.23 -0.04 -40.58
N ALA B 347 11.77 -0.39 -39.39
CA ALA B 347 11.48 -1.78 -39.06
C ALA B 347 10.02 -2.13 -39.22
N TYR B 348 9.12 -1.16 -39.00
CA TYR B 348 7.70 -1.38 -39.18
C TYR B 348 7.36 -1.71 -40.63
N TYR B 349 8.04 -1.09 -41.58
CA TYR B 349 7.81 -1.33 -43.00
C TYR B 349 8.89 -2.22 -43.59
N ARG B 350 9.34 -3.22 -42.84
CA ARG B 350 10.32 -4.15 -43.36
C ARG B 350 9.68 -4.99 -44.47
N PRO B 351 10.46 -5.41 -45.46
CA PRO B 351 9.90 -6.26 -46.50
C PRO B 351 9.57 -7.64 -45.97
N VAL B 352 8.49 -8.22 -46.50
CA VAL B 352 7.88 -9.40 -45.91
C VAL B 352 8.28 -10.68 -46.64
N GLU B 353 8.72 -10.60 -47.89
CA GLU B 353 9.11 -11.78 -48.65
C GLU B 353 10.39 -12.38 -48.10
N GLY B 354 10.65 -13.62 -48.48
CA GLY B 354 11.77 -14.37 -47.93
C GLY B 354 13.10 -13.96 -48.52
N LEU B 355 14.14 -14.69 -48.09
CA LEU B 355 15.53 -14.58 -48.55
C LEU B 355 16.11 -13.17 -48.47
N PRO B 356 16.49 -12.70 -47.28
CA PRO B 356 17.25 -11.44 -47.21
C PRO B 356 18.60 -11.60 -47.86
N PRO B 357 19.20 -10.50 -48.36
CA PRO B 357 18.73 -9.12 -48.45
C PRO B 357 17.76 -8.90 -49.60
N TYR B 358 17.46 -7.64 -49.91
CA TYR B 358 16.33 -7.31 -50.77
C TYR B 358 16.72 -6.23 -51.75
N LYS B 359 16.51 -6.50 -53.04
CA LYS B 359 16.80 -5.51 -54.07
C LYS B 359 15.75 -4.40 -54.01
N LEU B 360 16.19 -3.21 -53.65
CA LEU B 360 15.28 -2.09 -53.50
C LEU B 360 14.79 -1.62 -54.86
N LYS B 361 13.47 -1.47 -54.99
CA LYS B 361 12.88 -1.02 -56.24
C LYS B 361 13.09 0.48 -56.42
N ASN B 362 12.64 0.99 -57.56
CA ASN B 362 12.75 2.41 -57.87
C ASN B 362 11.56 3.21 -57.35
N THR B 363 10.76 2.65 -56.47
CA THR B 363 9.56 3.32 -55.98
C THR B 363 9.93 4.42 -54.99
N VAL B 364 8.92 5.21 -54.62
CA VAL B 364 9.13 6.28 -53.65
C VAL B 364 9.23 5.75 -52.23
N GLY B 365 8.60 4.61 -51.96
CA GLY B 365 8.76 4.00 -50.65
C GLY B 365 10.15 3.45 -50.43
N ASP B 366 10.72 2.82 -51.44
CA ASP B 366 12.14 2.56 -51.43
C ASP B 366 12.89 3.86 -51.68
N TYR B 367 14.21 3.82 -51.44
CA TYR B 367 15.11 4.96 -51.33
C TYR B 367 14.70 5.95 -50.24
N PHE B 368 13.79 5.54 -49.36
CA PHE B 368 13.26 6.39 -48.29
C PHE B 368 13.15 5.64 -46.97
N ARG B 369 13.07 4.31 -46.97
CA ARG B 369 13.31 3.54 -45.77
C ARG B 369 14.64 2.84 -45.77
N VAL B 370 15.27 2.67 -46.94
CA VAL B 370 16.63 2.15 -46.96
C VAL B 370 17.58 3.21 -46.43
N THR B 371 17.27 4.49 -46.70
CA THR B 371 17.94 5.57 -45.98
C THR B 371 17.56 5.57 -44.51
N GLY B 372 16.36 5.10 -44.18
CA GLY B 372 16.00 4.93 -42.79
C GLY B 372 16.75 3.80 -42.12
N GLU B 373 17.09 2.76 -42.88
CA GLU B 373 17.84 1.65 -42.31
C GLU B 373 19.29 2.04 -42.06
N ILE B 374 19.93 2.68 -43.05
CA ILE B 374 21.36 2.96 -42.95
C ILE B 374 21.64 4.04 -41.91
N LEU B 375 20.66 4.88 -41.58
CA LEU B 375 20.80 5.73 -40.42
C LEU B 375 20.65 4.94 -39.14
N SER B 376 19.75 3.96 -39.13
CA SER B 376 19.50 3.19 -37.92
C SER B 376 20.63 2.21 -37.63
N VAL B 377 21.29 1.70 -38.68
CA VAL B 377 22.47 0.88 -38.46
C VAL B 377 23.62 1.74 -37.95
N SER B 378 23.75 2.95 -38.48
CA SER B 378 24.81 3.86 -38.06
C SER B 378 24.65 4.30 -36.61
N GLY B 379 23.42 4.36 -36.12
CA GLY B 379 23.21 4.60 -34.70
C GLY B 379 23.67 3.44 -33.85
N GLY B 380 23.50 2.22 -34.33
CA GLY B 380 24.03 1.08 -33.63
C GLY B 380 25.54 1.01 -33.67
N VAL B 381 26.14 1.53 -34.75
CA VAL B 381 27.58 1.65 -34.81
C VAL B 381 28.07 2.72 -33.84
N TYR B 382 27.31 3.82 -33.73
CA TYR B 382 27.73 4.93 -32.88
C TYR B 382 27.70 4.55 -31.41
N PHE B 383 26.63 3.89 -30.96
CA PHE B 383 26.57 3.46 -29.57
C PHE B 383 27.52 2.31 -29.28
N PHE B 384 28.00 1.63 -30.32
CA PHE B 384 29.00 0.60 -30.12
C PHE B 384 30.36 1.21 -29.82
N PHE B 385 30.81 2.14 -30.67
CA PHE B 385 32.10 2.77 -30.43
C PHE B 385 32.06 3.71 -29.23
N ARG B 386 30.92 4.30 -28.94
CA ARG B 386 30.83 5.11 -27.73
C ARG B 386 30.77 4.21 -26.50
N GLY B 387 30.30 2.98 -26.65
CA GLY B 387 30.30 2.05 -25.54
C GLY B 387 31.66 1.44 -25.27
N ILE B 388 32.50 1.33 -26.30
CA ILE B 388 33.86 0.84 -26.08
C ILE B 388 34.69 1.88 -25.36
N GLN B 389 34.64 3.13 -25.82
CA GLN B 389 35.46 4.18 -25.22
C GLN B 389 35.00 4.58 -23.83
N TYR B 390 33.82 4.13 -23.40
CA TYR B 390 33.52 4.14 -21.98
C TYR B 390 34.44 3.19 -21.24
N PHE B 391 34.51 1.94 -21.69
CA PHE B 391 35.30 0.93 -21.01
C PHE B 391 36.79 1.18 -21.16
N LEU B 392 37.20 1.81 -22.27
CA LEU B 392 38.61 2.10 -22.46
C LEU B 392 39.10 3.23 -21.56
N GLN B 393 38.20 4.01 -20.96
CA GLN B 393 38.61 5.11 -20.09
C GLN B 393 38.47 4.78 -18.61
N ARG B 394 37.26 4.41 -18.17
CA ARG B 394 37.04 4.27 -16.73
C ARG B 394 37.52 2.92 -16.22
N ARG B 395 37.34 1.86 -17.02
CA ARG B 395 37.69 0.47 -16.70
C ARG B 395 37.06 0.02 -15.40
N PRO B 396 35.76 -0.26 -15.37
CA PRO B 396 35.11 -0.64 -14.10
C PRO B 396 35.57 -1.97 -13.53
N SER B 397 36.16 -2.84 -14.36
CA SER B 397 36.88 -4.06 -13.94
C SER B 397 35.97 -5.05 -13.20
N LEU B 398 34.89 -5.43 -13.88
CA LEU B 398 34.05 -6.60 -13.62
C LEU B 398 33.29 -6.59 -12.30
N LYS B 399 33.44 -5.56 -11.47
CA LYS B 399 32.58 -5.42 -10.29
C LYS B 399 31.79 -4.13 -10.33
N SER B 400 32.44 -3.00 -10.62
CA SER B 400 31.71 -1.76 -10.86
C SER B 400 30.99 -1.79 -12.19
N LEU B 401 31.27 -2.77 -13.04
CA LEU B 401 30.53 -2.96 -14.29
C LEU B 401 29.07 -3.30 -14.00
N PHE B 402 28.82 -4.36 -13.26
CA PHE B 402 27.46 -4.85 -13.05
C PHE B 402 26.78 -4.20 -11.85
N VAL B 403 27.40 -3.20 -11.21
CA VAL B 403 26.85 -2.58 -10.01
C VAL B 403 26.65 -1.09 -10.19
N ASP B 404 27.62 -0.39 -10.77
CA ASP B 404 27.55 1.07 -10.82
C ASP B 404 27.39 1.62 -12.23
N SER B 405 27.23 0.76 -13.24
CA SER B 405 27.19 1.24 -14.62
C SER B 405 26.09 0.54 -15.40
N TYR B 406 24.88 0.52 -14.84
CA TYR B 406 23.76 -0.15 -15.51
C TYR B 406 23.37 0.55 -16.79
N SER B 407 23.52 1.87 -16.86
CA SER B 407 23.04 2.61 -18.01
C SER B 407 23.89 2.39 -19.25
N GLU B 408 25.21 2.35 -19.10
CA GLU B 408 26.07 2.25 -20.27
C GLU B 408 26.10 0.85 -20.85
N ILE B 409 25.81 -0.16 -20.03
CA ILE B 409 25.65 -1.52 -20.56
C ILE B 409 24.42 -1.60 -21.45
N LEU B 410 23.31 -0.98 -21.02
CA LEU B 410 22.07 -1.11 -21.77
C LEU B 410 22.11 -0.34 -23.09
N PHE B 411 22.87 0.75 -23.17
CA PHE B 411 23.14 1.33 -24.47
C PHE B 411 24.05 0.42 -25.30
N PHE B 412 24.91 -0.34 -24.65
CA PHE B 412 25.84 -1.17 -25.41
C PHE B 412 25.17 -2.43 -25.91
N VAL B 413 24.34 -3.07 -25.07
CA VAL B 413 23.66 -4.29 -25.47
C VAL B 413 22.62 -4.00 -26.54
N GLN B 414 22.00 -2.81 -26.50
CA GLN B 414 21.14 -2.37 -27.59
C GLN B 414 21.91 -2.30 -28.90
N SER B 415 23.07 -1.67 -28.90
CA SER B 415 23.90 -1.61 -30.09
C SER B 415 24.45 -2.97 -30.46
N LEU B 416 24.59 -3.87 -29.48
CA LEU B 416 25.09 -5.20 -29.78
C LEU B 416 24.07 -6.03 -30.54
N PHE B 417 22.79 -5.93 -30.20
CA PHE B 417 21.75 -6.61 -30.97
C PHE B 417 21.62 -6.03 -32.36
N MET B 418 21.84 -4.72 -32.51
CA MET B 418 21.68 -4.10 -33.82
C MET B 418 22.76 -4.56 -34.78
N LEU B 419 23.98 -4.76 -34.28
CA LEU B 419 25.06 -5.20 -35.15
C LEU B 419 24.96 -6.69 -35.48
N VAL B 420 24.47 -7.50 -34.53
CA VAL B 420 24.20 -8.90 -34.82
C VAL B 420 23.09 -9.02 -35.85
N SER B 421 22.10 -8.12 -35.78
CA SER B 421 21.03 -8.10 -36.76
C SER B 421 21.48 -7.64 -38.14
N VAL B 422 22.65 -7.04 -38.27
CA VAL B 422 23.21 -6.74 -39.58
C VAL B 422 23.97 -7.95 -40.13
N VAL B 423 24.71 -8.64 -39.25
CA VAL B 423 25.47 -9.82 -39.66
C VAL B 423 24.53 -10.93 -40.11
N LEU B 424 23.42 -11.12 -39.39
CA LEU B 424 22.43 -12.11 -39.82
C LEU B 424 21.65 -11.64 -41.05
N TYR B 425 21.65 -10.34 -41.34
CA TYR B 425 20.91 -9.86 -42.49
C TYR B 425 21.62 -10.19 -43.79
N PHE B 426 22.93 -9.95 -43.85
CA PHE B 426 23.67 -10.22 -45.07
C PHE B 426 24.14 -11.66 -45.17
N SER B 427 23.96 -12.46 -44.12
CA SER B 427 24.23 -13.88 -44.20
C SER B 427 22.99 -14.67 -44.61
N GLN B 428 21.99 -13.99 -45.17
CA GLN B 428 20.83 -14.59 -45.83
C GLN B 428 20.01 -15.47 -44.90
N ARG B 429 19.85 -15.05 -43.65
CA ARG B 429 19.05 -15.77 -42.69
C ARG B 429 17.93 -14.88 -42.17
N LYS B 430 16.74 -15.46 -42.03
CA LYS B 430 15.57 -14.68 -41.61
C LYS B 430 15.61 -14.34 -40.13
N GLU B 431 16.48 -14.98 -39.37
CA GLU B 431 16.57 -14.71 -37.94
C GLU B 431 17.17 -13.37 -37.59
N TYR B 432 17.43 -12.44 -38.54
CA TYR B 432 17.88 -11.12 -38.18
C TYR B 432 16.77 -10.34 -37.48
N VAL B 433 15.52 -10.67 -37.79
CA VAL B 433 14.39 -9.95 -37.23
C VAL B 433 14.19 -10.29 -35.77
N ALA B 434 14.79 -11.37 -35.29
CA ALA B 434 14.83 -11.60 -33.85
C ALA B 434 15.70 -10.56 -33.17
N SER B 435 16.93 -10.38 -33.64
CA SER B 435 17.85 -9.46 -32.99
C SER B 435 17.52 -8.02 -33.28
N MET B 436 16.80 -7.74 -34.36
CA MET B 436 16.32 -6.39 -34.59
C MET B 436 15.27 -6.00 -33.56
N VAL B 437 14.38 -6.92 -33.22
CA VAL B 437 13.31 -6.65 -32.26
C VAL B 437 13.88 -6.41 -30.87
N PHE B 438 14.81 -7.26 -30.43
CA PHE B 438 15.47 -7.00 -29.15
C PHE B 438 16.34 -5.76 -29.19
N SER B 439 16.76 -5.31 -30.37
CA SER B 439 17.40 -4.00 -30.47
C SER B 439 16.39 -2.87 -30.46
N LEU B 440 15.13 -3.16 -30.74
CA LEU B 440 14.09 -2.15 -30.76
C LEU B 440 13.31 -2.10 -29.47
N ALA B 441 13.09 -3.25 -28.85
CA ALA B 441 12.47 -3.28 -27.54
C ALA B 441 13.39 -2.68 -26.49
N MET B 442 14.69 -2.92 -26.60
CA MET B 442 15.65 -2.34 -25.67
C MET B 442 15.74 -0.84 -25.86
N GLY B 443 15.64 -0.39 -27.11
CA GLY B 443 15.92 1.00 -27.41
C GLY B 443 14.90 1.97 -26.88
N TRP B 444 13.64 1.54 -26.80
CA TRP B 444 12.65 2.41 -26.18
C TRP B 444 12.70 2.37 -24.68
N THR B 445 13.06 1.24 -24.08
CA THR B 445 13.26 1.21 -22.65
C THR B 445 14.50 1.98 -22.24
N ASN B 446 15.46 2.17 -23.14
CA ASN B 446 16.61 3.01 -22.87
C ASN B 446 16.28 4.50 -22.93
N MET B 447 15.08 4.87 -23.35
CA MET B 447 14.69 6.27 -23.37
C MET B 447 14.38 6.77 -21.96
N LEU B 448 14.30 5.88 -20.98
CA LEU B 448 14.23 6.30 -19.58
C LEU B 448 15.56 6.83 -19.06
N TYR B 449 16.65 6.66 -19.82
CA TYR B 449 17.90 7.29 -19.44
C TYR B 449 17.78 8.80 -19.43
N TYR B 450 17.02 9.36 -20.35
CA TYR B 450 16.93 10.80 -20.44
C TYR B 450 15.92 11.40 -19.50
N THR B 451 15.33 10.61 -18.60
CA THR B 451 14.49 11.18 -17.57
C THR B 451 15.27 11.96 -16.54
N ARG B 452 16.56 11.68 -16.40
CA ARG B 452 17.42 12.59 -15.64
C ARG B 452 17.53 13.90 -16.41
N GLY B 453 17.77 14.97 -15.67
CA GLY B 453 17.54 16.28 -16.24
C GLY B 453 16.12 16.74 -16.16
N PHE B 454 15.23 15.92 -15.61
CA PHE B 454 13.89 16.31 -15.22
C PHE B 454 13.69 15.79 -13.82
N GLN B 455 13.55 16.70 -12.85
CA GLN B 455 13.75 16.36 -11.45
C GLN B 455 12.68 15.42 -10.93
N GLN B 456 11.42 15.68 -11.25
CA GLN B 456 10.36 14.80 -10.79
C GLN B 456 10.37 13.49 -11.56
N MET B 457 10.83 13.49 -12.80
CA MET B 457 10.90 12.25 -13.55
C MET B 457 12.19 11.48 -13.24
N GLY B 458 13.27 12.20 -12.98
CA GLY B 458 14.55 11.53 -12.75
C GLY B 458 14.60 10.79 -11.44
N ILE B 459 14.00 11.36 -10.40
CA ILE B 459 13.90 10.65 -9.13
C ILE B 459 12.95 9.47 -9.26
N TYR B 460 11.96 9.59 -10.13
CA TYR B 460 11.05 8.47 -10.38
C TYR B 460 11.76 7.31 -11.06
N ALA B 461 12.64 7.59 -12.02
CA ALA B 461 13.34 6.50 -12.70
C ALA B 461 14.45 5.90 -11.85
N VAL B 462 14.93 6.60 -10.84
CA VAL B 462 15.83 5.99 -9.88
C VAL B 462 15.09 4.97 -9.05
N MET B 463 13.84 5.28 -8.70
CA MET B 463 13.06 4.35 -7.91
C MET B 463 12.69 3.09 -8.70
N ILE B 464 12.58 3.20 -10.02
CA ILE B 464 12.35 2.00 -10.83
C ILE B 464 13.55 1.09 -10.78
N GLU B 465 14.76 1.67 -10.75
CA GLU B 465 15.98 0.89 -10.56
C GLU B 465 15.99 0.20 -9.20
N LYS B 466 15.47 0.85 -8.16
CA LYS B 466 15.50 0.23 -6.85
C LYS B 466 14.48 -0.88 -6.71
N MET B 467 13.36 -0.81 -7.44
CA MET B 467 12.37 -1.87 -7.35
C MET B 467 12.82 -3.11 -8.10
N ILE B 468 13.62 -2.95 -9.14
CA ILE B 468 14.15 -4.11 -9.84
C ILE B 468 15.19 -4.79 -8.98
N LEU B 469 16.11 -4.03 -8.41
CA LEU B 469 17.26 -4.62 -7.76
C LEU B 469 16.98 -5.07 -6.33
N ARG B 470 15.89 -4.60 -5.72
CA ARG B 470 15.59 -4.98 -4.35
C ARG B 470 14.26 -5.68 -4.17
N ASP B 471 13.35 -5.63 -5.14
CA ASP B 471 12.10 -6.35 -5.02
C ASP B 471 11.95 -7.45 -6.05
N LEU B 472 12.17 -7.17 -7.33
CA LEU B 472 12.14 -8.27 -8.28
C LEU B 472 13.38 -9.14 -8.21
N CYS B 473 14.43 -8.70 -7.52
CA CYS B 473 15.49 -9.63 -7.16
C CYS B 473 14.99 -10.61 -6.11
N ARG B 474 14.04 -10.18 -5.26
CA ARG B 474 13.56 -11.02 -4.19
C ARG B 474 12.20 -11.62 -4.47
N PHE B 475 11.40 -11.01 -5.35
CA PHE B 475 10.14 -11.62 -5.73
C PHE B 475 10.32 -12.70 -6.78
N MET B 476 11.05 -12.40 -7.85
CA MET B 476 11.13 -13.33 -8.97
C MET B 476 11.97 -14.55 -8.65
N PHE B 477 12.73 -14.55 -7.56
CA PHE B 477 13.29 -15.82 -7.12
C PHE B 477 12.22 -16.69 -6.51
N VAL B 478 11.46 -16.14 -5.56
CA VAL B 478 10.48 -16.92 -4.83
C VAL B 478 9.30 -17.27 -5.70
N TYR B 479 8.91 -16.35 -6.60
CA TYR B 479 7.79 -16.61 -7.50
C TYR B 479 8.08 -17.74 -8.46
N LEU B 480 9.28 -17.75 -9.04
CA LEU B 480 9.62 -18.84 -9.96
C LEU B 480 9.84 -20.16 -9.27
N VAL B 481 10.07 -20.17 -7.96
CA VAL B 481 10.10 -21.43 -7.23
C VAL B 481 8.71 -22.01 -7.11
N PHE B 482 7.72 -21.19 -6.73
CA PHE B 482 6.34 -21.65 -6.69
C PHE B 482 5.80 -21.95 -8.07
N LEU B 483 6.22 -21.18 -9.08
CA LEU B 483 5.72 -21.38 -10.43
C LEU B 483 6.24 -22.69 -11.01
N PHE B 484 7.57 -22.84 -11.05
CA PHE B 484 8.15 -24.08 -11.53
C PHE B 484 7.88 -25.24 -10.60
N GLY B 485 7.62 -24.97 -9.33
CA GLY B 485 7.28 -26.04 -8.41
C GLY B 485 5.94 -26.66 -8.71
N PHE B 486 4.89 -25.85 -8.76
CA PHE B 486 3.57 -26.42 -8.96
C PHE B 486 3.32 -26.82 -10.41
N SER B 487 3.99 -26.18 -11.37
CA SER B 487 3.82 -26.59 -12.76
C SER B 487 4.39 -27.98 -13.02
N THR B 488 5.49 -28.32 -12.36
CA THR B 488 5.96 -29.69 -12.40
C THR B 488 5.05 -30.62 -11.61
N ALA B 489 4.25 -30.09 -10.69
CA ALA B 489 3.28 -30.92 -10.00
C ALA B 489 2.01 -31.09 -10.81
N VAL B 490 1.73 -30.17 -11.72
CA VAL B 490 0.52 -30.30 -12.53
C VAL B 490 0.75 -31.20 -13.74
N VAL B 491 1.97 -31.21 -14.30
CA VAL B 491 2.28 -32.07 -15.45
C VAL B 491 2.15 -33.54 -15.09
N THR B 492 2.79 -33.93 -13.99
CA THR B 492 2.84 -35.33 -13.60
C THR B 492 1.49 -35.88 -13.20
N LEU B 493 0.54 -35.01 -12.89
CA LEU B 493 -0.84 -35.43 -12.73
C LEU B 493 -1.57 -35.53 -14.05
N ILE B 494 -1.29 -34.64 -15.00
CA ILE B 494 -1.93 -34.68 -16.30
C ILE B 494 -1.44 -35.88 -17.09
N GLU B 495 -2.38 -36.73 -17.52
CA GLU B 495 -2.01 -37.97 -18.18
C GLU B 495 -1.49 -37.71 -19.58
N ASP B 496 -2.33 -37.18 -20.46
CA ASP B 496 -1.93 -36.87 -21.83
C ASP B 496 -2.83 -35.77 -22.35
N GLY B 497 -2.42 -35.18 -23.48
CA GLY B 497 -3.21 -34.14 -24.12
C GLY B 497 -2.34 -32.97 -24.55
N LYS B 498 -3.00 -31.82 -24.69
CA LYS B 498 -2.31 -30.62 -25.18
C LYS B 498 -1.37 -30.06 -24.14
N TYR B 499 -1.79 -30.03 -22.88
CA TYR B 499 -1.01 -29.45 -21.81
C TYR B 499 -0.11 -30.46 -21.12
N ASN B 500 0.30 -31.51 -21.83
CA ASN B 500 1.12 -32.54 -21.21
C ASN B 500 2.57 -32.08 -21.06
N SER B 501 2.99 -31.10 -21.85
CA SER B 501 4.36 -30.65 -21.74
C SER B 501 4.52 -29.71 -20.54
N LEU B 502 5.78 -29.50 -20.15
CA LEU B 502 6.06 -28.57 -19.06
C LEU B 502 5.85 -27.13 -19.49
N TYR B 503 6.12 -26.84 -20.76
CA TYR B 503 5.99 -25.46 -21.23
C TYR B 503 4.54 -25.03 -21.38
N SER B 504 3.67 -25.93 -21.81
CA SER B 504 2.30 -25.54 -22.12
C SER B 504 1.49 -25.27 -20.86
N THR B 505 1.90 -25.83 -19.73
CA THR B 505 1.18 -25.55 -18.49
C THR B 505 1.91 -24.55 -17.60
N CYS B 506 3.17 -24.25 -17.89
CA CYS B 506 3.83 -23.19 -17.16
C CYS B 506 3.30 -21.83 -17.59
N LEU B 507 2.81 -21.72 -18.82
CA LEU B 507 2.03 -20.55 -19.19
C LEU B 507 0.70 -20.53 -18.46
N GLU B 508 0.04 -21.68 -18.32
CA GLU B 508 -1.31 -21.69 -17.76
C GLU B 508 -1.30 -21.40 -16.28
N LEU B 509 -0.20 -21.64 -15.60
CA LEU B 509 -0.06 -21.15 -14.25
C LEU B 509 0.51 -19.74 -14.20
N PHE B 510 1.12 -19.27 -15.28
CA PHE B 510 1.51 -17.87 -15.29
C PHE B 510 0.33 -16.96 -15.54
N LYS B 511 -0.72 -17.47 -16.19
CA LYS B 511 -1.90 -16.66 -16.48
C LYS B 511 -2.70 -16.32 -15.24
N PHE B 512 -2.49 -17.02 -14.12
CA PHE B 512 -3.13 -16.61 -12.87
C PHE B 512 -2.53 -15.33 -12.34
N THR B 513 -1.24 -15.10 -12.60
CA THR B 513 -0.60 -13.88 -12.16
C THR B 513 -1.10 -12.68 -12.94
N ILE B 514 -1.34 -12.88 -14.23
CA ILE B 514 -1.85 -11.80 -15.08
C ILE B 514 -3.27 -11.44 -14.69
N GLY B 515 -4.13 -12.43 -14.54
CA GLY B 515 -5.53 -12.18 -14.30
C GLY B 515 -6.36 -12.89 -15.32
N MET B 516 -5.78 -13.88 -15.98
CA MET B 516 -6.43 -14.68 -16.98
C MET B 516 -6.29 -16.16 -16.65
N GLY B 517 -6.24 -16.48 -15.37
CA GLY B 517 -6.06 -17.85 -14.97
C GLY B 517 -7.34 -18.66 -15.12
N ASP B 518 -7.20 -19.82 -15.74
CA ASP B 518 -8.33 -20.70 -16.01
C ASP B 518 -8.23 -21.88 -15.07
N LEU B 519 -9.23 -22.05 -14.20
CA LEU B 519 -9.18 -23.16 -13.26
C LEU B 519 -9.44 -24.49 -13.96
N GLU B 520 -10.41 -24.54 -14.85
CA GLU B 520 -10.69 -25.77 -15.59
C GLU B 520 -10.05 -25.72 -16.97
N PHE B 521 -8.72 -25.63 -17.01
CA PHE B 521 -8.07 -25.51 -18.31
C PHE B 521 -7.81 -26.85 -18.97
N THR B 522 -8.03 -27.94 -18.26
CA THR B 522 -7.92 -29.26 -18.86
C THR B 522 -8.84 -30.22 -18.12
N GLU B 523 -9.20 -31.29 -18.80
CA GLU B 523 -10.05 -32.33 -18.23
C GLU B 523 -9.45 -33.71 -18.32
N ASN B 524 -8.45 -33.92 -19.16
CA ASN B 524 -7.90 -35.25 -19.42
C ASN B 524 -6.81 -35.57 -18.41
N TYR B 525 -7.24 -36.08 -17.27
CA TYR B 525 -6.39 -36.54 -16.19
C TYR B 525 -7.19 -37.51 -15.33
N ASP B 526 -6.69 -37.78 -14.14
CA ASP B 526 -7.45 -38.45 -13.11
C ASP B 526 -7.32 -37.64 -11.82
N PHE B 527 -8.21 -37.91 -10.88
CA PHE B 527 -8.23 -37.32 -9.53
C PHE B 527 -8.38 -35.80 -9.58
N LYS B 528 -9.58 -35.38 -9.99
CA LYS B 528 -9.96 -33.97 -10.06
C LYS B 528 -9.79 -33.26 -8.72
N ALA B 529 -9.99 -33.97 -7.61
CA ALA B 529 -9.78 -33.38 -6.30
C ALA B 529 -8.32 -33.02 -6.07
N VAL B 530 -7.39 -33.79 -6.63
CA VAL B 530 -5.99 -33.44 -6.52
C VAL B 530 -5.66 -32.25 -7.40
N PHE B 531 -6.27 -32.19 -8.59
CA PHE B 531 -5.91 -31.18 -9.57
C PHE B 531 -6.33 -29.78 -9.15
N ILE B 532 -7.38 -29.67 -8.36
CA ILE B 532 -7.84 -28.34 -8.00
C ILE B 532 -7.41 -27.94 -6.59
N ILE B 533 -6.92 -28.88 -5.79
CA ILE B 533 -6.19 -28.48 -4.59
C ILE B 533 -4.88 -27.81 -4.98
N LEU B 534 -4.21 -28.34 -6.00
CA LEU B 534 -2.96 -27.75 -6.48
C LEU B 534 -3.15 -26.34 -7.02
N LEU B 535 -4.22 -26.12 -7.78
CA LEU B 535 -4.45 -24.78 -8.32
C LEU B 535 -4.86 -23.81 -7.23
N LEU B 536 -5.70 -24.26 -6.29
CA LEU B 536 -6.05 -23.42 -5.16
C LEU B 536 -4.85 -23.19 -4.26
N ALA B 537 -4.00 -24.19 -4.06
CA ALA B 537 -2.76 -23.94 -3.32
C ALA B 537 -1.79 -23.08 -4.11
N TYR B 538 -1.94 -23.00 -5.43
CA TYR B 538 -1.15 -22.04 -6.19
C TYR B 538 -1.70 -20.64 -6.00
N VAL B 539 -3.01 -20.47 -6.21
CA VAL B 539 -3.63 -19.14 -6.19
C VAL B 539 -3.56 -18.51 -4.82
N ILE B 540 -3.75 -19.30 -3.75
CA ILE B 540 -3.64 -18.77 -2.40
C ILE B 540 -2.21 -18.37 -2.09
N LEU B 541 -1.24 -19.18 -2.53
CA LEU B 541 0.15 -18.90 -2.18
C LEU B 541 0.74 -17.78 -3.03
N THR B 542 0.43 -17.74 -4.33
CA THR B 542 1.21 -16.83 -5.15
C THR B 542 0.40 -15.68 -5.71
N TYR B 543 -0.93 -15.73 -5.61
CA TYR B 543 -1.70 -14.63 -6.16
C TYR B 543 -2.28 -13.73 -5.08
N ILE B 544 -2.92 -14.29 -4.06
CA ILE B 544 -3.47 -13.43 -3.03
C ILE B 544 -2.51 -13.33 -1.87
N LEU B 545 -1.30 -13.88 -2.02
CA LEU B 545 -0.25 -13.56 -1.06
C LEU B 545 0.92 -12.82 -1.71
N LEU B 546 1.59 -13.40 -2.70
CA LEU B 546 2.87 -12.83 -3.14
C LEU B 546 2.71 -11.57 -3.95
N LEU B 547 1.68 -11.46 -4.78
CA LEU B 547 1.47 -10.19 -5.46
C LEU B 547 0.95 -9.14 -4.49
N ASN B 548 0.18 -9.53 -3.49
CA ASN B 548 -0.27 -8.57 -2.51
C ASN B 548 0.78 -8.30 -1.45
N MET B 549 1.82 -9.10 -1.38
CA MET B 549 2.96 -8.81 -0.53
C MET B 549 3.99 -7.94 -1.21
N LEU B 550 4.12 -8.07 -2.53
CA LEU B 550 5.02 -7.23 -3.30
C LEU B 550 4.59 -5.78 -3.26
N ILE B 551 3.29 -5.52 -3.24
CA ILE B 551 2.79 -4.16 -3.15
C ILE B 551 3.11 -3.57 -1.79
N ALA B 552 3.04 -4.40 -0.75
CA ALA B 552 3.37 -3.92 0.59
C ALA B 552 4.86 -3.68 0.75
N LEU B 553 5.70 -4.51 0.13
CA LEU B 553 7.13 -4.31 0.25
C LEU B 553 7.62 -3.17 -0.61
N MET B 554 6.97 -2.92 -1.75
CA MET B 554 7.25 -1.69 -2.46
C MET B 554 6.78 -0.48 -1.67
N GLY B 555 5.72 -0.63 -0.88
CA GLY B 555 5.25 0.45 -0.05
C GLY B 555 6.19 0.81 1.08
N GLU B 556 7.06 -0.11 1.49
CA GLU B 556 8.05 0.20 2.51
C GLU B 556 9.34 0.74 1.94
N THR B 557 9.74 0.30 0.74
CA THR B 557 10.96 0.81 0.15
C THR B 557 10.76 2.14 -0.54
N VAL B 558 9.54 2.65 -0.64
CA VAL B 558 9.36 4.03 -1.06
C VAL B 558 9.67 4.97 0.10
N ASN B 559 9.11 4.68 1.28
CA ASN B 559 9.37 5.50 2.45
C ASN B 559 10.81 5.39 2.93
N LYS B 560 11.49 4.30 2.60
CA LYS B 560 12.88 4.14 2.98
C LYS B 560 13.82 4.85 2.01
N ILE B 561 13.46 4.94 0.73
CA ILE B 561 14.36 5.47 -0.28
C ILE B 561 13.74 6.77 -0.80
N ALA B 562 13.06 7.49 0.09
CA ALA B 562 12.52 8.80 -0.30
C ALA B 562 13.62 9.84 -0.42
N GLN B 563 14.71 9.67 0.33
CA GLN B 563 15.81 10.62 0.34
C GLN B 563 17.01 10.11 -0.45
N GLU B 564 17.32 8.81 -0.32
CA GLU B 564 18.48 8.25 -0.98
C GLU B 564 18.33 8.25 -2.50
N SER B 565 17.11 8.06 -2.99
CA SER B 565 16.89 8.07 -4.43
C SER B 565 16.98 9.46 -5.02
N LYS B 566 16.78 10.51 -4.21
CA LYS B 566 17.01 11.85 -4.71
C LYS B 566 18.50 12.13 -4.86
N ASN B 567 19.30 11.69 -3.89
CA ASN B 567 20.74 11.93 -3.95
C ASN B 567 21.40 11.10 -5.04
N ILE B 568 20.84 9.94 -5.36
CA ILE B 568 21.37 9.17 -6.48
C ILE B 568 21.02 9.85 -7.80
N TRP B 569 19.90 10.59 -7.85
CA TRP B 569 19.61 11.38 -9.04
C TRP B 569 20.59 12.53 -9.22
N LYS B 570 21.01 13.15 -8.11
CA LYS B 570 22.00 14.22 -8.20
C LYS B 570 23.32 13.72 -8.74
N LEU B 571 23.67 12.47 -8.45
CA LEU B 571 24.89 11.92 -8.97
C LEU B 571 24.74 11.51 -10.43
N GLN B 572 23.51 11.15 -10.84
CA GLN B 572 23.31 10.81 -12.25
C GLN B 572 23.37 12.04 -13.13
N ARG B 573 22.87 13.17 -12.64
CA ARG B 573 23.06 14.42 -13.35
C ARG B 573 24.53 14.81 -13.39
N ALA B 574 25.24 14.62 -12.28
CA ALA B 574 26.64 15.00 -12.17
C ALA B 574 27.54 14.24 -13.13
N ILE B 575 27.18 13.02 -13.48
CA ILE B 575 27.97 12.30 -14.48
C ILE B 575 27.71 12.87 -15.87
N THR B 576 26.46 13.22 -16.16
CA THR B 576 26.12 13.76 -17.47
C THR B 576 26.70 15.16 -17.68
N ILE B 577 26.91 15.90 -16.59
CA ILE B 577 27.58 17.20 -16.71
C ILE B 577 29.04 17.01 -17.03
N LEU B 578 29.70 16.09 -16.33
CA LEU B 578 31.12 15.85 -16.58
C LEU B 578 31.37 15.11 -17.88
N ASP B 579 30.38 14.40 -18.41
CA ASP B 579 30.59 13.69 -19.66
C ASP B 579 30.66 14.62 -20.85
N THR B 580 29.96 15.76 -20.78
CA THR B 580 29.97 16.66 -21.93
C THR B 580 31.20 17.55 -21.96
N GLU B 581 31.83 17.78 -20.80
CA GLU B 581 33.08 18.52 -20.79
C GLU B 581 34.20 17.73 -21.43
N LYS B 582 34.13 16.40 -21.40
CA LYS B 582 35.02 15.59 -22.22
C LYS B 582 34.51 15.44 -23.65
N SER B 583 33.29 15.92 -23.95
CA SER B 583 32.75 15.87 -25.29
C SER B 583 32.88 17.21 -26.01
N PHE B 584 32.39 18.28 -25.40
CA PHE B 584 32.55 19.63 -25.95
C PHE B 584 33.78 20.29 -25.36
N LEU B 585 34.92 19.63 -25.58
CA LEU B 585 36.19 20.04 -24.98
C LEU B 585 36.93 21.08 -25.80
N LYS B 586 36.62 21.20 -27.10
CA LYS B 586 37.31 22.15 -27.96
C LYS B 586 37.03 23.60 -27.56
N CYS B 587 35.81 23.89 -27.11
CA CYS B 587 35.48 25.18 -26.52
C CYS B 587 35.54 25.02 -25.01
N MET B 588 36.76 24.93 -24.48
CA MET B 588 36.98 24.68 -23.07
C MET B 588 36.85 25.92 -22.20
N ARG B 589 36.71 27.10 -22.80
CA ARG B 589 36.59 28.32 -22.02
C ARG B 589 35.21 28.42 -21.36
N LYS B 590 34.16 27.98 -22.06
CA LYS B 590 32.82 28.03 -21.52
C LYS B 590 32.59 27.04 -20.38
N ALA B 591 33.46 26.03 -20.25
CA ALA B 591 33.33 25.08 -19.16
C ALA B 591 33.74 25.68 -17.82
N PHE B 592 34.58 26.72 -17.83
CA PHE B 592 34.98 27.37 -16.59
C PHE B 592 33.81 28.14 -16.00
N ARG B 593 33.73 28.17 -14.68
CA ARG B 593 32.58 28.71 -13.98
C ARG B 593 32.96 29.92 -13.13
N SER B 594 32.15 30.97 -13.24
CA SER B 594 32.10 32.10 -12.29
C SER B 594 33.37 32.94 -12.26
N GLY B 595 34.09 33.00 -13.37
CA GLY B 595 35.20 33.93 -13.50
C GLY B 595 36.45 33.57 -12.72
N LYS B 596 37.57 34.21 -13.06
CA LYS B 596 38.85 34.00 -12.39
C LYS B 596 39.38 35.38 -12.02
N LEU B 597 38.94 35.89 -10.88
CA LEU B 597 39.24 37.27 -10.53
C LEU B 597 39.14 37.47 -9.02
N LEU B 598 39.75 38.56 -8.55
CA LEU B 598 39.80 38.97 -7.14
C LEU B 598 40.39 37.86 -6.26
N GLN B 599 41.56 37.37 -6.68
CA GLN B 599 42.05 36.12 -6.12
C GLN B 599 42.73 36.30 -4.77
N VAL B 600 43.86 37.01 -4.76
CA VAL B 600 44.75 37.01 -3.62
C VAL B 600 44.76 38.41 -3.03
N GLY B 601 43.96 38.62 -1.99
CA GLY B 601 44.03 39.86 -1.25
C GLY B 601 45.16 39.78 -0.25
N PHE B 602 46.29 40.44 -0.58
CA PHE B 602 47.51 40.47 0.22
C PHE B 602 48.06 39.07 0.47
N THR B 603 48.46 38.43 -0.63
CA THR B 603 49.15 37.16 -0.53
C THR B 603 50.55 37.37 0.06
N PRO B 604 50.99 36.48 0.95
CA PRO B 604 52.31 36.67 1.59
C PRO B 604 53.48 36.41 0.65
N ASP B 605 53.29 35.63 -0.41
CA ASP B 605 54.36 35.37 -1.36
C ASP B 605 54.59 36.54 -2.32
N GLY B 606 53.66 37.45 -2.42
CA GLY B 606 53.78 38.60 -3.31
C GLY B 606 52.41 39.04 -3.79
N LYS B 607 52.41 39.80 -4.88
CA LYS B 607 51.19 40.30 -5.49
C LYS B 607 50.77 39.35 -6.59
N ASP B 608 49.82 38.47 -6.29
CA ASP B 608 49.32 37.47 -7.22
C ASP B 608 47.79 37.44 -7.19
N ASP B 609 47.17 38.62 -7.28
CA ASP B 609 45.74 38.78 -7.06
C ASP B 609 44.88 38.32 -8.24
N TYR B 610 45.45 37.65 -9.24
CA TYR B 610 44.69 37.06 -10.33
C TYR B 610 45.04 35.59 -10.48
N ARG B 611 45.37 34.94 -9.37
CA ARG B 611 45.85 33.57 -9.39
C ARG B 611 44.70 32.56 -9.53
N TRP B 612 43.79 32.53 -8.56
CA TRP B 612 42.78 31.48 -8.51
C TRP B 612 41.38 32.04 -8.68
N CYS B 613 40.48 31.17 -9.13
CA CYS B 613 39.11 31.56 -9.44
C CYS B 613 38.28 31.67 -8.16
N PHE B 614 36.99 31.86 -8.35
CA PHE B 614 36.04 31.98 -7.24
C PHE B 614 34.66 31.66 -7.74
N ARG B 615 33.68 31.69 -6.84
CA ARG B 615 32.29 31.49 -7.21
C ARG B 615 31.39 32.19 -6.19
N VAL B 616 30.54 33.07 -6.67
CA VAL B 616 29.75 33.93 -5.79
C VAL B 616 28.50 33.19 -5.36
N ASP B 617 28.18 33.25 -4.07
CA ASP B 617 26.92 32.78 -3.53
C ASP B 617 26.27 33.92 -2.74
N GLU B 618 25.20 33.60 -2.00
CA GLU B 618 24.52 34.58 -1.18
C GLU B 618 24.00 33.91 0.09
N VAL B 619 23.71 34.72 1.10
CA VAL B 619 23.31 34.23 2.41
C VAL B 619 22.02 34.92 2.83
N ASN B 620 21.58 34.61 4.04
CA ASN B 620 20.27 35.01 4.55
C ASN B 620 20.42 36.04 5.67
N TRP B 621 19.28 36.40 6.25
CA TRP B 621 19.18 37.46 7.26
C TRP B 621 19.59 37.00 8.65
N THR B 622 19.23 37.81 9.66
CA THR B 622 19.45 37.54 11.08
C THR B 622 20.93 37.39 11.41
N THR B 623 21.67 38.49 11.18
CA THR B 623 23.09 38.65 11.51
C THR B 623 24.00 37.60 10.89
N THR C 230 -26.65 10.48 39.64
CA THR C 230 -25.45 10.54 40.47
C THR C 230 -24.34 11.31 39.77
N PRO C 231 -23.52 12.01 40.53
CA PRO C 231 -22.40 12.75 39.91
C PRO C 231 -21.34 11.86 39.32
N LEU C 232 -21.25 10.60 39.74
CA LEU C 232 -20.31 9.69 39.08
C LEU C 232 -20.78 9.34 37.68
N ALA C 233 -22.04 8.93 37.54
CA ALA C 233 -22.58 8.58 36.24
C ALA C 233 -22.73 9.79 35.33
N LEU C 234 -22.83 10.99 35.90
CA LEU C 234 -22.85 12.18 35.09
C LEU C 234 -21.49 12.43 34.44
N ALA C 235 -20.42 12.02 35.11
CA ALA C 235 -19.11 12.08 34.47
C ALA C 235 -18.97 11.00 33.40
N ALA C 236 -19.61 9.85 33.61
CA ALA C 236 -19.54 8.79 32.62
C ALA C 236 -20.43 9.08 31.42
N SER C 237 -21.59 9.72 31.63
CA SER C 237 -22.51 9.98 30.55
C SER C 237 -21.96 11.04 29.60
N SER C 238 -21.39 12.09 30.14
CA SER C 238 -20.78 13.11 29.31
C SER C 238 -19.37 12.73 28.85
N GLY C 239 -18.79 11.69 29.43
CA GLY C 239 -17.48 11.24 28.99
C GLY C 239 -16.32 12.05 29.54
N LYS C 240 -16.42 12.54 30.76
CA LYS C 240 -15.32 13.25 31.40
C LYS C 240 -14.32 12.22 31.89
N ILE C 241 -13.30 11.96 31.08
CA ILE C 241 -12.37 10.87 31.39
C ILE C 241 -11.43 11.23 32.53
N GLY C 242 -11.19 12.52 32.77
CA GLY C 242 -10.28 12.91 33.81
C GLY C 242 -10.91 12.76 35.17
N VAL C 243 -12.18 13.15 35.25
CA VAL C 243 -12.91 13.03 36.51
C VAL C 243 -13.20 11.57 36.82
N LEU C 244 -13.52 10.77 35.80
CA LEU C 244 -13.82 9.36 36.00
C LEU C 244 -12.59 8.59 36.41
N ALA C 245 -11.41 9.01 35.95
CA ALA C 245 -10.19 8.41 36.45
C ALA C 245 -9.92 8.82 37.89
N TYR C 246 -10.35 10.02 38.26
CA TYR C 246 -10.09 10.52 39.61
C TYR C 246 -10.97 9.85 40.65
N ILE C 247 -12.24 9.59 40.32
CA ILE C 247 -13.16 9.06 41.32
C ILE C 247 -12.89 7.58 41.56
N LEU C 248 -12.61 6.83 40.51
CA LEU C 248 -12.38 5.40 40.65
C LEU C 248 -11.01 5.06 41.21
N GLN C 249 -10.13 6.04 41.39
CA GLN C 249 -8.76 5.74 41.80
C GLN C 249 -8.29 6.63 42.94
N ARG C 250 -9.20 7.12 43.78
CA ARG C 250 -8.79 8.00 44.86
C ARG C 250 -8.29 7.19 46.04
N GLU C 251 -7.29 7.73 46.73
CA GLU C 251 -6.69 7.11 47.91
C GLU C 251 -5.90 8.17 48.65
N ILE C 252 -6.07 8.24 49.98
CA ILE C 252 -5.34 9.19 50.80
C ILE C 252 -5.22 8.61 52.22
N HIS C 253 -4.11 8.92 52.87
CA HIS C 253 -3.83 8.45 54.23
C HIS C 253 -4.26 9.54 55.21
N GLU C 254 -5.39 9.32 55.86
CA GLU C 254 -5.96 10.28 56.79
C GLU C 254 -6.98 9.55 57.65
N PRO C 255 -7.18 9.97 58.91
CA PRO C 255 -8.34 9.46 59.66
C PRO C 255 -9.62 9.97 59.06
N GLU C 256 -10.67 9.12 59.11
CA GLU C 256 -11.98 9.37 58.50
C GLU C 256 -11.88 9.63 56.99
N CYS C 257 -10.93 8.96 56.35
CA CYS C 257 -10.77 9.01 54.90
C CYS C 257 -11.18 7.71 54.23
N ARG C 258 -11.13 6.59 54.97
CA ARG C 258 -11.59 5.31 54.45
C ARG C 258 -13.07 5.28 54.17
N HIS C 259 -13.85 6.17 54.80
CA HIS C 259 -15.24 6.36 54.39
C HIS C 259 -15.36 7.01 53.03
N LEU C 260 -14.34 7.77 52.61
CA LEU C 260 -14.40 8.50 51.35
C LEU C 260 -13.54 7.91 50.25
N SER C 261 -12.55 7.07 50.59
CA SER C 261 -11.61 6.59 49.59
C SER C 261 -12.20 5.45 48.77
N ARG C 262 -11.67 5.31 47.55
CA ARG C 262 -12.12 4.29 46.60
C ARG C 262 -11.10 3.18 46.46
N LYS C 263 -9.85 3.53 46.16
CA LYS C 263 -8.78 2.55 45.97
C LYS C 263 -8.12 2.24 47.30
N PHE C 264 -8.19 0.98 47.73
CA PHE C 264 -7.59 0.55 48.98
C PHE C 264 -6.38 -0.31 48.68
N THR C 265 -5.31 -0.13 49.43
CA THR C 265 -4.09 -0.92 49.27
C THR C 265 -3.92 -1.79 50.52
N GLU C 266 -4.35 -3.05 50.43
CA GLU C 266 -4.39 -3.91 51.60
C GLU C 266 -3.04 -4.52 51.95
N TRP C 267 -2.49 -5.34 51.06
CA TRP C 267 -1.29 -6.11 51.34
C TRP C 267 -0.08 -5.41 50.75
N ALA C 268 0.80 -4.92 51.62
CA ALA C 268 2.06 -4.31 51.21
C ALA C 268 3.18 -5.25 51.62
N TYR C 269 3.45 -6.23 50.78
CA TYR C 269 4.54 -7.19 50.95
C TYR C 269 5.77 -6.62 50.25
N GLY C 270 6.76 -7.48 49.98
CA GLY C 270 7.82 -7.18 49.05
C GLY C 270 7.25 -6.72 47.71
N PRO C 271 8.02 -5.91 46.97
CA PRO C 271 7.47 -4.75 46.23
C PRO C 271 6.18 -4.89 45.41
N VAL C 272 5.74 -6.11 45.10
CA VAL C 272 4.39 -6.31 44.59
C VAL C 272 3.39 -5.97 45.68
N HIS C 273 2.56 -4.96 45.41
CA HIS C 273 1.57 -4.48 46.37
C HIS C 273 0.17 -4.67 45.83
N SER C 274 -0.72 -5.20 46.66
CA SER C 274 -2.10 -5.43 46.24
C SER C 274 -2.86 -4.12 46.18
N SER C 275 -4.06 -4.18 45.62
CA SER C 275 -4.92 -3.01 45.49
C SER C 275 -6.37 -3.46 45.43
N LEU C 276 -7.24 -2.74 46.14
CA LEU C 276 -8.65 -3.07 46.21
C LEU C 276 -9.47 -1.85 45.83
N TYR C 277 -10.39 -2.02 44.89
CA TYR C 277 -11.23 -0.94 44.39
C TYR C 277 -12.65 -1.11 44.93
N ASP C 278 -13.21 -0.03 45.47
CA ASP C 278 -14.40 -0.15 46.33
C ASP C 278 -15.63 -0.59 45.56
N LEU C 279 -15.77 -0.16 44.30
CA LEU C 279 -16.64 -0.81 43.31
C LEU C 279 -18.11 -0.73 43.70
N SER C 280 -18.54 0.41 44.26
CA SER C 280 -19.86 0.50 44.85
C SER C 280 -20.95 0.59 43.80
N CYS C 281 -20.92 1.64 42.98
CA CYS C 281 -21.92 1.82 41.93
C CYS C 281 -21.34 1.59 40.54
N ILE C 282 -20.18 0.94 40.45
CA ILE C 282 -19.54 0.73 39.16
C ILE C 282 -20.26 -0.35 38.38
N ASP C 283 -20.34 -1.55 38.94
CA ASP C 283 -20.86 -2.71 38.21
C ASP C 283 -22.32 -3.03 38.54
N THR C 284 -22.68 -3.08 39.81
CA THR C 284 -23.98 -3.60 40.23
C THR C 284 -24.84 -2.54 40.91
N CYS C 285 -24.91 -1.34 40.34
CA CYS C 285 -25.73 -0.30 40.92
C CYS C 285 -27.20 -0.52 40.55
N GLU C 286 -28.06 0.33 41.11
CA GLU C 286 -29.50 0.26 40.87
C GLU C 286 -29.86 1.26 39.77
N LYS C 287 -30.16 0.73 38.59
CA LYS C 287 -30.75 1.42 37.44
C LYS C 287 -29.84 2.47 36.79
N ASN C 288 -28.66 2.70 37.34
CA ASN C 288 -27.66 3.56 36.71
C ASN C 288 -26.29 3.07 37.17
N SER C 289 -25.68 2.19 36.38
CA SER C 289 -24.38 1.64 36.69
C SER C 289 -23.36 2.17 35.69
N VAL C 290 -22.12 2.28 36.14
CA VAL C 290 -21.09 2.97 35.35
C VAL C 290 -20.74 2.16 34.11
N LEU C 291 -20.79 0.84 34.21
CA LEU C 291 -20.61 0.02 33.00
C LEU C 291 -21.78 0.18 32.06
N GLU C 292 -23.00 0.27 32.60
CA GLU C 292 -24.17 0.40 31.75
C GLU C 292 -24.28 1.80 31.15
N VAL C 293 -23.74 2.82 31.83
CA VAL C 293 -23.80 4.16 31.29
C VAL C 293 -22.81 4.34 30.16
N ILE C 294 -21.61 3.78 30.30
CA ILE C 294 -20.59 3.90 29.25
C ILE C 294 -20.98 3.11 28.02
N ALA C 295 -21.32 1.83 28.21
CA ALA C 295 -21.56 0.94 27.08
C ALA C 295 -22.85 1.24 26.33
N TYR C 296 -23.76 2.03 26.89
CA TYR C 296 -25.00 2.39 26.21
C TYR C 296 -24.98 3.84 25.77
N SER C 297 -23.81 4.37 25.46
CA SER C 297 -23.70 5.78 25.12
C SER C 297 -24.28 6.05 23.74
N SER C 298 -24.59 7.32 23.49
CA SER C 298 -25.24 7.76 22.27
C SER C 298 -24.24 8.11 21.17
N SER C 299 -22.97 7.74 21.34
CA SER C 299 -21.86 7.96 20.40
C SER C 299 -21.59 9.44 20.11
N GLU C 300 -22.16 10.35 20.89
CA GLU C 300 -21.90 11.77 20.76
C GLU C 300 -21.11 12.32 21.94
N THR C 301 -20.58 11.44 22.78
CA THR C 301 -19.89 11.83 23.99
C THR C 301 -18.47 12.25 23.66
N PRO C 302 -17.70 12.68 24.66
CA PRO C 302 -16.32 13.10 24.41
C PRO C 302 -15.41 11.95 23.98
N ASN C 303 -15.35 10.90 24.79
CA ASN C 303 -14.60 9.71 24.42
C ASN C 303 -15.28 8.52 25.08
N ARG C 304 -16.21 7.90 24.36
CA ARG C 304 -16.88 6.72 24.88
C ARG C 304 -16.00 5.49 24.79
N HIS C 305 -14.98 5.51 23.93
CA HIS C 305 -14.18 4.33 23.69
C HIS C 305 -12.97 4.25 24.62
N ASP C 306 -12.62 5.36 25.27
CA ASP C 306 -11.43 5.42 26.08
C ASP C 306 -11.71 5.26 27.57
N MET C 307 -12.97 5.37 27.99
CA MET C 307 -13.29 5.28 29.40
C MET C 307 -13.13 3.88 29.95
N LEU C 308 -13.16 2.86 29.11
CA LEU C 308 -12.99 1.49 29.56
C LEU C 308 -11.54 1.11 29.76
N LEU C 309 -10.61 2.05 29.60
CA LEU C 309 -9.20 1.81 29.86
C LEU C 309 -8.79 2.25 31.25
N VAL C 310 -9.71 2.77 32.05
CA VAL C 310 -9.41 3.14 33.42
C VAL C 310 -9.30 1.87 34.25
N GLU C 311 -8.24 1.78 35.05
CA GLU C 311 -7.75 0.58 35.74
C GLU C 311 -8.76 -0.30 36.48
N PRO C 312 -9.84 0.21 37.10
CA PRO C 312 -10.85 -0.75 37.60
C PRO C 312 -11.66 -1.38 36.49
N LEU C 313 -12.00 -0.61 35.46
CA LEU C 313 -12.98 -1.08 34.48
C LEU C 313 -12.38 -2.09 33.52
N ASN C 314 -11.08 -1.95 33.20
CA ASN C 314 -10.50 -2.80 32.17
C ASN C 314 -10.28 -4.21 32.68
N ARG C 315 -9.75 -4.34 33.89
CA ARG C 315 -9.52 -5.68 34.43
C ARG C 315 -10.79 -6.36 34.89
N LEU C 316 -11.84 -5.59 35.20
CA LEU C 316 -13.10 -6.22 35.58
C LEU C 316 -13.79 -6.85 34.40
N LEU C 317 -13.80 -6.16 33.26
CA LEU C 317 -14.38 -6.75 32.05
C LEU C 317 -13.55 -7.92 31.57
N GLN C 318 -12.25 -7.89 31.82
CA GLN C 318 -11.44 -9.09 31.58
C GLN C 318 -11.78 -10.18 32.58
N ASP C 319 -12.14 -9.80 33.81
CA ASP C 319 -12.49 -10.81 34.81
C ASP C 319 -13.87 -11.40 34.54
N LYS C 320 -14.84 -10.58 34.14
CA LYS C 320 -16.14 -11.13 33.80
C LYS C 320 -16.11 -11.89 32.49
N TRP C 321 -15.08 -11.70 31.66
CA TRP C 321 -15.02 -12.47 30.44
C TRP C 321 -14.52 -13.88 30.72
N ASP C 322 -13.30 -14.00 31.25
CA ASP C 322 -12.65 -15.29 31.35
C ASP C 322 -13.30 -16.20 32.39
N ARG C 323 -14.06 -15.63 33.32
CA ARG C 323 -14.67 -16.43 34.37
C ARG C 323 -16.10 -16.82 34.04
N PHE C 324 -16.88 -15.90 33.46
CA PHE C 324 -18.31 -16.09 33.38
C PHE C 324 -18.85 -16.15 31.96
N VAL C 325 -18.52 -15.18 31.11
CA VAL C 325 -19.25 -15.00 29.86
C VAL C 325 -18.57 -15.68 28.67
N LYS C 326 -17.31 -16.09 28.80
CA LYS C 326 -16.60 -16.73 27.69
C LYS C 326 -17.22 -18.07 27.32
N ARG C 327 -17.72 -18.82 28.31
CA ARG C 327 -18.37 -20.08 28.00
C ARG C 327 -19.74 -19.86 27.40
N ILE C 328 -20.48 -18.86 27.88
CA ILE C 328 -21.83 -18.67 27.38
C ILE C 328 -21.83 -17.89 26.08
N PHE C 329 -20.73 -17.24 25.73
CA PHE C 329 -20.65 -16.62 24.41
C PHE C 329 -20.38 -17.66 23.33
N TYR C 330 -19.45 -18.58 23.61
CA TYR C 330 -19.11 -19.62 22.64
C TYR C 330 -20.25 -20.57 22.38
N PHE C 331 -21.12 -20.77 23.36
CA PHE C 331 -22.31 -21.57 23.12
C PHE C 331 -23.28 -20.84 22.21
N ASN C 332 -23.37 -19.51 22.33
CA ASN C 332 -24.24 -18.76 21.43
C ASN C 332 -23.71 -18.77 20.01
N PHE C 333 -22.40 -18.74 19.85
CA PHE C 333 -21.82 -18.90 18.53
C PHE C 333 -21.96 -20.32 18.01
N PHE C 334 -21.99 -21.31 18.91
CA PHE C 334 -22.18 -22.68 18.47
C PHE C 334 -23.61 -22.95 18.06
N VAL C 335 -24.58 -22.28 18.68
CA VAL C 335 -25.96 -22.41 18.26
C VAL C 335 -26.16 -21.74 16.91
N TYR C 336 -25.64 -20.53 16.76
CA TYR C 336 -25.86 -19.78 15.52
C TYR C 336 -25.10 -20.40 14.35
N CYS C 337 -23.95 -21.02 14.61
CA CYS C 337 -23.29 -21.77 13.54
C CYS C 337 -24.08 -23.02 13.20
N LEU C 338 -24.69 -23.68 14.18
CA LEU C 338 -25.62 -24.76 13.87
C LEU C 338 -26.99 -24.26 13.46
N TYR C 339 -27.24 -22.96 13.50
CA TYR C 339 -28.47 -22.47 12.93
C TYR C 339 -28.33 -22.28 11.42
N MET C 340 -27.22 -21.71 10.98
CA MET C 340 -27.06 -21.45 9.57
C MET C 340 -26.75 -22.70 8.76
N ILE C 341 -26.25 -23.75 9.40
CA ILE C 341 -26.09 -25.03 8.70
C ILE C 341 -27.44 -25.65 8.43
N ILE C 342 -28.34 -25.60 9.41
CA ILE C 342 -29.68 -26.12 9.22
C ILE C 342 -30.45 -25.28 8.20
N PHE C 343 -30.31 -23.97 8.27
CA PHE C 343 -31.04 -23.10 7.36
C PHE C 343 -30.46 -23.14 5.94
N THR C 344 -29.17 -23.44 5.79
CA THR C 344 -28.64 -23.64 4.45
C THR C 344 -29.17 -24.93 3.84
N ALA C 345 -29.02 -26.04 4.58
CA ALA C 345 -29.43 -27.34 4.06
C ALA C 345 -30.93 -27.48 3.91
N ALA C 346 -31.72 -26.66 4.61
CA ALA C 346 -33.15 -26.65 4.35
C ALA C 346 -33.49 -25.82 3.13
N ALA C 347 -32.60 -24.94 2.70
CA ALA C 347 -32.80 -24.15 1.49
C ALA C 347 -32.12 -24.76 0.28
N TYR C 348 -30.99 -25.44 0.48
CA TYR C 348 -30.28 -26.09 -0.61
C TYR C 348 -31.12 -27.18 -1.24
N TYR C 349 -31.88 -27.92 -0.44
CA TYR C 349 -32.74 -28.99 -0.93
C TYR C 349 -34.19 -28.55 -0.99
N ARG C 350 -34.44 -27.31 -1.39
CA ARG C 350 -35.81 -26.86 -1.54
C ARG C 350 -36.47 -27.58 -2.71
N PRO C 351 -37.78 -27.81 -2.66
CA PRO C 351 -38.45 -28.46 -3.78
C PRO C 351 -38.50 -27.54 -4.99
N VAL C 352 -38.39 -28.14 -6.17
CA VAL C 352 -38.14 -27.40 -7.40
C VAL C 352 -39.42 -27.18 -8.22
N GLU C 353 -40.45 -27.99 -8.00
CA GLU C 353 -41.70 -27.85 -8.75
C GLU C 353 -42.43 -26.58 -8.35
N GLY C 354 -43.38 -26.17 -9.19
CA GLY C 354 -44.08 -24.92 -8.98
C GLY C 354 -45.13 -24.99 -7.90
N LEU C 355 -45.84 -23.86 -7.74
CA LEU C 355 -46.97 -23.66 -6.83
C LEU C 355 -46.68 -24.00 -5.38
N PRO C 356 -45.97 -23.15 -4.64
CA PRO C 356 -45.86 -23.36 -3.20
C PRO C 356 -47.20 -23.19 -2.53
N PRO C 357 -47.43 -23.84 -1.37
CA PRO C 357 -46.57 -24.76 -0.61
C PRO C 357 -46.59 -26.17 -1.19
N TYR C 358 -46.04 -27.13 -0.44
CA TYR C 358 -45.72 -28.43 -1.00
C TYR C 358 -46.12 -29.53 -0.04
N LYS C 359 -46.90 -30.48 -0.52
CA LYS C 359 -47.33 -31.61 0.30
C LYS C 359 -46.13 -32.54 0.50
N LEU C 360 -45.66 -32.64 1.74
CA LEU C 360 -44.49 -33.45 2.03
C LEU C 360 -44.83 -34.92 1.93
N LYS C 361 -44.01 -35.67 1.20
CA LYS C 361 -44.22 -37.09 1.04
C LYS C 361 -43.80 -37.85 2.29
N ASN C 362 -44.02 -39.16 2.27
CA ASN C 362 -43.66 -40.02 3.39
C ASN C 362 -42.23 -40.52 3.32
N THR C 363 -41.40 -39.92 2.47
CA THR C 363 -40.04 -40.38 2.29
C THR C 363 -39.16 -39.99 3.48
N VAL C 364 -37.93 -40.51 3.49
CA VAL C 364 -37.00 -40.18 4.55
C VAL C 364 -36.40 -38.80 4.36
N GLY C 365 -36.32 -38.32 3.13
CA GLY C 365 -35.85 -36.96 2.89
C GLY C 365 -36.85 -35.93 3.39
N ASP C 366 -38.13 -36.15 3.15
CA ASP C 366 -39.15 -35.41 3.84
C ASP C 366 -39.22 -35.89 5.29
N TYR C 367 -39.93 -35.11 6.12
CA TYR C 367 -39.94 -35.17 7.58
C TYR C 367 -38.55 -34.98 8.19
N PHE C 368 -37.59 -34.50 7.41
CA PHE C 368 -36.21 -34.32 7.83
C PHE C 368 -35.64 -33.00 7.36
N ARG C 369 -36.16 -32.41 6.29
CA ARG C 369 -35.89 -31.01 5.96
C ARG C 369 -37.06 -30.11 6.28
N VAL C 370 -38.27 -30.65 6.42
CA VAL C 370 -39.38 -29.84 6.88
C VAL C 370 -39.19 -29.52 8.36
N THR C 371 -38.61 -30.45 9.10
CA THR C 371 -38.11 -30.12 10.43
C THR C 371 -36.95 -29.15 10.36
N GLY C 372 -36.16 -29.21 9.27
CA GLY C 372 -35.13 -28.21 9.08
C GLY C 372 -35.68 -26.84 8.76
N GLU C 373 -36.83 -26.78 8.09
CA GLU C 373 -37.44 -25.49 7.78
C GLU C 373 -38.03 -24.86 9.02
N ILE C 374 -38.80 -25.64 9.80
CA ILE C 374 -39.53 -25.07 10.93
C ILE C 374 -38.58 -24.66 12.05
N LEU C 375 -37.38 -25.23 12.11
CA LEU C 375 -36.36 -24.67 12.98
C LEU C 375 -35.80 -23.38 12.42
N SER C 376 -35.65 -23.31 11.11
CA SER C 376 -35.07 -22.13 10.50
C SER C 376 -36.04 -20.96 10.49
N VAL C 377 -37.34 -21.23 10.40
CA VAL C 377 -38.32 -20.17 10.54
C VAL C 377 -38.35 -19.68 11.97
N SER C 378 -38.25 -20.61 12.94
CA SER C 378 -38.27 -20.25 14.35
C SER C 378 -37.06 -19.41 14.75
N GLY C 379 -35.93 -19.60 14.06
CA GLY C 379 -34.80 -18.71 14.28
C GLY C 379 -35.06 -17.31 13.79
N GLY C 380 -35.78 -17.18 12.68
CA GLY C 380 -36.18 -15.86 12.22
C GLY C 380 -37.21 -15.22 13.12
N VAL C 381 -38.04 -16.03 13.77
CA VAL C 381 -38.96 -15.50 14.77
C VAL C 381 -38.19 -15.06 16.00
N TYR C 382 -37.16 -15.82 16.38
CA TYR C 382 -36.40 -15.50 17.58
C TYR C 382 -35.63 -14.21 17.45
N PHE C 383 -34.94 -14.02 16.32
CA PHE C 383 -34.21 -12.77 16.11
C PHE C 383 -35.14 -11.60 15.86
N PHE C 384 -36.40 -11.86 15.52
CA PHE C 384 -37.37 -10.79 15.38
C PHE C 384 -37.79 -10.26 16.74
N PHE C 385 -38.19 -11.15 17.65
CA PHE C 385 -38.60 -10.70 18.98
C PHE C 385 -37.42 -10.25 19.80
N ARG C 386 -36.23 -10.79 19.56
CA ARG C 386 -35.06 -10.29 20.26
C ARG C 386 -34.63 -8.95 19.67
N GLY C 387 -34.97 -8.69 18.42
CA GLY C 387 -34.69 -7.39 17.83
C GLY C 387 -35.64 -6.31 18.26
N ILE C 388 -36.88 -6.67 18.59
CA ILE C 388 -37.83 -5.69 19.08
C ILE C 388 -37.45 -5.26 20.50
N GLN C 389 -37.16 -6.22 21.37
CA GLN C 389 -36.85 -5.90 22.76
C GLN C 389 -35.50 -5.22 22.92
N TYR C 390 -34.67 -5.20 21.89
CA TYR C 390 -33.57 -4.24 21.87
C TYR C 390 -34.12 -2.83 21.80
N PHE C 391 -34.99 -2.57 20.83
CA PHE C 391 -35.51 -1.22 20.64
C PHE C 391 -36.45 -0.80 21.76
N LEU C 392 -37.14 -1.76 22.36
CA LEU C 392 -38.04 -1.44 23.47
C LEU C 392 -37.29 -1.07 24.75
N GLN C 393 -36.00 -1.37 24.85
CA GLN C 393 -35.23 -1.04 26.03
C GLN C 393 -34.35 0.19 25.85
N ARG C 394 -33.46 0.17 24.87
CA ARG C 394 -32.47 1.26 24.78
C ARG C 394 -33.04 2.48 24.10
N ARG C 395 -33.90 2.30 23.08
CA ARG C 395 -34.53 3.34 22.28
C ARG C 395 -33.50 4.29 21.68
N PRO C 396 -32.76 3.87 20.64
CA PRO C 396 -31.72 4.75 20.08
C PRO C 396 -32.24 6.01 19.42
N SER C 397 -33.51 6.04 19.03
CA SER C 397 -34.23 7.25 18.60
C SER C 397 -33.62 7.89 17.35
N LEU C 398 -33.53 7.07 16.29
CA LEU C 398 -33.33 7.46 14.89
C LEU C 398 -32.00 8.14 14.58
N LYS C 399 -31.12 8.36 15.56
CA LYS C 399 -29.77 8.82 15.25
C LYS C 399 -28.72 7.85 15.74
N SER C 400 -28.83 7.37 16.98
CA SER C 400 -27.98 6.28 17.45
C SER C 400 -28.36 4.94 16.81
N LEU C 401 -29.52 4.88 16.14
CA LEU C 401 -29.90 3.70 15.39
C LEU C 401 -28.93 3.44 14.25
N PHE C 402 -28.78 4.40 13.35
CA PHE C 402 -27.98 4.21 12.15
C PHE C 402 -26.50 4.52 12.35
N VAL C 403 -26.06 4.81 13.58
CA VAL C 403 -24.69 5.21 13.84
C VAL C 403 -24.02 4.27 14.84
N ASP C 404 -24.69 3.92 15.92
CA ASP C 404 -24.05 3.16 16.99
C ASP C 404 -24.59 1.75 17.15
N SER C 405 -25.51 1.32 16.29
CA SER C 405 -26.14 0.02 16.47
C SER C 405 -26.23 -0.73 15.15
N TYR C 406 -25.11 -0.82 14.42
CA TYR C 406 -25.11 -1.51 13.14
C TYR C 406 -25.37 -2.99 13.28
N SER C 407 -24.92 -3.59 14.38
CA SER C 407 -25.02 -5.04 14.52
C SER C 407 -26.45 -5.51 14.74
N GLU C 408 -27.22 -4.81 15.56
CA GLU C 408 -28.55 -5.28 15.91
C GLU C 408 -29.54 -5.05 14.78
N ILE C 409 -29.27 -4.09 13.90
CA ILE C 409 -30.10 -3.91 12.71
C ILE C 409 -29.91 -5.10 11.77
N LEU C 410 -28.67 -5.54 11.59
CA LEU C 410 -28.40 -6.60 10.63
C LEU C 410 -28.91 -7.96 11.10
N PHE C 411 -28.97 -8.20 12.40
CA PHE C 411 -29.73 -9.35 12.87
C PHE C 411 -31.22 -9.17 12.65
N PHE C 412 -31.71 -7.93 12.69
CA PHE C 412 -33.13 -7.72 12.56
C PHE C 412 -33.58 -7.80 11.10
N VAL C 413 -32.79 -7.22 10.19
CA VAL C 413 -33.13 -7.25 8.78
C VAL C 413 -33.02 -8.66 8.22
N GLN C 414 -32.08 -9.45 8.75
CA GLN C 414 -32.02 -10.88 8.43
C GLN C 414 -33.31 -11.59 8.82
N SER C 415 -33.78 -11.36 10.04
CA SER C 415 -35.03 -11.95 10.46
C SER C 415 -36.22 -11.34 9.73
N LEU C 416 -36.09 -10.12 9.23
CA LEU C 416 -37.18 -9.50 8.50
C LEU C 416 -37.36 -10.15 7.13
N PHE C 417 -36.26 -10.48 6.44
CA PHE C 417 -36.39 -11.21 5.18
C PHE C 417 -36.93 -12.61 5.38
N MET C 418 -36.59 -13.24 6.51
CA MET C 418 -37.05 -14.61 6.75
C MET C 418 -38.55 -14.66 6.96
N LEU C 419 -39.11 -13.65 7.64
CA LEU C 419 -40.54 -13.64 7.88
C LEU C 419 -41.33 -13.23 6.64
N VAL C 420 -40.77 -12.34 5.82
CA VAL C 420 -41.40 -12.02 4.53
C VAL C 420 -41.37 -13.24 3.63
N SER C 421 -40.32 -14.04 3.71
CA SER C 421 -40.24 -15.27 2.93
C SER C 421 -41.20 -16.35 3.41
N VAL C 422 -41.77 -16.22 4.60
CA VAL C 422 -42.83 -17.12 5.04
C VAL C 422 -44.19 -16.64 4.53
N VAL C 423 -44.40 -15.33 4.56
CA VAL C 423 -45.67 -14.75 4.09
C VAL C 423 -45.83 -14.98 2.59
N LEU C 424 -44.75 -14.82 1.82
CA LEU C 424 -44.82 -15.12 0.41
C LEU C 424 -44.88 -16.62 0.13
N TYR C 425 -44.51 -17.45 1.10
CA TYR C 425 -44.55 -18.89 0.87
C TYR C 425 -45.97 -19.42 0.91
N PHE C 426 -46.73 -19.01 1.92
CA PHE C 426 -48.10 -19.50 2.04
C PHE C 426 -49.09 -18.69 1.23
N SER C 427 -48.67 -17.59 0.62
CA SER C 427 -49.51 -16.86 -0.32
C SER C 427 -49.32 -17.35 -1.74
N GLN C 428 -48.73 -18.53 -1.92
CA GLN C 428 -48.67 -19.26 -3.19
C GLN C 428 -47.92 -18.49 -4.28
N ARG C 429 -46.85 -17.80 -3.91
CA ARG C 429 -46.06 -17.06 -4.87
C ARG C 429 -44.62 -17.58 -4.84
N LYS C 430 -44.02 -17.72 -6.02
CA LYS C 430 -42.67 -18.27 -6.11
C LYS C 430 -41.61 -17.27 -5.65
N GLU C 431 -41.97 -16.00 -5.51
CA GLU C 431 -41.00 -15.01 -5.09
C GLU C 431 -40.59 -15.11 -3.64
N TYR C 432 -40.94 -16.15 -2.88
CA TYR C 432 -40.42 -16.30 -1.53
C TYR C 432 -38.94 -16.61 -1.56
N VAL C 433 -38.47 -17.25 -2.64
CA VAL C 433 -37.09 -17.65 -2.74
C VAL C 433 -36.17 -16.46 -2.96
N ALA C 434 -36.74 -15.31 -3.36
CA ALA C 434 -35.95 -14.08 -3.35
C ALA C 434 -35.62 -13.67 -1.92
N SER C 435 -36.64 -13.58 -1.07
CA SER C 435 -36.41 -13.11 0.30
C SER C 435 -35.75 -14.15 1.16
N MET C 436 -35.84 -15.43 0.80
CA MET C 436 -35.10 -16.46 1.51
C MET C 436 -33.61 -16.30 1.27
N VAL C 437 -33.23 -15.99 0.04
CA VAL C 437 -31.81 -15.85 -0.33
C VAL C 437 -31.19 -14.65 0.37
N PHE C 438 -31.88 -13.51 0.35
CA PHE C 438 -31.39 -12.37 1.11
C PHE C 438 -31.44 -12.60 2.61
N SER C 439 -32.25 -13.52 3.09
CA SER C 439 -32.15 -13.93 4.48
C SER C 439 -31.01 -14.90 4.72
N LEU C 440 -30.50 -15.53 3.67
CA LEU C 440 -29.40 -16.48 3.78
C LEU C 440 -28.06 -15.85 3.46
N ALA C 441 -28.03 -14.93 2.51
CA ALA C 441 -26.81 -14.17 2.25
C ALA C 441 -26.49 -13.25 3.40
N MET C 442 -27.51 -12.67 4.03
CA MET C 442 -27.27 -11.81 5.19
C MET C 442 -26.80 -12.62 6.38
N GLY C 443 -27.33 -13.83 6.53
CA GLY C 443 -27.09 -14.59 7.74
C GLY C 443 -25.67 -15.08 7.88
N TRP C 444 -25.01 -15.37 6.77
CA TRP C 444 -23.61 -15.74 6.88
C TRP C 444 -22.70 -14.54 7.06
N THR C 445 -23.06 -13.40 6.48
CA THR C 445 -22.29 -12.20 6.74
C THR C 445 -22.49 -11.70 8.16
N ASN C 446 -23.58 -12.07 8.81
CA ASN C 446 -23.79 -11.77 10.22
C ASN C 446 -22.97 -12.65 11.14
N MET C 447 -22.30 -13.67 10.62
CA MET C 447 -21.45 -14.51 11.45
C MET C 447 -20.15 -13.80 11.79
N LEU C 448 -19.86 -12.66 11.16
CA LEU C 448 -18.76 -11.82 11.61
C LEU C 448 -19.05 -11.09 12.91
N TYR C 449 -20.29 -11.11 13.38
CA TYR C 449 -20.59 -10.57 14.70
C TYR C 449 -19.85 -11.33 15.79
N TYR C 450 -19.69 -12.63 15.63
CA TYR C 450 -19.06 -13.42 16.67
C TYR C 450 -17.55 -13.41 16.59
N THR C 451 -16.96 -12.61 15.72
CA THR C 451 -15.52 -12.46 15.73
C THR C 451 -15.03 -11.68 16.94
N ARG C 452 -15.88 -10.88 17.56
CA ARG C 452 -15.57 -10.36 18.88
C ARG C 452 -15.55 -11.52 19.87
N GLY C 453 -14.77 -11.35 20.93
CA GLY C 453 -14.42 -12.51 21.72
C GLY C 453 -13.24 -13.28 21.19
N PHE C 454 -12.69 -12.85 20.06
CA PHE C 454 -11.41 -13.33 19.56
C PHE C 454 -10.63 -12.09 19.19
N GLN C 455 -9.54 -11.84 19.91
CA GLN C 455 -8.93 -10.52 19.93
C GLN C 455 -8.32 -10.14 18.59
N GLN C 456 -7.60 -11.06 17.96
CA GLN C 456 -7.02 -10.75 16.67
C GLN C 456 -8.08 -10.71 15.58
N MET C 457 -9.15 -11.47 15.73
CA MET C 457 -10.23 -11.43 14.75
C MET C 457 -11.17 -10.28 15.00
N GLY C 458 -11.41 -9.94 16.27
CA GLY C 458 -12.36 -8.90 16.58
C GLY C 458 -11.88 -7.52 16.20
N ILE C 459 -10.60 -7.25 16.37
CA ILE C 459 -10.04 -5.98 15.91
C ILE C 459 -10.03 -5.94 14.39
N TYR C 460 -9.89 -7.10 13.74
CA TYR C 460 -9.96 -7.15 12.29
C TYR C 460 -11.36 -6.82 11.77
N ALA C 461 -12.40 -7.30 12.44
CA ALA C 461 -13.74 -7.02 11.97
C ALA C 461 -14.19 -5.60 12.30
N VAL C 462 -13.55 -4.95 13.26
CA VAL C 462 -13.80 -3.53 13.46
C VAL C 462 -13.24 -2.73 12.31
N MET C 463 -12.08 -3.15 11.79
CA MET C 463 -11.47 -2.45 10.67
C MET C 463 -12.29 -2.63 9.39
N ILE C 464 -13.01 -3.73 9.25
CA ILE C 464 -13.89 -3.90 8.10
C ILE C 464 -15.04 -2.90 8.17
N GLU C 465 -15.53 -2.63 9.38
CA GLU C 465 -16.53 -1.58 9.58
C GLU C 465 -15.99 -0.20 9.20
N LYS C 466 -14.72 0.06 9.49
CA LYS C 466 -14.18 1.36 9.18
C LYS C 466 -13.93 1.55 7.69
N MET C 467 -13.64 0.47 6.97
CA MET C 467 -13.41 0.61 5.54
C MET C 467 -14.71 0.82 4.79
N ILE C 468 -15.81 0.28 5.30
CA ILE C 468 -17.10 0.53 4.67
C ILE C 468 -17.52 1.96 4.89
N LEU C 469 -17.41 2.43 6.13
CA LEU C 469 -17.99 3.71 6.47
C LEU C 469 -17.11 4.90 6.10
N ARG C 470 -15.82 4.67 5.85
CA ARG C 470 -14.93 5.77 5.52
C ARG C 470 -14.27 5.66 4.16
N ASP C 471 -14.28 4.51 3.53
CA ASP C 471 -13.71 4.39 2.19
C ASP C 471 -14.74 4.05 1.13
N LEU C 472 -15.58 3.03 1.34
CA LEU C 472 -16.64 2.81 0.38
C LEU C 472 -17.77 3.82 0.50
N CYS C 473 -17.82 4.58 1.58
CA CYS C 473 -18.66 5.76 1.57
C CYS C 473 -18.11 6.82 0.62
N ARG C 474 -16.79 6.85 0.46
CA ARG C 474 -16.17 7.86 -0.38
C ARG C 474 -15.72 7.34 -1.73
N PHE C 475 -15.51 6.02 -1.86
CA PHE C 475 -15.20 5.47 -3.16
C PHE C 475 -16.45 5.25 -4.00
N MET C 476 -17.46 4.60 -3.43
CA MET C 476 -18.63 4.22 -4.22
C MET C 476 -19.50 5.40 -4.59
N PHE C 477 -19.29 6.57 -3.99
CA PHE C 477 -19.93 7.75 -4.55
C PHE C 477 -19.24 8.16 -5.84
N VAL C 478 -17.92 8.30 -5.79
CA VAL C 478 -17.17 8.81 -6.93
C VAL C 478 -17.10 7.78 -8.04
N TYR C 479 -17.02 6.49 -7.68
CA TYR C 479 -16.98 5.43 -8.68
C TYR C 479 -18.28 5.35 -9.47
N LEU C 480 -19.42 5.45 -8.80
CA LEU C 480 -20.69 5.39 -9.51
C LEU C 480 -20.97 6.64 -10.31
N VAL C 481 -20.29 7.75 -10.03
CA VAL C 481 -20.40 8.91 -10.88
C VAL C 481 -19.68 8.68 -12.21
N PHE C 482 -18.46 8.16 -12.15
CA PHE C 482 -17.75 7.81 -13.37
C PHE C 482 -18.40 6.64 -14.10
N LEU C 483 -18.96 5.69 -13.35
CA LEU C 483 -19.59 4.53 -13.98
C LEU C 483 -20.86 4.92 -14.71
N PHE C 484 -21.81 5.55 -14.01
CA PHE C 484 -23.03 6.01 -14.63
C PHE C 484 -22.76 7.16 -15.59
N GLY C 485 -21.68 7.90 -15.41
CA GLY C 485 -21.35 8.94 -16.34
C GLY C 485 -20.95 8.44 -17.70
N PHE C 486 -19.96 7.55 -17.75
CA PHE C 486 -19.48 7.09 -19.04
C PHE C 486 -20.40 6.06 -19.66
N SER C 487 -21.17 5.31 -18.86
CA SER C 487 -22.12 4.37 -19.45
C SER C 487 -23.24 5.07 -20.17
N THR C 488 -23.69 6.21 -19.65
CA THR C 488 -24.61 7.03 -20.43
C THR C 488 -23.93 7.69 -21.62
N ALA C 489 -22.61 7.78 -21.62
CA ALA C 489 -21.91 8.29 -22.79
C ALA C 489 -21.68 7.20 -23.82
N VAL C 490 -21.67 5.94 -23.39
CA VAL C 490 -21.48 4.85 -24.34
C VAL C 490 -22.78 4.45 -25.02
N VAL C 491 -23.91 4.55 -24.32
CA VAL C 491 -25.21 4.20 -24.91
C VAL C 491 -25.54 5.13 -26.07
N THR C 492 -25.43 6.43 -25.85
CA THR C 492 -25.83 7.41 -26.85
C THR C 492 -24.95 7.39 -28.09
N LEU C 493 -23.76 6.81 -27.98
CA LEU C 493 -22.96 6.53 -29.16
C LEU C 493 -23.38 5.24 -29.85
N ILE C 494 -23.76 4.21 -29.09
CA ILE C 494 -24.19 2.95 -29.68
C ILE C 494 -25.52 3.13 -30.38
N GLU C 495 -25.57 2.79 -31.66
CA GLU C 495 -26.76 3.02 -32.46
C GLU C 495 -27.88 2.05 -32.08
N ASP C 496 -27.64 0.76 -32.30
CA ASP C 496 -28.64 -0.25 -31.96
C ASP C 496 -27.91 -1.57 -31.76
N GLY C 497 -28.62 -2.53 -31.16
CA GLY C 497 -28.07 -3.85 -30.94
C GLY C 497 -28.38 -4.36 -29.54
N LYS C 498 -27.55 -5.30 -29.09
CA LYS C 498 -27.78 -5.94 -27.79
C LYS C 498 -27.48 -4.99 -26.64
N TYR C 499 -26.40 -4.22 -26.76
CA TYR C 499 -25.97 -3.33 -25.70
C TYR C 499 -26.55 -1.94 -25.83
N ASN C 500 -27.73 -1.81 -26.44
CA ASN C 500 -28.31 -0.49 -26.65
C ASN C 500 -28.94 0.03 -25.37
N SER C 501 -29.28 -0.85 -24.43
CA SER C 501 -29.90 -0.37 -23.21
C SER C 501 -28.84 0.18 -22.26
N LEU C 502 -29.31 0.91 -21.26
CA LEU C 502 -28.40 1.44 -20.25
C LEU C 502 -27.90 0.34 -19.33
N TYR C 503 -28.75 -0.66 -19.07
CA TYR C 503 -28.36 -1.72 -18.15
C TYR C 503 -27.33 -2.66 -18.75
N SER C 504 -27.44 -2.96 -20.05
CA SER C 504 -26.59 -3.97 -20.63
C SER C 504 -25.16 -3.48 -20.80
N THR C 505 -24.94 -2.17 -20.86
CA THR C 505 -23.59 -1.67 -20.94
C THR C 505 -23.06 -1.13 -19.62
N CYS C 506 -23.92 -0.95 -18.62
CA CYS C 506 -23.41 -0.61 -17.31
C CYS C 506 -22.75 -1.81 -16.66
N LEU C 507 -23.17 -3.02 -17.02
CA LEU C 507 -22.39 -4.19 -16.65
C LEU C 507 -21.06 -4.21 -17.39
N GLU C 508 -21.06 -3.86 -18.68
CA GLU C 508 -19.85 -4.01 -19.48
C GLU C 508 -18.78 -3.01 -19.08
N LEU C 509 -19.18 -1.88 -18.50
CA LEU C 509 -18.20 -1.03 -17.87
C LEU C 509 -17.92 -1.42 -16.43
N PHE C 510 -18.78 -2.19 -15.80
CA PHE C 510 -18.43 -2.69 -14.49
C PHE C 510 -17.43 -3.82 -14.57
N LYS C 511 -17.39 -4.54 -15.69
CA LYS C 511 -16.46 -5.65 -15.85
C LYS C 511 -15.01 -5.20 -15.96
N PHE C 512 -14.75 -3.93 -16.23
CA PHE C 512 -13.38 -3.44 -16.19
C PHE C 512 -12.87 -3.37 -14.76
N THR C 513 -13.75 -3.12 -13.81
CA THR C 513 -13.35 -3.07 -12.41
C THR C 513 -13.01 -4.45 -11.90
N ILE C 514 -13.75 -5.47 -12.34
CA ILE C 514 -13.49 -6.84 -11.93
C ILE C 514 -12.17 -7.32 -12.50
N GLY C 515 -11.97 -7.13 -13.79
CA GLY C 515 -10.80 -7.66 -14.46
C GLY C 515 -11.22 -8.49 -15.65
N MET C 516 -12.44 -8.26 -16.11
CA MET C 516 -13.01 -8.94 -17.25
C MET C 516 -13.53 -7.93 -18.26
N GLY C 517 -12.89 -6.77 -18.33
CA GLY C 517 -13.36 -5.74 -19.23
C GLY C 517 -12.98 -6.03 -20.66
N ASP C 518 -13.98 -5.90 -21.54
CA ASP C 518 -13.80 -6.19 -22.96
C ASP C 518 -13.79 -4.86 -23.69
N LEU C 519 -12.68 -4.55 -24.36
CA LEU C 519 -12.60 -3.29 -25.08
C LEU C 519 -13.44 -3.31 -26.34
N GLU C 520 -13.42 -4.40 -27.09
CA GLU C 520 -14.24 -4.50 -28.28
C GLU C 520 -15.50 -5.31 -28.00
N PHE C 521 -16.34 -4.80 -27.10
CA PHE C 521 -17.52 -5.57 -26.73
C PHE C 521 -18.69 -5.34 -27.68
N THR C 522 -18.58 -4.37 -28.58
CA THR C 522 -19.60 -4.17 -29.59
C THR C 522 -18.97 -3.55 -30.81
N GLU C 523 -19.63 -3.72 -31.94
CA GLU C 523 -19.18 -3.17 -33.21
C GLU C 523 -20.22 -2.32 -33.91
N ASN C 524 -21.49 -2.44 -33.53
CA ASN C 524 -22.58 -1.77 -34.23
C ASN C 524 -22.78 -0.37 -33.67
N TYR C 525 -22.00 0.55 -34.21
CA TYR C 525 -22.08 1.97 -33.90
C TYR C 525 -21.45 2.74 -35.06
N ASP C 526 -21.13 4.00 -34.81
CA ASP C 526 -20.29 4.78 -35.69
C ASP C 526 -19.20 5.44 -34.84
N PHE C 527 -18.14 5.90 -35.51
CA PHE C 527 -17.03 6.65 -34.91
C PHE C 527 -16.30 5.83 -33.84
N LYS C 528 -15.61 4.79 -34.34
CA LYS C 528 -14.79 3.93 -33.49
C LYS C 528 -13.75 4.69 -32.70
N ALA C 529 -13.22 5.78 -33.24
CA ALA C 529 -12.27 6.60 -32.50
C ALA C 529 -12.91 7.25 -31.29
N VAL C 530 -14.19 7.58 -31.36
CA VAL C 530 -14.88 8.11 -30.18
C VAL C 530 -15.12 7.02 -29.17
N PHE C 531 -15.45 5.82 -29.64
CA PHE C 531 -15.87 4.74 -28.74
C PHE C 531 -14.72 4.22 -27.90
N ILE C 532 -13.49 4.32 -28.38
CA ILE C 532 -12.40 3.77 -27.61
C ILE C 532 -11.61 4.85 -26.87
N ILE C 533 -11.82 6.11 -27.20
CA ILE C 533 -11.36 7.17 -26.30
C ILE C 533 -12.15 7.13 -25.00
N LEU C 534 -13.47 6.89 -25.09
CA LEU C 534 -14.30 6.78 -23.91
C LEU C 534 -13.91 5.62 -23.01
N LEU C 535 -13.61 4.47 -23.59
CA LEU C 535 -13.22 3.33 -22.77
C LEU C 535 -11.84 3.53 -22.16
N LEU C 536 -10.91 4.09 -22.94
CA LEU C 536 -9.61 4.41 -22.37
C LEU C 536 -9.70 5.52 -21.34
N ALA C 537 -10.57 6.52 -21.56
CA ALA C 537 -10.78 7.50 -20.50
C ALA C 537 -11.53 6.92 -19.33
N TYR C 538 -12.23 5.80 -19.50
CA TYR C 538 -12.79 5.11 -18.36
C TYR C 538 -11.71 4.35 -17.60
N VAL C 539 -10.93 3.54 -18.32
CA VAL C 539 -9.95 2.66 -17.69
C VAL C 539 -8.84 3.45 -17.02
N ILE C 540 -8.39 4.55 -17.62
CA ILE C 540 -7.38 5.40 -17.00
C ILE C 540 -7.94 6.06 -15.73
N LEU C 541 -9.18 6.53 -15.80
CA LEU C 541 -9.74 7.27 -14.67
C LEU C 541 -10.16 6.35 -13.54
N THR C 542 -10.75 5.20 -13.84
CA THR C 542 -11.39 4.48 -12.74
C THR C 542 -10.71 3.16 -12.44
N TYR C 543 -9.82 2.68 -13.30
CA TYR C 543 -9.18 1.40 -13.01
C TYR C 543 -7.75 1.56 -12.56
N ILE C 544 -6.94 2.33 -13.29
CA ILE C 544 -5.56 2.47 -12.87
C ILE C 544 -5.40 3.73 -12.04
N LEU C 545 -6.50 4.39 -11.71
CA LEU C 545 -6.45 5.44 -10.70
C LEU C 545 -7.27 5.10 -9.47
N LEU C 546 -8.59 4.91 -9.60
CA LEU C 546 -9.43 4.87 -8.41
C LEU C 546 -9.29 3.57 -7.62
N LEU C 547 -9.10 2.44 -8.29
CA LEU C 547 -8.84 1.24 -7.53
C LEU C 547 -7.44 1.24 -6.94
N ASN C 548 -6.49 1.87 -7.62
CA ASN C 548 -5.16 1.98 -7.06
C ASN C 548 -5.03 3.11 -6.06
N MET C 549 -6.03 4.00 -6.00
CA MET C 549 -6.08 5.02 -4.97
C MET C 549 -6.80 4.52 -3.72
N LEU C 550 -7.77 3.63 -3.90
CA LEU C 550 -8.47 3.04 -2.77
C LEU C 550 -7.54 2.21 -1.93
N ILE C 551 -6.57 1.52 -2.55
CA ILE C 551 -5.61 0.73 -1.80
C ILE C 551 -4.69 1.64 -1.01
N ALA C 552 -4.35 2.80 -1.56
CA ALA C 552 -3.52 3.74 -0.83
C ALA C 552 -4.27 4.41 0.31
N LEU C 553 -5.55 4.69 0.13
CA LEU C 553 -6.31 5.31 1.20
C LEU C 553 -6.67 4.32 2.29
N MET C 554 -6.87 3.05 1.94
CA MET C 554 -6.96 2.04 2.98
C MET C 554 -5.63 1.89 3.70
N GLY C 555 -4.52 2.10 3.00
CA GLY C 555 -3.22 2.02 3.64
C GLY C 555 -2.94 3.13 4.63
N GLU C 556 -3.65 4.25 4.51
CA GLU C 556 -3.50 5.32 5.49
C GLU C 556 -4.46 5.19 6.66
N THR C 557 -5.65 4.66 6.44
CA THR C 557 -6.60 4.49 7.54
C THR C 557 -6.32 3.25 8.36
N VAL C 558 -5.38 2.40 7.96
CA VAL C 558 -4.94 1.36 8.86
C VAL C 558 -3.98 1.93 9.90
N ASN C 559 -3.01 2.73 9.46
CA ASN C 559 -2.08 3.36 10.39
C ASN C 559 -2.75 4.40 11.26
N LYS C 560 -3.87 4.95 10.82
CA LYS C 560 -4.59 5.93 11.63
C LYS C 560 -5.49 5.26 12.65
N ILE C 561 -6.03 4.08 12.35
CA ILE C 561 -7.01 3.44 13.21
C ILE C 561 -6.37 2.18 13.76
N ALA C 562 -5.06 2.22 13.98
CA ALA C 562 -4.40 1.07 14.60
C ALA C 562 -4.72 0.97 16.08
N GLN C 563 -5.02 2.10 16.72
CA GLN C 563 -5.31 2.14 18.15
C GLN C 563 -6.80 2.30 18.43
N GLU C 564 -7.48 3.14 17.64
CA GLU C 564 -8.90 3.40 17.87
C GLU C 564 -9.74 2.16 17.60
N SER C 565 -9.35 1.34 16.63
CA SER C 565 -10.12 0.14 16.34
C SER C 565 -9.94 -0.94 17.41
N LYS C 566 -8.86 -0.89 18.16
CA LYS C 566 -8.72 -1.80 19.29
C LYS C 566 -9.65 -1.40 20.42
N ASN C 567 -9.75 -0.10 20.69
CA ASN C 567 -10.61 0.37 21.77
C ASN C 567 -12.08 0.20 21.45
N ILE C 568 -12.44 0.27 20.16
CA ILE C 568 -13.81 0.00 19.79
C ILE C 568 -14.12 -1.49 19.94
N TRP C 569 -13.12 -2.35 19.80
CA TRP C 569 -13.33 -3.77 20.07
C TRP C 569 -13.57 -4.02 21.57
N LYS C 570 -12.88 -3.28 22.43
CA LYS C 570 -13.09 -3.42 23.87
C LYS C 570 -14.51 -3.03 24.25
N LEU C 571 -15.08 -2.06 23.55
CA LEU C 571 -16.44 -1.67 23.84
C LEU C 571 -17.44 -2.67 23.25
N GLN C 572 -17.08 -3.35 22.17
CA GLN C 572 -17.99 -4.36 21.62
C GLN C 572 -18.04 -5.59 22.50
N ARG C 573 -16.91 -5.95 23.11
CA ARG C 573 -16.94 -7.01 24.11
C ARG C 573 -17.74 -6.59 25.33
N ALA C 574 -17.57 -5.33 25.75
CA ALA C 574 -18.24 -4.83 26.95
C ALA C 574 -19.75 -4.80 26.82
N ILE C 575 -20.29 -4.66 25.62
CA ILE C 575 -21.73 -4.74 25.45
C ILE C 575 -22.19 -6.19 25.57
N THR C 576 -21.41 -7.13 25.02
CA THR C 576 -21.79 -8.53 25.08
C THR C 576 -21.69 -9.09 26.49
N ILE C 577 -20.81 -8.52 27.32
CA ILE C 577 -20.74 -8.93 28.72
C ILE C 577 -21.98 -8.45 29.46
N LEU C 578 -22.36 -7.19 29.25
CA LEU C 578 -23.52 -6.64 29.93
C LEU C 578 -24.83 -7.19 29.38
N ASP C 579 -24.84 -7.70 28.16
CA ASP C 579 -26.07 -8.23 27.60
C ASP C 579 -26.46 -9.56 28.22
N THR C 580 -25.49 -10.34 28.67
CA THR C 580 -25.81 -11.64 29.23
C THR C 580 -26.23 -11.55 30.68
N GLU C 581 -25.80 -10.50 31.39
CA GLU C 581 -26.28 -10.29 32.75
C GLU C 581 -27.75 -9.92 32.78
N LYS C 582 -28.26 -9.30 31.72
CA LYS C 582 -29.70 -9.17 31.57
C LYS C 582 -30.34 -10.41 30.97
N SER C 583 -29.54 -11.40 30.54
CA SER C 583 -30.07 -12.65 30.01
C SER C 583 -30.02 -13.77 31.04
N PHE C 584 -28.85 -14.02 31.62
CA PHE C 584 -28.70 -15.01 32.69
C PHE C 584 -28.85 -14.33 34.05
N LEU C 585 -29.99 -13.68 34.23
CA LEU C 585 -30.25 -12.87 35.41
C LEU C 585 -30.79 -13.66 36.59
N LYS C 586 -31.36 -14.85 36.34
CA LYS C 586 -31.93 -15.67 37.41
C LYS C 586 -30.87 -16.16 38.38
N CYS C 587 -29.67 -16.47 37.88
CA CYS C 587 -28.53 -16.77 38.74
C CYS C 587 -27.68 -15.51 38.82
N MET C 588 -28.17 -14.54 39.58
CA MET C 588 -27.53 -13.23 39.68
C MET C 588 -26.36 -13.22 40.66
N ARG C 589 -26.13 -14.30 41.40
CA ARG C 589 -25.02 -14.32 42.35
C ARG C 589 -23.69 -14.46 41.63
N LYS C 590 -23.65 -15.24 40.56
CA LYS C 590 -22.42 -15.44 39.80
C LYS C 590 -22.00 -14.20 39.02
N ALA C 591 -22.90 -13.24 38.81
CA ALA C 591 -22.55 -12.01 38.12
C ALA C 591 -21.70 -11.09 38.99
N PHE C 592 -21.80 -11.22 40.32
CA PHE C 592 -20.98 -10.41 41.21
C PHE C 592 -19.53 -10.83 41.13
N ARG C 593 -18.63 -9.86 41.25
CA ARG C 593 -17.21 -10.08 41.02
C ARG C 593 -16.39 -9.82 42.28
N SER C 594 -15.48 -10.75 42.56
CA SER C 594 -14.36 -10.58 43.49
C SER C 594 -14.79 -10.41 44.95
N GLY C 595 -15.93 -10.97 45.33
CA GLY C 595 -16.32 -11.02 46.72
C GLY C 595 -16.78 -9.71 47.33
N LYS C 596 -17.43 -9.79 48.48
CA LYS C 596 -17.92 -8.62 49.20
C LYS C 596 -17.43 -8.75 50.65
N LEU C 597 -16.20 -8.31 50.89
CA LEU C 597 -15.57 -8.56 52.19
C LEU C 597 -14.47 -7.54 52.42
N LEU C 598 -14.09 -7.43 53.70
CA LEU C 598 -13.05 -6.51 54.21
C LEU C 598 -13.36 -5.06 53.83
N GLN C 599 -14.59 -4.64 54.14
CA GLN C 599 -15.10 -3.41 53.56
C GLN C 599 -14.60 -2.17 54.28
N VAL C 600 -15.01 -1.99 55.53
CA VAL C 600 -14.85 -0.72 56.23
C VAL C 600 -13.88 -0.93 57.38
N GLY C 601 -12.62 -0.58 57.15
CA GLY C 601 -11.67 -0.57 58.23
C GLY C 601 -11.79 0.74 58.99
N PHE C 602 -12.43 0.66 60.17
CA PHE C 602 -12.70 1.79 61.06
C PHE C 602 -13.51 2.88 60.36
N THR C 603 -14.74 2.50 60.00
CA THR C 603 -15.67 3.48 59.47
C THR C 603 -16.10 4.45 60.58
N PRO C 604 -16.21 5.75 60.28
CA PRO C 604 -16.58 6.71 61.33
C PRO C 604 -18.02 6.62 61.76
N ASP C 605 -18.91 6.10 60.92
CA ASP C 605 -20.32 5.96 61.31
C ASP C 605 -20.56 4.78 62.23
N GLY C 606 -19.62 3.85 62.33
CA GLY C 606 -19.76 2.70 63.19
C GLY C 606 -18.99 1.52 62.61
N LYS C 607 -19.35 0.33 63.07
CA LYS C 607 -18.73 -0.92 62.62
C LYS C 607 -19.59 -1.49 61.49
N ASP C 608 -19.15 -1.26 60.26
CA ASP C 608 -19.87 -1.72 59.06
C ASP C 608 -18.88 -2.35 58.08
N ASP C 609 -18.03 -3.24 58.58
CA ASP C 609 -16.90 -3.77 57.83
C ASP C 609 -17.28 -4.83 56.80
N TYR C 610 -18.57 -5.05 56.53
CA TYR C 610 -19.04 -5.93 55.48
C TYR C 610 -20.00 -5.20 54.55
N ARG C 611 -19.79 -3.89 54.39
CA ARG C 611 -20.71 -3.06 53.64
C ARG C 611 -20.50 -3.19 52.13
N TRP C 612 -19.32 -2.84 51.64
CA TRP C 612 -19.10 -2.75 50.20
C TRP C 612 -18.07 -3.75 49.72
N CYS C 613 -18.14 -4.07 48.44
CA CYS C 613 -17.29 -5.09 47.83
C CYS C 613 -15.91 -4.52 47.53
N PHE C 614 -15.11 -5.32 46.85
CA PHE C 614 -13.76 -4.93 46.47
C PHE C 614 -13.32 -5.78 45.28
N ARG C 615 -12.11 -5.51 44.80
CA ARG C 615 -11.54 -6.31 43.72
C ARG C 615 -10.03 -6.25 43.80
N VAL C 616 -9.38 -7.41 43.89
CA VAL C 616 -7.96 -7.48 44.15
C VAL C 616 -7.20 -7.34 42.84
N ASP C 617 -6.15 -6.52 42.83
CA ASP C 617 -5.21 -6.43 41.72
C ASP C 617 -3.80 -6.65 42.28
N GLU C 618 -2.79 -6.39 41.44
CA GLU C 618 -1.40 -6.52 41.85
C GLU C 618 -0.56 -5.46 41.15
N VAL C 619 0.61 -5.18 41.70
CA VAL C 619 1.48 -4.13 41.22
C VAL C 619 2.88 -4.69 40.99
N ASN C 620 3.80 -3.81 40.60
CA ASN C 620 5.13 -4.18 40.15
C ASN C 620 6.19 -3.74 41.16
N TRP C 621 7.45 -3.95 40.78
CA TRP C 621 8.60 -3.72 41.64
C TRP C 621 9.02 -2.26 41.69
N THR C 622 10.23 -2.02 42.20
CA THR C 622 10.89 -0.71 42.30
C THR C 622 10.06 0.26 43.16
N THR C 623 9.94 -0.11 44.43
CA THR C 623 9.31 0.68 45.51
C THR C 623 7.87 1.10 45.20
N THR D 230 -2.54 48.85 -0.49
CA THR D 230 -2.45 48.91 0.98
C THR D 230 -1.36 47.97 1.46
N PRO D 231 -0.68 48.34 2.55
CA PRO D 231 0.34 47.44 3.10
C PRO D 231 -0.21 46.16 3.69
N LEU D 232 -1.49 46.12 4.04
CA LEU D 232 -2.07 44.85 4.51
C LEU D 232 -2.21 43.88 3.34
N ALA D 233 -2.80 44.33 2.24
CA ALA D 233 -2.98 43.46 1.08
C ALA D 233 -1.66 43.13 0.41
N LEU D 234 -0.64 43.96 0.58
CA LEU D 234 0.69 43.63 0.07
C LEU D 234 1.28 42.46 0.83
N ALA D 235 0.95 42.32 2.12
CA ALA D 235 1.36 41.13 2.84
C ALA D 235 0.57 39.91 2.40
N ALA D 236 -0.70 40.11 2.03
CA ALA D 236 -1.52 38.99 1.57
C ALA D 236 -1.16 38.57 0.16
N SER D 237 -0.78 39.52 -0.70
CA SER D 237 -0.49 39.20 -2.09
C SER D 237 0.81 38.43 -2.20
N SER D 238 1.83 38.84 -1.46
CA SER D 238 3.10 38.11 -1.46
C SER D 238 3.06 36.90 -0.53
N GLY D 239 2.05 36.79 0.32
CA GLY D 239 1.95 35.62 1.18
C GLY D 239 2.82 35.67 2.41
N LYS D 240 3.03 36.84 2.98
CA LYS D 240 3.79 36.96 4.23
C LYS D 240 2.87 36.56 5.37
N ILE D 241 2.96 35.29 5.78
CA ILE D 241 2.02 34.77 6.77
C ILE D 241 2.31 35.28 8.17
N GLY D 242 3.55 35.69 8.44
CA GLY D 242 3.88 36.15 9.77
C GLY D 242 3.36 37.55 10.00
N VAL D 243 3.47 38.39 8.98
CA VAL D 243 2.99 39.75 9.07
C VAL D 243 1.47 39.77 9.07
N LEU D 244 0.85 38.91 8.26
CA LEU D 244 -0.61 38.86 8.18
C LEU D 244 -1.21 38.32 9.47
N ALA D 245 -0.51 37.45 10.17
CA ALA D 245 -0.96 37.04 11.49
C ALA D 245 -0.80 38.17 12.49
N TYR D 246 0.19 39.03 12.29
CA TYR D 246 0.46 40.10 13.24
C TYR D 246 -0.56 41.23 13.12
N ILE D 247 -0.96 41.57 11.90
CA ILE D 247 -1.84 42.72 11.70
C ILE D 247 -3.26 42.38 12.12
N LEU D 248 -3.72 41.18 11.80
CA LEU D 248 -5.10 40.80 12.12
C LEU D 248 -5.29 40.44 13.58
N GLN D 249 -4.22 40.38 14.38
CA GLN D 249 -4.35 39.89 15.76
C GLN D 249 -3.63 40.81 16.74
N ARG D 250 -3.49 42.10 16.43
CA ARG D 250 -2.78 42.98 17.34
C ARG D 250 -3.72 43.46 18.45
N GLU D 251 -3.15 43.64 19.64
CA GLU D 251 -3.88 44.11 20.82
C GLU D 251 -2.86 44.57 21.85
N ILE D 252 -3.09 45.75 22.43
CA ILE D 252 -2.21 46.28 23.46
C ILE D 252 -3.02 47.21 24.37
N HIS D 253 -2.65 47.23 25.65
CA HIS D 253 -3.31 48.04 26.64
C HIS D 253 -2.55 49.35 26.80
N GLU D 254 -3.09 50.43 26.23
CA GLU D 254 -2.45 51.74 26.23
C GLU D 254 -3.51 52.77 25.90
N PRO D 255 -3.40 53.99 26.41
CA PRO D 255 -4.24 55.08 25.90
C PRO D 255 -3.85 55.40 24.46
N GLU D 256 -4.86 55.77 23.67
CA GLU D 256 -4.75 56.05 22.22
C GLU D 256 -4.18 54.85 21.47
N CYS D 257 -4.52 53.64 21.92
CA CYS D 257 -4.17 52.40 21.24
C CYS D 257 -5.36 51.74 20.58
N ARG D 258 -6.57 52.02 21.07
CA ARG D 258 -7.78 51.49 20.46
C ARG D 258 -8.02 52.05 19.06
N HIS D 259 -7.42 53.20 18.73
CA HIS D 259 -7.41 53.65 17.35
C HIS D 259 -6.53 52.79 16.46
N LEU D 260 -5.54 52.11 17.05
CA LEU D 260 -4.60 51.32 16.27
C LEU D 260 -4.80 49.81 16.40
N SER D 261 -5.49 49.35 17.44
CA SER D 261 -5.58 47.92 17.69
C SER D 261 -6.62 47.27 16.79
N ARG D 262 -6.43 45.97 16.54
CA ARG D 262 -7.30 45.17 15.70
C ARG D 262 -8.16 44.22 16.50
N LYS D 263 -7.54 43.41 17.36
CA LYS D 263 -8.25 42.44 18.18
C LYS D 263 -8.70 43.08 19.49
N PHE D 264 -10.01 43.13 19.71
CA PHE D 264 -10.57 43.72 20.92
C PHE D 264 -11.12 42.60 21.79
N THR D 265 -10.91 42.69 23.09
CA THR D 265 -11.42 41.71 24.05
C THR D 265 -12.47 42.41 24.92
N GLU D 266 -13.74 42.21 24.56
CA GLU D 266 -14.82 42.96 25.21
C GLU D 266 -15.23 42.36 26.55
N TRP D 267 -15.74 41.14 26.55
CA TRP D 267 -16.33 40.53 27.73
C TRP D 267 -15.32 39.60 28.38
N ALA D 268 -14.86 39.97 29.57
CA ALA D 268 -13.97 39.13 30.37
C ALA D 268 -14.77 38.63 31.57
N TYR D 269 -15.49 37.55 31.35
CA TYR D 269 -16.25 36.86 32.39
C TYR D 269 -15.35 35.78 33.01
N GLY D 270 -15.94 34.82 33.71
CA GLY D 270 -15.28 33.58 34.05
C GLY D 270 -14.67 32.93 32.82
N PRO D 271 -13.60 32.13 33.01
CA PRO D 271 -12.43 32.13 32.10
C PRO D 271 -12.64 32.11 30.58
N VAL D 272 -13.84 31.78 30.09
CA VAL D 272 -14.17 32.03 28.69
C VAL D 272 -14.23 33.53 28.45
N HIS D 273 -13.36 34.02 27.58
CA HIS D 273 -13.26 35.44 27.28
C HIS D 273 -13.59 35.69 25.81
N SER D 274 -14.43 36.69 25.55
CA SER D 274 -14.80 37.01 24.19
C SER D 274 -13.67 37.73 23.47
N SER D 275 -13.83 37.89 22.16
CA SER D 275 -12.83 38.54 21.33
C SER D 275 -13.50 39.14 20.11
N LEU D 276 -13.11 40.36 19.76
CA LEU D 276 -13.71 41.08 18.64
C LEU D 276 -12.59 41.52 17.70
N TYR D 277 -12.74 41.21 16.42
CA TYR D 277 -11.74 41.54 15.41
C TYR D 277 -12.27 42.67 14.54
N ASP D 278 -11.43 43.70 14.32
CA ASP D 278 -11.93 44.98 13.83
C ASP D 278 -12.42 44.90 12.39
N LEU D 279 -11.79 44.05 11.56
CA LEU D 279 -12.37 43.55 10.30
C LEU D 279 -12.64 44.67 9.30
N SER D 280 -11.72 45.64 9.21
CA SER D 280 -11.99 46.85 8.44
C SER D 280 -11.89 46.59 6.94
N CYS D 281 -10.71 46.20 6.47
CA CYS D 281 -10.50 45.92 5.05
C CYS D 281 -10.35 44.44 4.77
N ILE D 282 -10.75 43.59 5.72
CA ILE D 282 -10.58 42.15 5.54
C ILE D 282 -11.59 41.61 4.54
N ASP D 283 -12.88 41.77 4.84
CA ASP D 283 -13.94 41.16 4.04
C ASP D 283 -14.57 42.11 3.03
N THR D 284 -14.94 43.32 3.43
CA THR D 284 -15.75 44.20 2.61
C THR D 284 -15.02 45.49 2.23
N CYS D 285 -13.77 45.38 1.82
CA CYS D 285 -13.03 46.56 1.41
C CYS D 285 -13.44 46.98 0.00
N GLU D 286 -12.87 48.11 -0.44
CA GLU D 286 -13.15 48.66 -1.76
C GLU D 286 -12.04 48.23 -2.72
N LYS D 287 -12.37 47.28 -3.61
CA LYS D 287 -11.58 46.85 -4.76
C LYS D 287 -10.28 46.13 -4.42
N ASN D 288 -9.95 46.02 -3.13
CA ASN D 288 -8.81 45.19 -2.69
C ASN D 288 -9.14 44.72 -1.28
N SER D 289 -9.72 43.53 -1.17
CA SER D 289 -10.08 42.95 0.11
C SER D 289 -9.19 41.74 0.37
N VAL D 290 -8.95 41.47 1.65
CA VAL D 290 -7.94 40.48 2.03
C VAL D 290 -8.41 39.07 1.68
N LEU D 291 -9.71 38.83 1.73
CA LEU D 291 -10.22 37.55 1.25
C LEU D 291 -10.10 37.45 -0.26
N GLU D 292 -10.35 38.55 -0.97
CA GLU D 292 -10.25 38.52 -2.42
C GLU D 292 -8.81 38.47 -2.90
N VAL D 293 -7.87 38.99 -2.12
CA VAL D 293 -6.47 38.94 -2.52
C VAL D 293 -5.90 37.55 -2.33
N ILE D 294 -6.25 36.88 -1.24
CA ILE D 294 -5.75 35.54 -0.97
C ILE D 294 -6.34 34.54 -1.95
N ALA D 295 -7.66 34.54 -2.09
CA ALA D 295 -8.33 33.52 -2.87
C ALA D 295 -8.13 33.67 -4.37
N TYR D 296 -7.64 34.82 -4.84
CA TYR D 296 -7.39 35.00 -6.26
C TYR D 296 -5.89 35.03 -6.55
N SER D 297 -5.11 34.30 -5.78
CA SER D 297 -3.67 34.33 -5.93
C SER D 297 -3.23 33.61 -7.19
N SER D 298 -2.01 33.91 -7.63
CA SER D 298 -1.47 33.37 -8.87
C SER D 298 -0.73 32.05 -8.67
N SER D 299 -0.89 31.42 -7.50
CA SER D 299 -0.29 30.14 -7.11
C SER D 299 1.23 30.15 -7.11
N GLU D 300 1.85 31.32 -7.17
CA GLU D 300 3.29 31.45 -7.09
C GLU D 300 3.72 32.13 -5.80
N THR D 301 2.80 32.30 -4.87
CA THR D 301 3.07 33.02 -3.64
C THR D 301 3.80 32.11 -2.65
N PRO D 302 4.14 32.63 -1.47
CA PRO D 302 4.84 31.81 -0.47
C PRO D 302 3.99 30.68 0.07
N ASN D 303 2.82 31.02 0.62
CA ASN D 303 1.89 30.01 1.09
C ASN D 303 0.48 30.59 0.93
N ARG D 304 -0.13 30.33 -0.22
CA ARG D 304 -1.49 30.79 -0.43
C ARG D 304 -2.50 29.93 0.29
N HIS D 305 -2.14 28.71 0.66
CA HIS D 305 -3.08 27.78 1.24
C HIS D 305 -3.11 27.86 2.76
N ASP D 306 -2.12 28.50 3.37
CA ASP D 306 -2.03 28.54 4.81
C ASP D 306 -2.51 29.85 5.41
N MET D 307 -2.72 30.89 4.59
CA MET D 307 -3.14 32.17 5.12
C MET D 307 -4.57 32.16 5.61
N LEU D 308 -5.39 31.22 5.15
CA LEU D 308 -6.77 31.14 5.60
C LEU D 308 -6.91 30.43 6.94
N LEU D 309 -5.81 30.06 7.59
CA LEU D 309 -5.85 29.47 8.91
C LEU D 309 -5.62 30.48 10.01
N VAL D 310 -5.44 31.75 9.66
CA VAL D 310 -5.30 32.80 10.67
C VAL D 310 -6.68 33.07 11.26
N GLU D 311 -6.74 33.14 12.59
CA GLU D 311 -7.93 33.13 13.43
C GLU D 311 -9.12 34.02 13.03
N PRO D 312 -8.94 35.22 12.45
CA PRO D 312 -10.14 35.90 11.95
C PRO D 312 -10.68 35.28 10.66
N LEU D 313 -9.79 34.81 9.79
CA LEU D 313 -10.22 34.42 8.45
C LEU D 313 -10.89 33.06 8.46
N ASN D 314 -10.48 32.16 9.35
CA ASN D 314 -10.98 30.80 9.28
C ASN D 314 -12.39 30.71 9.81
N ARG D 315 -12.67 31.38 10.93
CA ARG D 315 -14.02 31.33 11.48
C ARG D 315 -15.00 32.21 10.70
N LEU D 316 -14.51 33.20 9.97
CA LEU D 316 -15.41 34.02 9.17
C LEU D 316 -15.92 33.27 7.96
N LEU D 317 -15.04 32.53 7.28
CA LEU D 317 -15.45 31.70 6.16
C LEU D 317 -16.34 30.57 6.63
N GLN D 318 -16.13 30.09 7.84
CA GLN D 318 -17.08 29.15 8.43
C GLN D 318 -18.40 29.86 8.74
N ASP D 319 -18.35 31.13 9.12
CA ASP D 319 -19.58 31.85 9.41
C ASP D 319 -20.34 32.21 8.15
N LYS D 320 -19.64 32.62 7.10
CA LYS D 320 -20.33 32.89 5.84
C LYS D 320 -20.81 31.62 5.17
N TRP D 321 -20.28 30.46 5.55
CA TRP D 321 -20.76 29.23 4.96
C TRP D 321 -22.08 28.82 5.58
N ASP D 322 -22.08 28.56 6.89
CA ASP D 322 -23.24 27.97 7.54
C ASP D 322 -24.43 28.91 7.61
N ARG D 323 -24.20 30.21 7.49
CA ARG D 323 -25.29 31.17 7.58
C ARG D 323 -25.86 31.56 6.23
N PHE D 324 -25.00 31.74 5.23
CA PHE D 324 -25.42 32.38 4.00
C PHE D 324 -25.30 31.50 2.77
N VAL D 325 -24.13 30.90 2.53
CA VAL D 325 -23.84 30.32 1.22
C VAL D 325 -24.13 28.83 1.15
N LYS D 326 -24.34 28.16 2.28
CA LYS D 326 -24.60 26.72 2.29
C LYS D 326 -25.93 26.39 1.61
N ARG D 327 -26.93 27.26 1.78
CA ARG D 327 -28.20 27.02 1.12
C ARG D 327 -28.12 27.32 -0.36
N ILE D 328 -27.39 28.35 -0.75
CA ILE D 328 -27.35 28.72 -2.16
C ILE D 328 -26.34 27.88 -2.91
N PHE D 329 -25.44 27.18 -2.22
CA PHE D 329 -24.57 26.24 -2.91
C PHE D 329 -25.31 24.95 -3.23
N TYR D 330 -26.09 24.44 -2.28
CA TYR D 330 -26.82 23.20 -2.49
C TYR D 330 -27.90 23.35 -3.54
N PHE D 331 -28.44 24.55 -3.72
CA PHE D 331 -29.37 24.76 -4.81
C PHE D 331 -28.67 24.75 -6.15
N ASN D 332 -27.43 25.23 -6.21
CA ASN D 332 -26.69 25.17 -7.47
C ASN D 332 -26.31 23.74 -7.81
N PHE D 333 -26.02 22.92 -6.81
CA PHE D 333 -25.80 21.51 -7.06
C PHE D 333 -27.10 20.79 -7.41
N PHE D 334 -28.22 21.26 -6.89
CA PHE D 334 -29.49 20.65 -7.24
C PHE D 334 -29.94 21.00 -8.65
N VAL D 335 -29.57 22.19 -9.13
CA VAL D 335 -29.87 22.54 -10.51
C VAL D 335 -29.00 21.74 -11.45
N TYR D 336 -27.70 21.66 -11.16
CA TYR D 336 -26.78 20.98 -12.05
C TYR D 336 -27.00 19.48 -12.05
N CYS D 337 -27.45 18.92 -10.93
CA CYS D 337 -27.84 17.51 -10.95
C CYS D 337 -29.12 17.31 -11.73
N LEU D 338 -30.05 18.25 -11.68
CA LEU D 338 -31.20 18.21 -12.58
C LEU D 338 -30.88 18.73 -13.96
N TYR D 339 -29.69 19.24 -14.19
CA TYR D 339 -29.31 19.55 -15.55
C TYR D 339 -28.81 18.32 -16.29
N MET D 340 -27.98 17.52 -15.63
CA MET D 340 -27.42 16.37 -16.29
C MET D 340 -28.41 15.23 -16.43
N ILE D 341 -29.47 15.19 -15.61
CA ILE D 341 -30.51 14.20 -15.82
C ILE D 341 -31.31 14.54 -17.08
N ILE D 342 -31.61 15.82 -17.28
CA ILE D 342 -32.33 16.24 -18.48
C ILE D 342 -31.45 16.05 -19.71
N PHE D 343 -30.16 16.37 -19.61
CA PHE D 343 -29.28 16.24 -20.77
C PHE D 343 -28.94 14.79 -21.06
N THR D 344 -28.96 13.91 -20.07
CA THR D 344 -28.80 12.49 -20.36
C THR D 344 -30.02 11.94 -21.08
N ALA D 345 -31.20 12.15 -20.52
CA ALA D 345 -32.43 11.61 -21.09
C ALA D 345 -32.80 12.25 -22.42
N ALA D 346 -32.29 13.44 -22.71
CA ALA D 346 -32.48 13.99 -24.04
C ALA D 346 -31.50 13.41 -25.04
N ALA D 347 -30.41 12.82 -24.57
CA ALA D 347 -29.45 12.17 -25.44
C ALA D 347 -29.66 10.66 -25.53
N TYR D 348 -30.16 10.06 -24.45
CA TYR D 348 -30.44 8.63 -24.44
C TYR D 348 -31.53 8.27 -25.45
N TYR D 349 -32.53 9.13 -25.61
CA TYR D 349 -33.62 8.91 -26.55
C TYR D 349 -33.44 9.74 -27.80
N ARG D 350 -32.21 9.87 -28.28
CA ARG D 350 -31.98 10.59 -29.52
C ARG D 350 -32.56 9.80 -30.69
N PRO D 351 -33.03 10.48 -31.73
CA PRO D 351 -33.55 9.75 -32.90
C PRO D 351 -32.43 9.05 -33.65
N VAL D 352 -32.77 7.88 -34.18
CA VAL D 352 -31.76 6.95 -34.69
C VAL D 352 -31.62 7.02 -36.21
N GLU D 353 -32.63 7.53 -36.92
CA GLU D 353 -32.57 7.62 -38.37
C GLU D 353 -31.55 8.67 -38.82
N GLY D 354 -31.16 8.60 -40.08
CA GLY D 354 -30.12 9.46 -40.59
C GLY D 354 -30.59 10.88 -40.86
N LEU D 355 -29.66 11.67 -41.41
CA LEU D 355 -29.84 13.06 -41.86
C LEU D 355 -30.42 13.98 -40.79
N PRO D 356 -29.62 14.43 -39.82
CA PRO D 356 -30.08 15.49 -38.92
C PRO D 356 -30.29 16.78 -39.68
N PRO D 357 -31.19 17.66 -39.19
CA PRO D 357 -32.08 17.58 -38.02
C PRO D 357 -33.32 16.75 -38.30
N TYR D 358 -34.30 16.82 -37.39
CA TYR D 358 -35.38 15.84 -37.38
C TYR D 358 -36.70 16.55 -37.13
N LYS D 359 -37.66 16.32 -38.02
CA LYS D 359 -38.98 16.90 -37.87
C LYS D 359 -39.71 16.19 -36.73
N LEU D 360 -39.97 16.91 -35.65
CA LEU D 360 -40.60 16.33 -34.47
C LEU D 360 -42.06 16.03 -34.76
N LYS D 361 -42.49 14.81 -34.45
CA LYS D 361 -43.86 14.40 -34.66
C LYS D 361 -44.77 15.00 -33.59
N ASN D 362 -46.07 14.76 -33.74
CA ASN D 362 -47.05 15.25 -32.78
C ASN D 362 -47.27 14.30 -31.60
N THR D 363 -46.37 13.33 -31.42
CA THR D 363 -46.55 12.34 -30.36
C THR D 363 -46.24 12.94 -29.00
N VAL D 364 -46.53 12.16 -27.95
CA VAL D 364 -46.25 12.62 -26.60
C VAL D 364 -44.77 12.52 -26.25
N GLY D 365 -44.05 11.60 -26.89
CA GLY D 365 -42.61 11.52 -26.69
C GLY D 365 -41.89 12.73 -27.28
N ASP D 366 -42.30 13.14 -28.47
CA ASP D 366 -41.89 14.44 -28.96
C ASP D 366 -42.66 15.52 -28.20
N TYR D 367 -42.20 16.77 -28.35
CA TYR D 367 -42.55 17.94 -27.55
C TYR D 367 -42.23 17.75 -26.07
N PHE D 368 -41.46 16.74 -25.72
CA PHE D 368 -41.11 16.40 -24.35
C PHE D 368 -39.64 16.06 -24.19
N ARG D 369 -38.95 15.63 -25.24
CA ARG D 369 -37.50 15.59 -25.26
C ARG D 369 -36.90 16.71 -26.08
N VAL D 370 -37.67 17.31 -26.99
CA VAL D 370 -37.17 18.48 -27.69
C VAL D 370 -37.12 19.66 -26.73
N THR D 371 -38.07 19.70 -25.79
CA THR D 371 -37.93 20.61 -24.65
C THR D 371 -36.77 20.18 -23.76
N GLY D 372 -36.46 18.90 -23.71
CA GLY D 372 -35.28 18.45 -23.00
C GLY D 372 -33.99 18.84 -23.70
N GLU D 373 -34.01 18.92 -25.02
CA GLU D 373 -32.82 19.33 -25.74
C GLU D 373 -32.55 20.82 -25.58
N ILE D 374 -33.60 21.64 -25.74
CA ILE D 374 -33.41 23.09 -25.75
C ILE D 374 -33.07 23.60 -24.35
N LEU D 375 -33.42 22.87 -23.30
CA LEU D 375 -32.87 23.19 -21.99
C LEU D 375 -31.41 22.78 -21.90
N SER D 376 -31.05 21.66 -22.50
CA SER D 376 -29.69 21.17 -22.40
C SER D 376 -28.73 21.98 -23.25
N VAL D 377 -29.21 22.52 -24.37
CA VAL D 377 -28.39 23.43 -25.15
C VAL D 377 -28.20 24.74 -24.40
N SER D 378 -29.27 25.22 -23.74
CA SER D 378 -29.21 26.46 -22.98
C SER D 378 -28.27 26.36 -21.79
N GLY D 379 -28.11 25.16 -21.23
CA GLY D 379 -27.10 24.99 -20.20
C GLY D 379 -25.69 25.10 -20.75
N GLY D 380 -25.48 24.62 -21.98
CA GLY D 380 -24.19 24.80 -22.61
C GLY D 380 -23.94 26.24 -22.98
N VAL D 381 -24.99 26.99 -23.29
CA VAL D 381 -24.84 28.42 -23.52
C VAL D 381 -24.53 29.13 -22.22
N TYR D 382 -25.14 28.68 -21.11
CA TYR D 382 -24.95 29.34 -19.82
C TYR D 382 -23.53 29.17 -19.31
N PHE D 383 -23.00 27.95 -19.37
CA PHE D 383 -21.63 27.71 -18.94
C PHE D 383 -20.62 28.31 -19.90
N PHE D 384 -21.04 28.63 -21.11
CA PHE D 384 -20.14 29.31 -22.04
C PHE D 384 -19.98 30.77 -21.65
N PHE D 385 -21.09 31.49 -21.45
CA PHE D 385 -21.00 32.89 -21.07
C PHE D 385 -20.50 33.06 -19.64
N ARG D 386 -20.78 32.09 -18.76
CA ARG D 386 -20.21 32.17 -17.43
C ARG D 386 -18.73 31.83 -17.46
N GLY D 387 -18.29 31.06 -18.45
CA GLY D 387 -16.88 30.77 -18.58
C GLY D 387 -16.09 31.92 -19.17
N ILE D 388 -16.73 32.74 -20.00
CA ILE D 388 -16.06 33.90 -20.56
C ILE D 388 -15.84 34.95 -19.47
N GLN D 389 -16.90 35.26 -18.71
CA GLN D 389 -16.81 36.29 -17.70
C GLN D 389 -15.95 35.89 -16.51
N TYR D 390 -15.57 34.63 -16.40
CA TYR D 390 -14.45 34.28 -15.54
C TYR D 390 -13.16 34.88 -16.08
N PHE D 391 -12.87 34.64 -17.35
CA PHE D 391 -11.63 35.11 -17.95
C PHE D 391 -11.62 36.62 -18.12
N LEU D 392 -12.79 37.22 -18.32
CA LEU D 392 -12.85 38.67 -18.46
C LEU D 392 -12.62 39.40 -17.16
N GLN D 393 -12.70 38.72 -16.01
CA GLN D 393 -12.48 39.37 -14.72
C GLN D 393 -11.10 39.08 -14.14
N ARG D 394 -10.76 37.80 -13.95
CA ARG D 394 -9.53 37.51 -13.22
C ARG D 394 -8.30 37.57 -14.11
N ARG D 395 -8.44 37.16 -15.39
CA ARG D 395 -7.39 37.12 -16.40
C ARG D 395 -6.17 36.35 -15.92
N PRO D 396 -6.24 35.01 -15.87
CA PRO D 396 -5.10 34.23 -15.34
C PRO D 396 -3.83 34.31 -16.19
N SER D 397 -3.96 34.68 -17.47
CA SER D 397 -2.84 35.02 -18.36
C SER D 397 -1.86 33.86 -18.57
N LEU D 398 -2.42 32.74 -19.03
CA LEU D 398 -1.73 31.62 -19.68
C LEU D 398 -0.78 30.84 -18.77
N LYS D 399 -0.61 31.22 -17.51
CA LYS D 399 0.14 30.39 -16.58
C LYS D 399 -0.72 29.97 -15.39
N SER D 400 -1.44 30.90 -14.77
CA SER D 400 -2.43 30.53 -13.77
C SER D 400 -3.65 29.88 -14.38
N LEU D 401 -3.78 29.93 -15.71
CA LEU D 401 -4.85 29.21 -16.40
C LEU D 401 -4.70 27.71 -16.23
N PHE D 402 -3.56 27.16 -16.63
CA PHE D 402 -3.37 25.71 -16.63
C PHE D 402 -2.83 25.18 -15.31
N VAL D 403 -2.73 26.01 -14.27
CA VAL D 403 -2.16 25.60 -13.00
C VAL D 403 -3.13 25.81 -11.84
N ASP D 404 -3.81 26.95 -11.79
CA ASP D 404 -4.64 27.27 -10.63
C ASP D 404 -6.12 27.32 -10.94
N SER D 405 -6.54 26.99 -12.16
CA SER D 405 -7.94 27.12 -12.54
C SER D 405 -8.41 25.90 -13.32
N TYR D 406 -8.15 24.71 -12.79
CA TYR D 406 -8.56 23.48 -13.47
C TYR D 406 -10.07 23.35 -13.55
N SER D 407 -10.79 23.84 -12.55
CA SER D 407 -12.22 23.62 -12.49
C SER D 407 -12.97 24.43 -13.53
N GLU D 408 -12.61 25.68 -13.74
CA GLU D 408 -13.36 26.53 -14.64
C GLU D 408 -13.10 26.22 -16.10
N ILE D 409 -11.93 25.63 -16.40
CA ILE D 409 -11.69 25.15 -17.75
C ILE D 409 -12.61 23.98 -18.07
N LEU D 410 -12.78 23.06 -17.13
CA LEU D 410 -13.56 21.85 -17.40
C LEU D 410 -15.05 22.15 -17.52
N PHE D 411 -15.56 23.17 -16.83
CA PHE D 411 -16.89 23.64 -17.14
C PHE D 411 -16.94 24.29 -18.52
N PHE D 412 -15.85 24.91 -18.95
CA PHE D 412 -15.86 25.62 -20.22
C PHE D 412 -15.74 24.66 -21.39
N VAL D 413 -14.86 23.66 -21.26
CA VAL D 413 -14.66 22.68 -22.33
C VAL D 413 -15.89 21.80 -22.49
N GLN D 414 -16.59 21.52 -21.39
CA GLN D 414 -17.89 20.86 -21.46
C GLN D 414 -18.88 21.66 -22.29
N SER D 415 -19.00 22.96 -22.01
CA SER D 415 -19.87 23.81 -22.78
C SER D 415 -19.35 24.01 -24.20
N LEU D 416 -18.05 23.86 -24.41
CA LEU D 416 -17.50 24.00 -25.76
C LEU D 416 -17.89 22.83 -26.65
N PHE D 417 -17.88 21.60 -26.10
CA PHE D 417 -18.35 20.46 -26.88
C PHE D 417 -19.83 20.54 -27.16
N MET D 418 -20.61 21.10 -26.23
CA MET D 418 -22.05 21.17 -26.43
C MET D 418 -22.41 22.13 -27.55
N LEU D 419 -21.68 23.23 -27.67
CA LEU D 419 -21.97 24.18 -28.73
C LEU D 419 -21.47 23.71 -30.09
N VAL D 420 -20.35 22.99 -30.12
CA VAL D 420 -19.89 22.37 -31.36
C VAL D 420 -20.89 21.31 -31.80
N SER D 421 -21.48 20.59 -30.85
CA SER D 421 -22.50 19.60 -31.17
C SER D 421 -23.81 20.21 -31.65
N VAL D 422 -24.02 21.50 -31.47
CA VAL D 422 -25.16 22.18 -32.07
C VAL D 422 -24.84 22.61 -33.50
N VAL D 423 -23.62 23.11 -33.72
CA VAL D 423 -23.20 23.54 -35.05
C VAL D 423 -23.15 22.36 -36.00
N LEU D 424 -22.65 21.21 -35.54
CA LEU D 424 -22.67 20.02 -36.38
C LEU D 424 -24.07 19.44 -36.53
N TYR D 425 -25.00 19.80 -35.64
CA TYR D 425 -26.35 19.25 -35.75
C TYR D 425 -27.12 19.90 -36.87
N PHE D 426 -27.06 21.23 -36.98
CA PHE D 426 -27.80 21.92 -38.02
C PHE D 426 -27.04 22.00 -39.33
N SER D 427 -25.78 21.58 -39.35
CA SER D 427 -25.04 21.46 -40.61
C SER D 427 -25.19 20.07 -41.22
N GLN D 428 -26.19 19.31 -40.78
CA GLN D 428 -26.63 18.06 -41.41
C GLN D 428 -25.54 16.99 -41.43
N ARG D 429 -24.76 16.90 -40.37
CA ARG D 429 -23.72 15.90 -40.26
C ARG D 429 -23.97 15.03 -39.03
N LYS D 430 -23.76 13.73 -39.18
CA LYS D 430 -24.03 12.79 -38.09
C LYS D 430 -22.97 12.87 -37.00
N GLU D 431 -21.84 13.51 -37.26
CA GLU D 431 -20.78 13.60 -36.27
C GLU D 431 -21.10 14.53 -35.11
N TYR D 432 -22.33 15.05 -34.95
CA TYR D 432 -22.64 15.83 -33.77
C TYR D 432 -22.67 14.93 -32.53
N VAL D 433 -22.98 13.65 -32.73
CA VAL D 433 -23.11 12.73 -31.61
C VAL D 433 -21.75 12.39 -31.03
N ALA D 434 -20.67 12.67 -31.75
CA ALA D 434 -19.35 12.59 -31.15
C ALA D 434 -19.17 13.68 -30.09
N SER D 435 -19.44 14.92 -30.46
CA SER D 435 -19.21 16.03 -29.55
C SER D 435 -20.28 16.10 -28.46
N MET D 436 -21.45 15.52 -28.70
CA MET D 436 -22.44 15.42 -27.64
C MET D 436 -21.98 14.48 -26.54
N VAL D 437 -21.36 13.37 -26.93
CA VAL D 437 -20.91 12.37 -25.96
C VAL D 437 -19.78 12.92 -25.11
N PHE D 438 -18.80 13.58 -25.73
CA PHE D 438 -17.76 14.23 -24.95
C PHE D 438 -18.29 15.40 -24.14
N SER D 439 -19.43 15.97 -24.51
CA SER D 439 -20.07 16.93 -23.64
C SER D 439 -20.85 16.27 -22.53
N LEU D 440 -21.16 14.99 -22.66
CA LEU D 440 -21.89 14.25 -21.65
C LEU D 440 -21.00 13.45 -20.74
N ALA D 441 -19.91 12.92 -21.28
CA ALA D 441 -18.92 12.26 -20.44
C ALA D 441 -18.20 13.25 -19.56
N MET D 442 -17.94 14.45 -20.08
CA MET D 442 -17.30 15.49 -19.28
C MET D 442 -18.23 15.98 -18.20
N GLY D 443 -19.52 16.07 -18.51
CA GLY D 443 -20.45 16.72 -17.61
C GLY D 443 -20.70 15.96 -16.33
N TRP D 444 -20.64 14.63 -16.38
CA TRP D 444 -20.77 13.87 -15.14
C TRP D 444 -19.49 13.87 -14.34
N THR D 445 -18.33 13.88 -15.00
CA THR D 445 -17.09 14.02 -14.27
C THR D 445 -16.94 15.39 -13.66
N ASN D 446 -17.61 16.40 -14.20
CA ASN D 446 -17.63 17.72 -13.59
C ASN D 446 -18.52 17.80 -12.37
N MET D 447 -19.27 16.75 -12.06
CA MET D 447 -20.10 16.76 -10.86
C MET D 447 -19.25 16.54 -9.61
N LEU D 448 -17.98 16.18 -9.77
CA LEU D 448 -17.06 16.17 -8.64
C LEU D 448 -16.67 17.57 -8.19
N TYR D 449 -17.00 18.60 -8.96
CA TYR D 449 -16.81 19.97 -8.49
C TYR D 449 -17.61 20.25 -7.24
N TYR D 450 -18.80 19.71 -7.16
CA TYR D 450 -19.66 20.00 -6.03
C TYR D 450 -19.38 19.14 -4.81
N THR D 451 -18.32 18.34 -4.83
CA THR D 451 -17.92 17.62 -3.63
C THR D 451 -17.33 18.55 -2.59
N ARG D 452 -16.83 19.72 -2.99
CA ARG D 452 -16.54 20.75 -2.01
C ARG D 452 -17.84 21.23 -1.40
N GLY D 453 -17.76 21.72 -0.17
CA GLY D 453 -18.96 21.87 0.62
C GLY D 453 -19.39 20.61 1.32
N PHE D 454 -18.65 19.53 1.13
CA PHE D 454 -18.79 18.31 1.93
C PHE D 454 -17.38 17.93 2.33
N GLN D 455 -17.09 18.00 3.63
CA GLN D 455 -15.71 18.04 4.09
C GLN D 455 -14.97 16.74 3.84
N GLN D 456 -15.60 15.61 4.13
CA GLN D 456 -14.94 14.34 3.87
C GLN D 456 -14.87 14.03 2.38
N MET D 457 -15.83 14.52 1.61
CA MET D 457 -15.79 14.31 0.17
C MET D 457 -14.89 15.32 -0.52
N GLY D 458 -14.86 16.55 -0.02
CA GLY D 458 -14.10 17.59 -0.68
C GLY D 458 -12.60 17.39 -0.56
N ILE D 459 -12.14 16.91 0.60
CA ILE D 459 -10.73 16.58 0.75
C ILE D 459 -10.39 15.36 -0.09
N TYR D 460 -11.35 14.47 -0.28
CA TYR D 460 -11.13 13.32 -1.15
C TYR D 460 -10.96 13.72 -2.60
N ALA D 461 -11.74 14.68 -3.09
CA ALA D 461 -11.61 15.09 -4.47
C ALA D 461 -10.39 15.97 -4.71
N VAL D 462 -9.84 16.57 -3.67
CA VAL D 462 -8.55 17.25 -3.83
C VAL D 462 -7.46 16.22 -4.02
N MET D 463 -7.54 15.09 -3.33
CA MET D 463 -6.55 14.05 -3.49
C MET D 463 -6.60 13.40 -4.86
N ILE D 464 -7.77 13.37 -5.51
CA ILE D 464 -7.86 12.87 -6.87
C ILE D 464 -7.11 13.80 -7.82
N GLU D 465 -7.18 15.10 -7.57
CA GLU D 465 -6.39 16.06 -8.33
C GLU D 465 -4.90 15.84 -8.14
N LYS D 466 -4.48 15.46 -6.94
CA LYS D 466 -3.05 15.28 -6.72
C LYS D 466 -2.54 13.99 -7.33
N MET D 467 -3.39 12.97 -7.46
CA MET D 467 -2.92 11.74 -8.06
C MET D 467 -2.80 11.86 -9.57
N ILE D 468 -3.62 12.72 -10.18
CA ILE D 468 -3.49 12.95 -11.61
C ILE D 468 -2.22 13.75 -11.90
N LEU D 469 -1.99 14.80 -11.14
CA LEU D 469 -0.93 15.74 -11.47
C LEU D 469 0.44 15.28 -10.99
N ARG D 470 0.50 14.34 -10.05
CA ARG D 470 1.78 13.89 -9.54
C ARG D 470 2.07 12.42 -9.74
N ASP D 471 1.07 11.60 -10.06
CA ASP D 471 1.33 10.19 -10.32
C ASP D 471 1.03 9.80 -11.76
N LEU D 472 -0.14 10.14 -12.30
CA LEU D 472 -0.36 9.85 -13.70
C LEU D 472 0.40 10.82 -14.61
N CYS D 473 0.91 11.92 -14.08
CA CYS D 473 1.90 12.67 -14.84
C CYS D 473 3.20 11.89 -14.95
N ARG D 474 3.50 11.07 -13.95
CA ARG D 474 4.75 10.33 -13.93
C ARG D 474 4.59 8.86 -14.30
N PHE D 475 3.40 8.30 -14.15
CA PHE D 475 3.16 6.94 -14.59
C PHE D 475 2.90 6.87 -16.08
N MET D 476 1.98 7.69 -16.58
CA MET D 476 1.56 7.57 -17.96
C MET D 476 2.62 8.04 -18.94
N PHE D 477 3.67 8.73 -18.48
CA PHE D 477 4.80 8.92 -19.37
C PHE D 477 5.57 7.63 -19.53
N VAL D 478 5.93 7.00 -18.40
CA VAL D 478 6.78 5.83 -18.44
C VAL D 478 6.02 4.62 -18.97
N TYR D 479 4.73 4.53 -18.65
CA TYR D 479 3.91 3.42 -19.13
C TYR D 479 3.76 3.45 -20.64
N LEU D 480 3.51 4.62 -21.21
CA LEU D 480 3.37 4.69 -22.66
C LEU D 480 4.69 4.53 -23.39
N VAL D 481 5.82 4.70 -22.71
CA VAL D 481 7.10 4.37 -23.33
C VAL D 481 7.25 2.86 -23.46
N PHE D 482 6.96 2.12 -22.39
CA PHE D 482 6.99 0.67 -22.46
C PHE D 482 5.90 0.12 -23.37
N LEU D 483 4.74 0.77 -23.39
CA LEU D 483 3.63 0.29 -24.21
C LEU D 483 3.93 0.47 -25.69
N PHE D 484 4.22 1.71 -26.10
CA PHE D 484 4.58 1.96 -27.48
C PHE D 484 5.92 1.36 -27.84
N GLY D 485 6.79 1.12 -26.87
CA GLY D 485 8.04 0.48 -27.15
C GLY D 485 7.89 -0.97 -27.55
N PHE D 486 7.23 -1.76 -26.73
CA PHE D 486 7.12 -3.18 -27.03
C PHE D 486 6.09 -3.47 -28.09
N SER D 487 5.07 -2.61 -28.27
CA SER D 487 4.11 -2.84 -29.34
C SER D 487 4.73 -2.64 -30.70
N THR D 488 5.64 -1.69 -30.83
CA THR D 488 6.42 -1.61 -32.06
C THR D 488 7.41 -2.76 -32.18
N ALA D 489 7.74 -3.43 -31.08
CA ALA D 489 8.59 -4.60 -31.18
C ALA D 489 7.78 -5.85 -31.51
N VAL D 490 6.48 -5.84 -31.22
CA VAL D 490 5.66 -7.00 -31.54
C VAL D 490 5.17 -6.96 -32.99
N VAL D 491 4.93 -5.77 -33.54
CA VAL D 491 4.48 -5.66 -34.94
C VAL D 491 5.55 -6.18 -35.89
N THR D 492 6.77 -5.71 -35.73
CA THR D 492 7.85 -6.04 -36.66
C THR D 492 8.22 -7.51 -36.61
N LEU D 493 7.86 -8.21 -35.55
CA LEU D 493 7.96 -9.66 -35.52
C LEU D 493 6.79 -10.35 -36.20
N ILE D 494 5.58 -9.80 -36.06
CA ILE D 494 4.40 -10.37 -36.68
C ILE D 494 4.47 -10.18 -38.19
N GLU D 495 4.39 -11.28 -38.93
CA GLU D 495 4.57 -11.25 -40.37
C GLU D 495 3.35 -10.61 -41.05
N ASP D 496 2.20 -11.24 -40.93
CA ASP D 496 0.98 -10.72 -41.52
C ASP D 496 -0.21 -11.28 -40.76
N GLY D 497 -1.37 -10.68 -40.98
CA GLY D 497 -2.59 -11.15 -40.34
C GLY D 497 -3.42 -9.98 -39.81
N LYS D 498 -4.26 -10.30 -38.83
CA LYS D 498 -5.17 -9.31 -38.27
C LYS D 498 -4.44 -8.29 -37.42
N TYR D 499 -3.49 -8.75 -36.62
CA TYR D 499 -2.76 -7.88 -35.70
C TYR D 499 -1.50 -7.31 -36.32
N ASN D 500 -1.46 -7.16 -37.65
CA ASN D 500 -0.25 -6.66 -38.29
C ASN D 500 -0.11 -5.16 -38.12
N SER D 501 -1.21 -4.46 -37.85
CA SER D 501 -1.10 -3.01 -37.71
C SER D 501 -0.57 -2.66 -36.32
N LEU D 502 -0.15 -1.41 -36.17
CA LEU D 502 0.32 -0.94 -34.88
C LEU D 502 -0.83 -0.74 -33.92
N TYR D 503 -2.00 -0.36 -34.43
CA TYR D 503 -3.13 -0.10 -33.57
C TYR D 503 -3.73 -1.38 -33.01
N SER D 504 -3.78 -2.44 -33.81
CA SER D 504 -4.49 -3.64 -33.38
C SER D 504 -3.73 -4.39 -32.30
N THR D 505 -2.42 -4.21 -32.21
CA THR D 505 -1.67 -4.86 -31.15
C THR D 505 -1.33 -3.93 -30.00
N CYS D 506 -1.51 -2.63 -30.17
CA CYS D 506 -1.34 -1.75 -29.02
C CYS D 506 -2.51 -1.88 -28.07
N LEU D 507 -3.68 -2.28 -28.56
CA LEU D 507 -4.74 -2.71 -27.68
C LEU D 507 -4.38 -4.01 -26.98
N GLU D 508 -3.79 -4.95 -27.70
CA GLU D 508 -3.56 -6.27 -27.14
C GLU D 508 -2.47 -6.26 -26.08
N LEU D 509 -1.58 -5.28 -26.12
CA LEU D 509 -0.71 -5.06 -24.99
C LEU D 509 -1.32 -4.15 -23.95
N PHE D 510 -2.34 -3.39 -24.28
CA PHE D 510 -3.02 -2.65 -23.24
C PHE D 510 -3.92 -3.54 -22.41
N LYS D 511 -4.38 -4.66 -22.97
CA LYS D 511 -5.25 -5.56 -22.25
C LYS D 511 -4.54 -6.29 -21.11
N PHE D 512 -3.21 -6.33 -21.11
CA PHE D 512 -2.51 -6.89 -19.97
C PHE D 512 -2.63 -5.98 -18.75
N THR D 513 -2.73 -4.68 -18.97
CA THR D 513 -2.89 -3.75 -17.85
C THR D 513 -4.27 -3.89 -17.23
N ILE D 514 -5.29 -4.12 -18.05
CA ILE D 514 -6.65 -4.29 -17.56
C ILE D 514 -6.76 -5.58 -16.75
N GLY D 515 -6.28 -6.68 -17.32
CA GLY D 515 -6.45 -7.97 -16.69
C GLY D 515 -7.09 -8.92 -17.67
N MET D 516 -6.99 -8.58 -18.95
CA MET D 516 -7.52 -9.39 -20.03
C MET D 516 -6.45 -9.67 -21.07
N GLY D 517 -5.20 -9.75 -20.62
CA GLY D 517 -4.11 -9.95 -21.54
C GLY D 517 -4.04 -11.39 -22.02
N ASP D 518 -3.92 -11.55 -23.33
CA ASP D 518 -3.89 -12.85 -23.98
C ASP D 518 -2.46 -13.09 -24.42
N LEU D 519 -1.83 -14.14 -23.87
CA LEU D 519 -0.45 -14.44 -24.26
C LEU D 519 -0.37 -15.00 -25.67
N GLU D 520 -1.26 -15.92 -26.02
CA GLU D 520 -1.28 -16.48 -27.36
C GLU D 520 -2.34 -15.79 -28.21
N PHE D 521 -2.18 -14.48 -28.43
CA PHE D 521 -3.21 -13.77 -29.18
C PHE D 521 -3.00 -13.85 -30.68
N THR D 522 -1.87 -14.39 -31.14
CA THR D 522 -1.66 -14.61 -32.55
C THR D 522 -0.70 -15.77 -32.73
N GLU D 523 -0.77 -16.38 -33.90
CA GLU D 523 0.11 -17.49 -34.25
C GLU D 523 0.87 -17.28 -35.53
N ASN D 524 0.46 -16.33 -36.37
CA ASN D 524 1.05 -16.15 -37.70
C ASN D 524 2.25 -15.22 -37.61
N TYR D 525 3.39 -15.82 -37.30
CA TYR D 525 4.68 -15.17 -37.25
C TYR D 525 5.76 -16.23 -37.40
N ASP D 526 6.98 -15.86 -37.04
CA ASP D 526 8.06 -16.81 -36.85
C ASP D 526 8.71 -16.51 -35.51
N PHE D 527 9.48 -17.49 -35.03
CA PHE D 527 10.28 -17.40 -33.80
C PHE D 527 9.41 -17.15 -32.57
N LYS D 528 8.64 -18.18 -32.23
CA LYS D 528 7.78 -18.16 -31.05
C LYS D 528 8.54 -17.86 -29.77
N ALA D 529 9.80 -18.30 -29.68
CA ALA D 529 10.61 -17.98 -28.51
C ALA D 529 10.87 -16.49 -28.39
N VAL D 530 10.98 -15.79 -29.51
CA VAL D 530 11.14 -14.34 -29.44
C VAL D 530 9.84 -13.68 -29.03
N PHE D 531 8.72 -14.20 -29.52
CA PHE D 531 7.43 -13.54 -29.33
C PHE D 531 6.97 -13.61 -27.89
N ILE D 532 7.39 -14.61 -27.14
CA ILE D 532 6.89 -14.72 -25.78
C ILE D 532 7.92 -14.26 -24.76
N ILE D 533 9.17 -14.06 -25.17
CA ILE D 533 10.09 -13.30 -24.32
C ILE D 533 9.65 -11.85 -24.26
N LEU D 534 9.20 -11.30 -25.39
CA LEU D 534 8.72 -9.92 -25.42
C LEU D 534 7.49 -9.71 -24.56
N LEU D 535 6.55 -10.65 -24.58
CA LEU D 535 5.36 -10.50 -23.76
C LEU D 535 5.68 -10.68 -22.29
N LEU D 536 6.53 -11.65 -21.96
CA LEU D 536 6.96 -11.80 -20.58
C LEU D 536 7.81 -10.62 -20.14
N ALA D 537 8.66 -10.07 -21.01
CA ALA D 537 9.36 -8.86 -20.63
C ALA D 537 8.42 -7.65 -20.57
N TYR D 538 7.27 -7.72 -21.21
CA TYR D 538 6.27 -6.68 -21.02
C TYR D 538 5.59 -6.84 -19.67
N VAL D 539 5.09 -8.05 -19.38
CA VAL D 539 4.29 -8.30 -18.19
C VAL D 539 5.12 -8.13 -16.92
N ILE D 540 6.38 -8.56 -16.93
CA ILE D 540 7.25 -8.37 -15.78
C ILE D 540 7.53 -6.88 -15.57
N LEU D 541 7.78 -6.16 -16.65
CA LEU D 541 8.16 -4.75 -16.51
C LEU D 541 6.98 -3.86 -16.20
N THR D 542 5.82 -4.10 -16.82
CA THR D 542 4.80 -3.06 -16.71
C THR D 542 3.58 -3.53 -15.93
N TYR D 543 3.46 -4.82 -15.64
CA TYR D 543 2.28 -5.25 -14.91
C TYR D 543 2.60 -5.62 -13.47
N ILE D 544 3.62 -6.42 -13.23
CA ILE D 544 3.93 -6.77 -11.85
C ILE D 544 5.01 -5.86 -11.31
N LEU D 545 5.39 -4.83 -12.07
CA LEU D 545 6.21 -3.77 -11.51
C LEU D 545 5.48 -2.43 -11.50
N LEU D 546 5.09 -1.89 -12.64
CA LEU D 546 4.66 -0.49 -12.69
C LEU D 546 3.29 -0.28 -12.08
N LEU D 547 2.36 -1.21 -12.26
CA LEU D 547 1.09 -1.05 -11.57
C LEU D 547 1.24 -1.32 -10.08
N ASN D 548 2.14 -2.20 -9.68
CA ASN D 548 2.37 -2.43 -8.27
C ASN D 548 3.29 -1.38 -7.67
N MET D 549 3.96 -0.59 -8.49
CA MET D 549 4.72 0.55 -8.00
C MET D 549 3.87 1.80 -7.89
N LEU D 550 2.87 1.94 -8.75
CA LEU D 550 1.95 3.06 -8.68
C LEU D 550 1.15 3.04 -7.40
N ILE D 551 0.79 1.84 -6.93
CA ILE D 551 0.05 1.73 -5.68
C ILE D 551 0.93 2.14 -4.50
N ALA D 552 2.22 1.81 -4.58
CA ALA D 552 3.13 2.20 -3.52
C ALA D 552 3.41 3.69 -3.53
N LEU D 553 3.49 4.30 -4.71
CA LEU D 553 3.74 5.73 -4.77
C LEU D 553 2.51 6.54 -4.42
N MET D 554 1.32 6.03 -4.73
CA MET D 554 0.12 6.65 -4.18
C MET D 554 0.06 6.49 -2.68
N GLY D 555 0.61 5.39 -2.15
CA GLY D 555 0.64 5.20 -0.72
C GLY D 555 1.56 6.14 0.01
N GLU D 556 2.53 6.73 -0.68
CA GLU D 556 3.39 7.71 -0.05
C GLU D 556 2.87 9.12 -0.19
N THR D 557 2.18 9.45 -1.28
CA THR D 557 1.64 10.78 -1.46
C THR D 557 0.32 10.97 -0.72
N VAL D 558 -0.23 9.92 -0.13
CA VAL D 558 -1.34 10.14 0.79
C VAL D 558 -0.83 10.63 2.13
N ASN D 559 0.20 9.97 2.67
CA ASN D 559 0.79 10.39 3.93
C ASN D 559 1.50 11.74 3.82
N LYS D 560 1.92 12.12 2.62
CA LYS D 560 2.58 13.40 2.43
C LYS D 560 1.57 14.53 2.28
N ILE D 561 0.40 14.25 1.71
CA ILE D 561 -0.57 15.31 1.40
C ILE D 561 -1.79 15.07 2.29
N ALA D 562 -1.56 14.57 3.50
CA ALA D 562 -2.67 14.41 4.43
C ALA D 562 -3.12 15.76 4.99
N GLN D 563 -2.21 16.73 5.06
CA GLN D 563 -2.51 18.04 5.61
C GLN D 563 -2.68 19.10 4.52
N GLU D 564 -1.83 19.04 3.49
CA GLU D 564 -1.88 20.04 2.42
C GLU D 564 -3.16 19.95 1.62
N SER D 565 -3.70 18.75 1.44
CA SER D 565 -4.93 18.60 0.69
C SER D 565 -6.14 19.07 1.46
N LYS D 566 -6.06 19.13 2.79
CA LYS D 566 -7.14 19.72 3.57
C LYS D 566 -7.14 21.24 3.40
N ASN D 567 -5.96 21.85 3.43
CA ASN D 567 -5.88 23.30 3.30
C ASN D 567 -6.24 23.76 1.90
N ILE D 568 -5.99 22.94 0.89
CA ILE D 568 -6.42 23.28 -0.45
C ILE D 568 -7.93 23.18 -0.57
N TRP D 569 -8.56 22.30 0.22
CA TRP D 569 -10.01 22.27 0.25
C TRP D 569 -10.59 23.53 0.89
N LYS D 570 -9.94 24.06 1.92
CA LYS D 570 -10.40 25.30 2.55
C LYS D 570 -10.35 26.46 1.57
N LEU D 571 -9.37 26.45 0.66
CA LEU D 571 -9.30 27.51 -0.32
C LEU D 571 -10.32 27.30 -1.43
N GLN D 572 -10.70 26.05 -1.72
CA GLN D 572 -11.72 25.82 -2.73
C GLN D 572 -13.09 26.22 -2.23
N ARG D 573 -13.36 26.04 -0.95
CA ARG D 573 -14.59 26.58 -0.37
C ARG D 573 -14.56 28.10 -0.37
N ALA D 574 -13.40 28.68 -0.05
CA ALA D 574 -13.27 30.13 0.04
C ALA D 574 -13.50 30.84 -1.28
N ILE D 575 -13.21 30.18 -2.40
CA ILE D 575 -13.52 30.79 -3.69
C ILE D 575 -15.02 30.74 -3.95
N THR D 576 -15.67 29.64 -3.58
CA THR D 576 -17.11 29.52 -3.80
C THR D 576 -17.90 30.46 -2.91
N ILE D 577 -17.37 30.81 -1.74
CA ILE D 577 -18.03 31.80 -0.89
C ILE D 577 -17.94 33.18 -1.53
N LEU D 578 -16.75 33.54 -2.01
CA LEU D 578 -16.57 34.85 -2.61
C LEU D 578 -17.22 34.96 -3.98
N ASP D 579 -17.46 33.83 -4.65
CA ASP D 579 -18.08 33.89 -5.96
C ASP D 579 -19.55 34.25 -5.88
N THR D 580 -20.22 33.89 -4.80
CA THR D 580 -21.65 34.17 -4.71
C THR D 580 -21.92 35.59 -4.25
N GLU D 581 -20.97 36.21 -3.54
CA GLU D 581 -21.14 37.62 -3.19
C GLU D 581 -21.04 38.52 -4.42
N LYS D 582 -20.33 38.09 -5.45
CA LYS D 582 -20.42 38.76 -6.73
C LYS D 582 -21.62 38.29 -7.55
N SER D 583 -22.34 37.26 -7.09
CA SER D 583 -23.53 36.77 -7.77
C SER D 583 -24.81 37.28 -7.11
N PHE D 584 -24.95 37.07 -5.81
CA PHE D 584 -26.09 37.59 -5.06
C PHE D 584 -25.74 38.95 -4.44
N LEU D 585 -25.36 39.88 -5.32
CA LEU D 585 -24.85 41.17 -4.91
C LEU D 585 -25.95 42.20 -4.66
N LYS D 586 -27.14 41.98 -5.23
CA LYS D 586 -28.24 42.94 -5.08
C LYS D 586 -28.73 43.03 -3.64
N CYS D 587 -28.72 41.91 -2.91
CA CYS D 587 -28.98 41.92 -1.47
C CYS D 587 -27.61 41.87 -0.78
N MET D 588 -26.92 43.01 -0.80
CA MET D 588 -25.57 43.10 -0.26
C MET D 588 -25.54 43.26 1.26
N ARG D 589 -26.68 43.46 1.89
CA ARG D 589 -26.70 43.63 3.35
C ARG D 589 -26.45 42.31 4.06
N LYS D 590 -26.98 41.21 3.53
CA LYS D 590 -26.80 39.90 4.14
C LYS D 590 -25.38 39.38 4.00
N ALA D 591 -24.57 39.95 3.10
CA ALA D 591 -23.19 39.53 2.97
C ALA D 591 -22.32 40.03 4.11
N PHE D 592 -22.74 41.10 4.78
CA PHE D 592 -21.97 41.61 5.91
C PHE D 592 -22.11 40.67 7.10
N ARG D 593 -21.03 40.55 7.87
CA ARG D 593 -20.95 39.56 8.92
C ARG D 593 -20.81 40.21 10.29
N SER D 594 -21.60 39.71 11.24
CA SER D 594 -21.41 39.91 12.69
C SER D 594 -21.61 41.36 13.13
N GLY D 595 -22.44 42.12 12.41
CA GLY D 595 -22.83 43.44 12.87
C GLY D 595 -21.77 44.52 12.78
N LYS D 596 -22.19 45.77 12.88
CA LYS D 596 -21.29 46.93 12.83
C LYS D 596 -21.62 47.79 14.04
N LEU D 597 -21.02 47.46 15.19
CA LEU D 597 -21.41 48.10 16.43
C LEU D 597 -20.28 47.98 17.44
N LEU D 598 -20.35 48.85 18.47
CA LEU D 598 -19.38 48.95 19.57
C LEU D 598 -17.97 49.19 19.05
N GLN D 599 -17.84 50.20 18.19
CA GLN D 599 -16.63 50.32 17.38
C GLN D 599 -15.50 50.97 18.16
N VAL D 600 -15.65 52.24 18.51
CA VAL D 600 -14.54 53.06 18.97
C VAL D 600 -14.79 53.41 20.43
N GLY D 601 -14.19 52.66 21.33
CA GLY D 601 -14.20 53.03 22.73
C GLY D 601 -13.13 54.06 22.99
N PHE D 602 -13.54 55.33 23.12
CA PHE D 602 -12.69 56.49 23.35
C PHE D 602 -11.64 56.63 22.24
N THR D 603 -12.15 56.89 21.04
CA THR D 603 -11.26 57.22 19.93
C THR D 603 -10.64 58.59 20.15
N PRO D 604 -9.34 58.75 19.85
CA PRO D 604 -8.69 60.05 20.09
C PRO D 604 -9.12 61.14 19.12
N ASP D 605 -9.62 60.80 17.93
CA ASP D 605 -10.08 61.80 16.99
C ASP D 605 -11.45 62.37 17.35
N GLY D 606 -12.19 61.71 18.23
CA GLY D 606 -13.49 62.17 18.63
C GLY D 606 -14.38 60.99 18.99
N LYS D 607 -15.68 61.23 19.00
CA LYS D 607 -16.68 60.21 19.31
C LYS D 607 -17.16 59.60 18.00
N ASP D 608 -16.62 58.43 17.66
CA ASP D 608 -16.96 57.73 16.43
C ASP D 608 -17.18 56.25 16.72
N ASP D 609 -17.99 55.97 17.74
CA ASP D 609 -18.15 54.62 18.28
C ASP D 609 -19.04 53.71 17.44
N TYR D 610 -19.42 54.12 16.22
CA TYR D 610 -20.15 53.28 15.29
C TYR D 610 -19.43 53.24 13.94
N ARG D 611 -18.11 53.35 13.98
CA ARG D 611 -17.31 53.44 12.76
C ARG D 611 -17.11 52.08 12.10
N TRP D 612 -16.46 51.15 12.80
CA TRP D 612 -16.04 49.90 12.17
C TRP D 612 -16.73 48.70 12.81
N CYS D 613 -16.80 47.62 12.04
CA CYS D 613 -17.50 46.42 12.44
C CYS D 613 -16.64 45.59 13.41
N PHE D 614 -17.14 44.41 13.72
CA PHE D 614 -16.46 43.49 14.63
C PHE D 614 -16.95 42.08 14.36
N ARG D 615 -16.39 41.12 15.08
CA ARG D 615 -16.84 39.74 14.98
C ARG D 615 -16.52 39.02 16.29
N VAL D 616 -17.54 38.45 16.92
CA VAL D 616 -17.41 37.88 18.25
C VAL D 616 -16.88 36.46 18.14
N ASP D 617 -15.91 36.12 18.97
CA ASP D 617 -15.44 34.76 19.14
C ASP D 617 -15.49 34.40 20.64
N GLU D 618 -14.91 33.26 20.98
CA GLU D 618 -14.86 32.81 22.37
C GLU D 618 -13.55 32.10 22.63
N VAL D 619 -13.18 32.00 23.91
CA VAL D 619 -11.91 31.42 24.32
C VAL D 619 -12.16 30.35 25.37
N ASN D 620 -11.07 29.78 25.89
CA ASN D 620 -11.10 28.62 26.76
C ASN D 620 -10.69 28.99 28.18
N TRP D 621 -10.59 27.97 29.03
CA TRP D 621 -10.33 28.11 30.46
C TRP D 621 -8.86 28.32 30.77
N THR D 622 -8.51 28.15 32.05
CA THR D 622 -7.15 28.24 32.59
C THR D 622 -6.54 29.61 32.35
N THR D 623 -7.17 30.61 32.97
CA THR D 623 -6.73 32.02 33.00
C THR D 623 -6.52 32.64 31.63
#